data_1ZMQ
# 
_entry.id   1ZMQ 
# 
_audit_conform.dict_name       mmcif_pdbx.dic 
_audit_conform.dict_version    5.398 
_audit_conform.dict_location   http://mmcif.pdb.org/dictionaries/ascii/mmcif_pdbx.dic 
# 
loop_
_database_2.database_id 
_database_2.database_code 
_database_2.pdbx_database_accession 
_database_2.pdbx_DOI 
PDB   1ZMQ         pdb_00001zmq 10.2210/pdb1zmq/pdb 
RCSB  RCSB032901   ?            ?                   
WWPDB D_1000032901 ?            ?                   
# 
loop_
_pdbx_audit_revision_history.ordinal 
_pdbx_audit_revision_history.data_content_type 
_pdbx_audit_revision_history.major_revision 
_pdbx_audit_revision_history.minor_revision 
_pdbx_audit_revision_history.revision_date 
1 'Structure model' 1 0 2006-05-30 
2 'Structure model' 1 1 2008-04-30 
3 'Structure model' 1 2 2011-07-13 
4 'Structure model' 1 3 2011-11-16 
5 'Structure model' 1 4 2017-10-11 
6 'Structure model' 1 5 2024-04-03 
7 'Structure model' 1 6 2024-10-30 
# 
_pdbx_audit_revision_details.ordinal             1 
_pdbx_audit_revision_details.revision_ordinal    1 
_pdbx_audit_revision_details.data_content_type   'Structure model' 
_pdbx_audit_revision_details.provider            repository 
_pdbx_audit_revision_details.type                'Initial release' 
_pdbx_audit_revision_details.description         ? 
_pdbx_audit_revision_details.details             ? 
# 
loop_
_pdbx_audit_revision_group.ordinal 
_pdbx_audit_revision_group.revision_ordinal 
_pdbx_audit_revision_group.data_content_type 
_pdbx_audit_revision_group.group 
1  2 'Structure model' 'Version format compliance' 
2  3 'Structure model' Advisory                    
3  3 'Structure model' 'Version format compliance' 
4  4 'Structure model' 'Atomic model'              
5  5 'Structure model' 'Refinement description'    
6  6 'Structure model' Advisory                    
7  6 'Structure model' 'Data collection'           
8  6 'Structure model' 'Database references'       
9  6 'Structure model' 'Derived calculations'      
10 6 'Structure model' 'Refinement description'    
11 7 'Structure model' 'Structure summary'         
# 
loop_
_pdbx_audit_revision_category.ordinal 
_pdbx_audit_revision_category.revision_ordinal 
_pdbx_audit_revision_category.data_content_type 
_pdbx_audit_revision_category.category 
1 5 'Structure model' software                      
2 6 'Structure model' chem_comp_atom                
3 6 'Structure model' chem_comp_bond                
4 6 'Structure model' database_2                    
5 6 'Structure model' pdbx_database_remark          
6 6 'Structure model' pdbx_initial_refinement_model 
7 6 'Structure model' struct_site                   
8 7 'Structure model' pdbx_entry_details            
9 7 'Structure model' pdbx_modification_feature     
# 
loop_
_pdbx_audit_revision_item.ordinal 
_pdbx_audit_revision_item.revision_ordinal 
_pdbx_audit_revision_item.data_content_type 
_pdbx_audit_revision_item.item 
1 5 'Structure model' '_software.classification'            
2 5 'Structure model' '_software.name'                      
3 6 'Structure model' '_database_2.pdbx_DOI'                
4 6 'Structure model' '_database_2.pdbx_database_accession' 
5 6 'Structure model' '_pdbx_database_remark.text'          
6 6 'Structure model' '_struct_site.pdbx_auth_asym_id'      
7 6 'Structure model' '_struct_site.pdbx_auth_comp_id'      
8 6 'Structure model' '_struct_site.pdbx_auth_seq_id'       
# 
_pdbx_database_status.status_code                     REL 
_pdbx_database_status.entry_id                        1ZMQ 
_pdbx_database_status.recvd_initial_deposition_date   2005-05-10 
_pdbx_database_status.deposit_site                    RCSB 
_pdbx_database_status.process_site                    RCSB 
_pdbx_database_status.status_code_sf                  REL 
_pdbx_database_status.status_code_mr                  ? 
_pdbx_database_status.SG_entry                        ? 
_pdbx_database_status.pdb_format_compatible           Y 
_pdbx_database_status.status_code_cs                  ? 
_pdbx_database_status.methods_development_category    ? 
_pdbx_database_status.status_code_nmr_data            ? 
# 
loop_
_pdbx_database_related.db_name 
_pdbx_database_related.db_id 
_pdbx_database_related.details 
_pdbx_database_related.content_type 
PDB 1DFN 'CRYSTAL STRUCTURE OF RELATED HUMAN ALPHA-DEFENSIN' unspecified 
PDB 1ZMH .                                                   unspecified 
PDB 1ZMI .                                                   unspecified 
PDB 1ZMK .                                                   unspecified 
PDB 1ZMM .                                                   unspecified 
PDB 1ZMP .                                                   unspecified 
# 
loop_
_audit_author.name 
_audit_author.pdbx_ordinal 
'Lubkowski, J.' 1 
'Szyk, A.'      2 
'Lu, W.'        3 
# 
_citation.id                        primary 
_citation.title                     'Crystal structures of human {alpha}-defensins HNP4, HD5, and HD6.' 
_citation.journal_abbrev            'Protein Sci.' 
_citation.journal_volume            15 
_citation.page_first                2749 
_citation.page_last                 2760 
_citation.year                      2006 
_citation.journal_id_ASTM           PRCIEI 
_citation.country                   US 
_citation.journal_id_ISSN           0961-8368 
_citation.journal_id_CSD            0795 
_citation.book_publisher            ? 
_citation.pdbx_database_id_PubMed   17088326 
_citation.pdbx_database_id_DOI      10.1110/ps.062336606 
# 
loop_
_citation_author.citation_id 
_citation_author.name 
_citation_author.ordinal 
_citation_author.identifier_ORCID 
primary 'Szyk, A.'      1 ? 
primary 'Wu, Z.'        2 ? 
primary 'Tucker, K.'    3 ? 
primary 'Yang, D.'      4 ? 
primary 'Lu, W.'        5 ? 
primary 'Lubkowski, J.' 6 ? 
# 
loop_
_entity.id 
_entity.type 
_entity.src_method 
_entity.pdbx_description 
_entity.formula_weight 
_entity.pdbx_number_of_molecules 
_entity.pdbx_ec 
_entity.pdbx_mutation 
_entity.pdbx_fragment 
_entity.details 
1 polymer     man 'Defensin 6'   3719.304 4   ? ? ? ? 
2 non-polymer syn 'CHLORIDE ION' 35.453   8   ? ? ? ? 
3 water       nat water          18.015   192 ? ? ? ? 
# 
_entity_name_com.entity_id   1 
_entity_name_com.name        'Defensin, alpha 6' 
# 
_entity_poly.entity_id                      1 
_entity_poly.type                           'polypeptide(L)' 
_entity_poly.nstd_linkage                   no 
_entity_poly.nstd_monomer                   no 
_entity_poly.pdbx_seq_one_letter_code       AFTCHCRRSCYSTEYSYGTCTVMGINHRFCCL 
_entity_poly.pdbx_seq_one_letter_code_can   AFTCHCRRSCYSTEYSYGTCTVMGINHRFCCL 
_entity_poly.pdbx_strand_id                 A,B,C,D 
_entity_poly.pdbx_target_identifier         ? 
# 
loop_
_pdbx_entity_nonpoly.entity_id 
_pdbx_entity_nonpoly.name 
_pdbx_entity_nonpoly.comp_id 
2 'CHLORIDE ION' CL  
3 water          HOH 
# 
loop_
_entity_poly_seq.entity_id 
_entity_poly_seq.num 
_entity_poly_seq.mon_id 
_entity_poly_seq.hetero 
1 1  ALA n 
1 2  PHE n 
1 3  THR n 
1 4  CYS n 
1 5  HIS n 
1 6  CYS n 
1 7  ARG n 
1 8  ARG n 
1 9  SER n 
1 10 CYS n 
1 11 TYR n 
1 12 SER n 
1 13 THR n 
1 14 GLU n 
1 15 TYR n 
1 16 SER n 
1 17 TYR n 
1 18 GLY n 
1 19 THR n 
1 20 CYS n 
1 21 THR n 
1 22 VAL n 
1 23 MET n 
1 24 GLY n 
1 25 ILE n 
1 26 ASN n 
1 27 HIS n 
1 28 ARG n 
1 29 PHE n 
1 30 CYS n 
1 31 CYS n 
1 32 LEU n 
# 
_entity_src_gen.entity_id                          1 
_entity_src_gen.pdbx_src_id                        1 
_entity_src_gen.pdbx_alt_source_flag               sample 
_entity_src_gen.pdbx_seq_type                      ? 
_entity_src_gen.pdbx_beg_seq_num                   ? 
_entity_src_gen.pdbx_end_seq_num                   ? 
_entity_src_gen.gene_src_common_name               human 
_entity_src_gen.gene_src_genus                     Homo 
_entity_src_gen.pdbx_gene_src_gene                 'DEFA6, DEF6' 
_entity_src_gen.gene_src_species                   ? 
_entity_src_gen.gene_src_strain                    ? 
_entity_src_gen.gene_src_tissue                    ? 
_entity_src_gen.gene_src_tissue_fraction           ? 
_entity_src_gen.gene_src_details                   ? 
_entity_src_gen.pdbx_gene_src_fragment             ? 
_entity_src_gen.pdbx_gene_src_scientific_name      'Homo sapiens' 
_entity_src_gen.pdbx_gene_src_ncbi_taxonomy_id     9606 
_entity_src_gen.pdbx_gene_src_variant              ? 
_entity_src_gen.pdbx_gene_src_cell_line            ? 
_entity_src_gen.pdbx_gene_src_atcc                 ? 
_entity_src_gen.pdbx_gene_src_organ                ? 
_entity_src_gen.pdbx_gene_src_organelle            ? 
_entity_src_gen.pdbx_gene_src_cell                 ? 
_entity_src_gen.pdbx_gene_src_cellular_location    ? 
_entity_src_gen.host_org_common_name               ? 
_entity_src_gen.pdbx_host_org_scientific_name      'Escherichia coli' 
_entity_src_gen.pdbx_host_org_ncbi_taxonomy_id     562 
_entity_src_gen.host_org_genus                     Escherichia 
_entity_src_gen.pdbx_host_org_gene                 ? 
_entity_src_gen.pdbx_host_org_organ                ? 
_entity_src_gen.host_org_species                   ? 
_entity_src_gen.pdbx_host_org_tissue               ? 
_entity_src_gen.pdbx_host_org_tissue_fraction      ? 
_entity_src_gen.pdbx_host_org_strain               ? 
_entity_src_gen.pdbx_host_org_variant              ? 
_entity_src_gen.pdbx_host_org_cell_line            ? 
_entity_src_gen.pdbx_host_org_atcc                 ? 
_entity_src_gen.pdbx_host_org_culture_collection   ? 
_entity_src_gen.pdbx_host_org_cell                 ? 
_entity_src_gen.pdbx_host_org_organelle            ? 
_entity_src_gen.pdbx_host_org_cellular_location    ? 
_entity_src_gen.pdbx_host_org_vector_type          ? 
_entity_src_gen.pdbx_host_org_vector               ? 
_entity_src_gen.host_org_details                   ? 
_entity_src_gen.expression_system_id               ? 
_entity_src_gen.plasmid_name                       ? 
_entity_src_gen.plasmid_details                    ? 
_entity_src_gen.pdbx_description                   ? 
# 
loop_
_chem_comp.id 
_chem_comp.type 
_chem_comp.mon_nstd_flag 
_chem_comp.name 
_chem_comp.pdbx_synonyms 
_chem_comp.formula 
_chem_comp.formula_weight 
ALA 'L-peptide linking' y ALANINE         ? 'C3 H7 N O2'     89.093  
ARG 'L-peptide linking' y ARGININE        ? 'C6 H15 N4 O2 1' 175.209 
ASN 'L-peptide linking' y ASPARAGINE      ? 'C4 H8 N2 O3'    132.118 
CL  non-polymer         . 'CHLORIDE ION'  ? 'Cl -1'          35.453  
CYS 'L-peptide linking' y CYSTEINE        ? 'C3 H7 N O2 S'   121.158 
GLU 'L-peptide linking' y 'GLUTAMIC ACID' ? 'C5 H9 N O4'     147.129 
GLY 'peptide linking'   y GLYCINE         ? 'C2 H5 N O2'     75.067  
HIS 'L-peptide linking' y HISTIDINE       ? 'C6 H10 N3 O2 1' 156.162 
HOH non-polymer         . WATER           ? 'H2 O'           18.015  
ILE 'L-peptide linking' y ISOLEUCINE      ? 'C6 H13 N O2'    131.173 
LEU 'L-peptide linking' y LEUCINE         ? 'C6 H13 N O2'    131.173 
MET 'L-peptide linking' y METHIONINE      ? 'C5 H11 N O2 S'  149.211 
PHE 'L-peptide linking' y PHENYLALANINE   ? 'C9 H11 N O2'    165.189 
SER 'L-peptide linking' y SERINE          ? 'C3 H7 N O3'     105.093 
THR 'L-peptide linking' y THREONINE       ? 'C4 H9 N O3'     119.119 
TYR 'L-peptide linking' y TYROSINE        ? 'C9 H11 N O3'    181.189 
VAL 'L-peptide linking' y VALINE          ? 'C5 H11 N O2'    117.146 
# 
loop_
_pdbx_poly_seq_scheme.asym_id 
_pdbx_poly_seq_scheme.entity_id 
_pdbx_poly_seq_scheme.seq_id 
_pdbx_poly_seq_scheme.mon_id 
_pdbx_poly_seq_scheme.ndb_seq_num 
_pdbx_poly_seq_scheme.pdb_seq_num 
_pdbx_poly_seq_scheme.auth_seq_num 
_pdbx_poly_seq_scheme.pdb_mon_id 
_pdbx_poly_seq_scheme.auth_mon_id 
_pdbx_poly_seq_scheme.pdb_strand_id 
_pdbx_poly_seq_scheme.pdb_ins_code 
_pdbx_poly_seq_scheme.hetero 
A 1 1  ALA 1  1  1  ALA ALA A . n 
A 1 2  PHE 2  2  2  PHE PHE A . n 
A 1 3  THR 3  3  3  THR THR A . n 
A 1 4  CYS 4  4  4  CYS CYS A . n 
A 1 5  HIS 5  5  5  HIS HIS A . n 
A 1 6  CYS 6  6  6  CYS CYS A . n 
A 1 7  ARG 7  7  7  ARG ARG A . n 
A 1 8  ARG 8  8  8  ARG ARG A . n 
A 1 9  SER 9  9  9  SER SER A . n 
A 1 10 CYS 10 10 10 CYS CYS A . n 
A 1 11 TYR 11 11 11 TYR TYR A . n 
A 1 12 SER 12 12 12 SER SER A . n 
A 1 13 THR 13 13 13 THR THR A . n 
A 1 14 GLU 14 14 14 GLU GLU A . n 
A 1 15 TYR 15 15 15 TYR TYR A . n 
A 1 16 SER 16 16 16 SER SER A . n 
A 1 17 TYR 17 17 17 TYR TYR A . n 
A 1 18 GLY 18 18 18 GLY GLY A . n 
A 1 19 THR 19 19 19 THR THR A . n 
A 1 20 CYS 20 20 20 CYS CYS A . n 
A 1 21 THR 21 21 21 THR THR A . n 
A 1 22 VAL 22 22 22 VAL VAL A . n 
A 1 23 MET 23 23 23 MET MET A . n 
A 1 24 GLY 24 24 24 GLY GLY A . n 
A 1 25 ILE 25 25 25 ILE ILE A . n 
A 1 26 ASN 26 26 26 ASN ASN A . n 
A 1 27 HIS 27 27 27 HIS HIS A . n 
A 1 28 ARG 28 28 28 ARG ARG A . n 
A 1 29 PHE 29 29 29 PHE PHE A . n 
A 1 30 CYS 30 30 30 CYS CYS A . n 
A 1 31 CYS 31 31 31 CYS CYS A . n 
A 1 32 LEU 32 32 32 LEU LEU A . n 
B 1 1  ALA 1  1  1  ALA ALA B . n 
B 1 2  PHE 2  2  2  PHE PHE B . n 
B 1 3  THR 3  3  3  THR THR B . n 
B 1 4  CYS 4  4  4  CYS CYS B . n 
B 1 5  HIS 5  5  5  HIS HIS B . n 
B 1 6  CYS 6  6  6  CYS CYS B . n 
B 1 7  ARG 7  7  7  ARG ARG B . n 
B 1 8  ARG 8  8  8  ARG ARG B . n 
B 1 9  SER 9  9  9  SER SER B . n 
B 1 10 CYS 10 10 10 CYS CYS B . n 
B 1 11 TYR 11 11 11 TYR TYR B . n 
B 1 12 SER 12 12 12 SER SER B . n 
B 1 13 THR 13 13 13 THR THR B . n 
B 1 14 GLU 14 14 14 GLU GLU B . n 
B 1 15 TYR 15 15 15 TYR TYR B . n 
B 1 16 SER 16 16 16 SER SER B . n 
B 1 17 TYR 17 17 17 TYR TYR B . n 
B 1 18 GLY 18 18 18 GLY GLY B . n 
B 1 19 THR 19 19 19 THR THR B . n 
B 1 20 CYS 20 20 20 CYS CYS B . n 
B 1 21 THR 21 21 21 THR THR B . n 
B 1 22 VAL 22 22 22 VAL VAL B . n 
B 1 23 MET 23 23 23 MET MET B . n 
B 1 24 GLY 24 24 24 GLY GLY B . n 
B 1 25 ILE 25 25 25 ILE ILE B . n 
B 1 26 ASN 26 26 26 ASN ASN B . n 
B 1 27 HIS 27 27 27 HIS HIS B . n 
B 1 28 ARG 28 28 28 ARG ARG B . n 
B 1 29 PHE 29 29 29 PHE PHE B . n 
B 1 30 CYS 30 30 30 CYS CYS B . n 
B 1 31 CYS 31 31 31 CYS CYS B . n 
B 1 32 LEU 32 32 32 LEU LEU B . n 
C 1 1  ALA 1  1  1  ALA ALA C . n 
C 1 2  PHE 2  2  2  PHE PHE C . n 
C 1 3  THR 3  3  3  THR THR C . n 
C 1 4  CYS 4  4  4  CYS CYS C . n 
C 1 5  HIS 5  5  5  HIS HIS C . n 
C 1 6  CYS 6  6  6  CYS CYS C . n 
C 1 7  ARG 7  7  7  ARG ARG C . n 
C 1 8  ARG 8  8  8  ARG ARG C . n 
C 1 9  SER 9  9  9  SER SER C . n 
C 1 10 CYS 10 10 10 CYS CYS C . n 
C 1 11 TYR 11 11 11 TYR TYR C . n 
C 1 12 SER 12 12 12 SER SER C . n 
C 1 13 THR 13 13 13 THR THR C . n 
C 1 14 GLU 14 14 14 GLU GLU C . n 
C 1 15 TYR 15 15 15 TYR TYR C . n 
C 1 16 SER 16 16 16 SER SER C . n 
C 1 17 TYR 17 17 17 TYR TYR C . n 
C 1 18 GLY 18 18 18 GLY GLY C . n 
C 1 19 THR 19 19 19 THR THR C . n 
C 1 20 CYS 20 20 20 CYS CYS C . n 
C 1 21 THR 21 21 21 THR THR C . n 
C 1 22 VAL 22 22 22 VAL VAL C . n 
C 1 23 MET 23 23 23 MET MET C . n 
C 1 24 GLY 24 24 24 GLY GLY C . n 
C 1 25 ILE 25 25 25 ILE ILE C . n 
C 1 26 ASN 26 26 26 ASN ASN C . n 
C 1 27 HIS 27 27 27 HIS HIS C . n 
C 1 28 ARG 28 28 28 ARG ARG C . n 
C 1 29 PHE 29 29 29 PHE PHE C . n 
C 1 30 CYS 30 30 30 CYS CYS C . n 
C 1 31 CYS 31 31 31 CYS CYS C . n 
C 1 32 LEU 32 32 32 LEU LEU C . n 
D 1 1  ALA 1  1  1  ALA ALA D . n 
D 1 2  PHE 2  2  2  PHE PHE D . n 
D 1 3  THR 3  3  3  THR THR D . n 
D 1 4  CYS 4  4  4  CYS CYS D . n 
D 1 5  HIS 5  5  5  HIS HIS D . n 
D 1 6  CYS 6  6  6  CYS CYS D . n 
D 1 7  ARG 7  7  7  ARG ARG D . n 
D 1 8  ARG 8  8  8  ARG ARG D . n 
D 1 9  SER 9  9  9  SER SER D . n 
D 1 10 CYS 10 10 10 CYS CYS D . n 
D 1 11 TYR 11 11 11 TYR TYR D . n 
D 1 12 SER 12 12 12 SER SER D . n 
D 1 13 THR 13 13 13 THR THR D . n 
D 1 14 GLU 14 14 14 GLU GLU D . n 
D 1 15 TYR 15 15 15 TYR TYR D . n 
D 1 16 SER 16 16 16 SER SER D . n 
D 1 17 TYR 17 17 17 TYR TYR D . n 
D 1 18 GLY 18 18 18 GLY GLY D . n 
D 1 19 THR 19 19 19 THR THR D . n 
D 1 20 CYS 20 20 20 CYS CYS D . n 
D 1 21 THR 21 21 21 THR THR D . n 
D 1 22 VAL 22 22 22 VAL VAL D . n 
D 1 23 MET 23 23 23 MET MET D . n 
D 1 24 GLY 24 24 24 GLY GLY D . n 
D 1 25 ILE 25 25 25 ILE ILE D . n 
D 1 26 ASN 26 26 26 ASN ASN D . n 
D 1 27 HIS 27 27 27 HIS HIS D . n 
D 1 28 ARG 28 28 28 ARG ARG D . n 
D 1 29 PHE 29 29 29 PHE PHE D . n 
D 1 30 CYS 30 30 30 CYS CYS D . n 
D 1 31 CYS 31 31 31 CYS CYS D . n 
D 1 32 LEU 32 32 32 LEU LEU D . n 
# 
loop_
_pdbx_nonpoly_scheme.asym_id 
_pdbx_nonpoly_scheme.entity_id 
_pdbx_nonpoly_scheme.mon_id 
_pdbx_nonpoly_scheme.ndb_seq_num 
_pdbx_nonpoly_scheme.pdb_seq_num 
_pdbx_nonpoly_scheme.auth_seq_num 
_pdbx_nonpoly_scheme.pdb_mon_id 
_pdbx_nonpoly_scheme.auth_mon_id 
_pdbx_nonpoly_scheme.pdb_strand_id 
_pdbx_nonpoly_scheme.pdb_ins_code 
E 2 CL  1  501 501 CL  CL  A . 
F 2 CL  1  505 505 CL  CL  A . 
G 2 CL  1  506 506 CL  CL  B . 
H 2 CL  1  502 502 CL  CL  C . 
I 2 CL  1  507 507 CL  CL  C . 
J 2 CL  1  508 508 CL  CL  C . 
K 2 CL  1  503 503 CL  CL  D . 
L 2 CL  1  504 504 CL  CL  D . 
M 3 HOH 1  106 106 HOH HOH A . 
M 3 HOH 2  113 113 HOH HOH A . 
M 3 HOH 3  114 114 HOH HOH A . 
M 3 HOH 4  116 116 HOH HOH A . 
M 3 HOH 5  127 127 HOH HOH A . 
M 3 HOH 6  129 129 HOH HOH A . 
M 3 HOH 7  131 131 HOH HOH A . 
M 3 HOH 8  132 132 HOH HOH A . 
M 3 HOH 9  133 133 HOH HOH A . 
M 3 HOH 10 144 144 HOH HOH A . 
M 3 HOH 11 150 150 HOH HOH A . 
M 3 HOH 12 152 152 HOH HOH A . 
M 3 HOH 13 154 154 HOH HOH A . 
M 3 HOH 14 160 160 HOH HOH A . 
M 3 HOH 15 164 164 HOH HOH A . 
M 3 HOH 16 167 167 HOH HOH A . 
M 3 HOH 17 171 171 HOH HOH A . 
M 3 HOH 18 172 172 HOH HOH A . 
M 3 HOH 19 180 180 HOH HOH A . 
M 3 HOH 20 184 184 HOH HOH A . 
M 3 HOH 21 185 185 HOH HOH A . 
M 3 HOH 22 187 187 HOH HOH A . 
M 3 HOH 23 188 188 HOH HOH A . 
M 3 HOH 24 189 189 HOH HOH A . 
M 3 HOH 25 190 190 HOH HOH A . 
M 3 HOH 26 202 202 HOH HOH A . 
M 3 HOH 27 205 205 HOH HOH A . 
M 3 HOH 28 212 212 HOH HOH A . 
M 3 HOH 29 221 221 HOH HOH A . 
M 3 HOH 30 222 222 HOH HOH A . 
M 3 HOH 31 224 224 HOH HOH A . 
M 3 HOH 32 225 225 HOH HOH A . 
M 3 HOH 33 227 227 HOH HOH A . 
M 3 HOH 34 231 231 HOH HOH A . 
M 3 HOH 35 232 232 HOH HOH A . 
M 3 HOH 36 239 239 HOH HOH A . 
M 3 HOH 37 240 240 HOH HOH A . 
M 3 HOH 38 242 242 HOH HOH A . 
M 3 HOH 39 243 243 HOH HOH A . 
M 3 HOH 40 254 254 HOH HOH A . 
M 3 HOH 41 256 256 HOH HOH A . 
M 3 HOH 42 262 262 HOH HOH A . 
M 3 HOH 43 270 270 HOH HOH A . 
M 3 HOH 44 273 273 HOH HOH A . 
M 3 HOH 45 275 275 HOH HOH A . 
M 3 HOH 46 278 278 HOH HOH A . 
M 3 HOH 47 283 283 HOH HOH A . 
M 3 HOH 48 288 288 HOH HOH A . 
M 3 HOH 49 289 289 HOH HOH A . 
N 3 HOH 1  103 103 HOH HOH B . 
N 3 HOH 2  104 104 HOH HOH B . 
N 3 HOH 3  110 110 HOH HOH B . 
N 3 HOH 4  111 111 HOH HOH B . 
N 3 HOH 5  121 121 HOH HOH B . 
N 3 HOH 6  122 122 HOH HOH B . 
N 3 HOH 7  124 124 HOH HOH B . 
N 3 HOH 8  128 128 HOH HOH B . 
N 3 HOH 9  134 134 HOH HOH B . 
N 3 HOH 10 137 137 HOH HOH B . 
N 3 HOH 11 147 147 HOH HOH B . 
N 3 HOH 12 162 162 HOH HOH B . 
N 3 HOH 13 166 166 HOH HOH B . 
N 3 HOH 14 168 168 HOH HOH B . 
N 3 HOH 15 169 169 HOH HOH B . 
N 3 HOH 16 174 174 HOH HOH B . 
N 3 HOH 17 179 179 HOH HOH B . 
N 3 HOH 18 186 186 HOH HOH B . 
N 3 HOH 19 191 191 HOH HOH B . 
N 3 HOH 20 196 196 HOH HOH B . 
N 3 HOH 21 199 199 HOH HOH B . 
N 3 HOH 22 207 207 HOH HOH B . 
N 3 HOH 23 210 210 HOH HOH B . 
N 3 HOH 24 215 215 HOH HOH B . 
N 3 HOH 25 217 217 HOH HOH B . 
N 3 HOH 26 220 220 HOH HOH B . 
N 3 HOH 27 230 230 HOH HOH B . 
N 3 HOH 28 234 234 HOH HOH B . 
N 3 HOH 29 235 235 HOH HOH B . 
N 3 HOH 30 238 238 HOH HOH B . 
N 3 HOH 31 241 241 HOH HOH B . 
N 3 HOH 32 244 244 HOH HOH B . 
N 3 HOH 33 246 246 HOH HOH B . 
N 3 HOH 34 249 249 HOH HOH B . 
N 3 HOH 35 250 250 HOH HOH B . 
N 3 HOH 36 253 253 HOH HOH B . 
N 3 HOH 37 257 257 HOH HOH B . 
N 3 HOH 38 260 260 HOH HOH B . 
N 3 HOH 39 263 263 HOH HOH B . 
N 3 HOH 40 265 265 HOH HOH B . 
N 3 HOH 41 266 266 HOH HOH B . 
N 3 HOH 42 274 274 HOH HOH B . 
N 3 HOH 43 280 280 HOH HOH B . 
N 3 HOH 44 282 282 HOH HOH B . 
N 3 HOH 45 290 290 HOH HOH B . 
N 3 HOH 46 291 291 HOH HOH B . 
N 3 HOH 47 292 292 HOH HOH B . 
O 3 HOH 1  101 101 HOH HOH C . 
O 3 HOH 2  102 102 HOH HOH C . 
O 3 HOH 3  107 107 HOH HOH C . 
O 3 HOH 4  109 109 HOH HOH C . 
O 3 HOH 5  112 112 HOH HOH C . 
O 3 HOH 6  115 115 HOH HOH C . 
O 3 HOH 7  117 117 HOH HOH C . 
O 3 HOH 8  118 118 HOH HOH C . 
O 3 HOH 9  120 120 HOH HOH C . 
O 3 HOH 10 123 123 HOH HOH C . 
O 3 HOH 11 125 125 HOH HOH C . 
O 3 HOH 12 130 130 HOH HOH C . 
O 3 HOH 13 135 135 HOH HOH C . 
O 3 HOH 14 139 139 HOH HOH C . 
O 3 HOH 15 141 141 HOH HOH C . 
O 3 HOH 16 145 145 HOH HOH C . 
O 3 HOH 17 148 148 HOH HOH C . 
O 3 HOH 18 151 151 HOH HOH C . 
O 3 HOH 19 153 153 HOH HOH C . 
O 3 HOH 20 156 156 HOH HOH C . 
O 3 HOH 21 159 159 HOH HOH C . 
O 3 HOH 22 173 173 HOH HOH C . 
O 3 HOH 23 175 175 HOH HOH C . 
O 3 HOH 24 176 176 HOH HOH C . 
O 3 HOH 25 178 178 HOH HOH C . 
O 3 HOH 26 200 200 HOH HOH C . 
O 3 HOH 27 203 203 HOH HOH C . 
O 3 HOH 28 206 206 HOH HOH C . 
O 3 HOH 29 208 208 HOH HOH C . 
O 3 HOH 30 211 211 HOH HOH C . 
O 3 HOH 31 216 216 HOH HOH C . 
O 3 HOH 32 218 218 HOH HOH C . 
O 3 HOH 33 226 226 HOH HOH C . 
O 3 HOH 34 228 228 HOH HOH C . 
O 3 HOH 35 229 229 HOH HOH C . 
O 3 HOH 36 233 233 HOH HOH C . 
O 3 HOH 37 236 236 HOH HOH C . 
O 3 HOH 38 245 245 HOH HOH C . 
O 3 HOH 39 251 251 HOH HOH C . 
O 3 HOH 40 252 252 HOH HOH C . 
O 3 HOH 41 258 258 HOH HOH C . 
O 3 HOH 42 259 259 HOH HOH C . 
O 3 HOH 43 268 268 HOH HOH C . 
O 3 HOH 44 276 276 HOH HOH C . 
O 3 HOH 45 281 281 HOH HOH C . 
O 3 HOH 46 284 284 HOH HOH C . 
O 3 HOH 47 286 286 HOH HOH C . 
O 3 HOH 48 287 287 HOH HOH C . 
P 3 HOH 1  105 105 HOH HOH D . 
P 3 HOH 2  108 108 HOH HOH D . 
P 3 HOH 3  119 119 HOH HOH D . 
P 3 HOH 4  126 126 HOH HOH D . 
P 3 HOH 5  136 136 HOH HOH D . 
P 3 HOH 6  138 138 HOH HOH D . 
P 3 HOH 7  140 140 HOH HOH D . 
P 3 HOH 8  142 142 HOH HOH D . 
P 3 HOH 9  143 143 HOH HOH D . 
P 3 HOH 10 146 146 HOH HOH D . 
P 3 HOH 11 149 149 HOH HOH D . 
P 3 HOH 12 155 155 HOH HOH D . 
P 3 HOH 13 157 157 HOH HOH D . 
P 3 HOH 14 158 158 HOH HOH D . 
P 3 HOH 15 161 161 HOH HOH D . 
P 3 HOH 16 163 163 HOH HOH D . 
P 3 HOH 17 165 165 HOH HOH D . 
P 3 HOH 18 170 170 HOH HOH D . 
P 3 HOH 19 177 177 HOH HOH D . 
P 3 HOH 20 181 181 HOH HOH D . 
P 3 HOH 21 182 182 HOH HOH D . 
P 3 HOH 22 183 183 HOH HOH D . 
P 3 HOH 23 192 192 HOH HOH D . 
P 3 HOH 24 193 193 HOH HOH D . 
P 3 HOH 25 194 194 HOH HOH D . 
P 3 HOH 26 195 195 HOH HOH D . 
P 3 HOH 27 197 197 HOH HOH D . 
P 3 HOH 28 198 198 HOH HOH D . 
P 3 HOH 29 201 201 HOH HOH D . 
P 3 HOH 30 204 204 HOH HOH D . 
P 3 HOH 31 209 209 HOH HOH D . 
P 3 HOH 32 213 213 HOH HOH D . 
P 3 HOH 33 214 214 HOH HOH D . 
P 3 HOH 34 219 219 HOH HOH D . 
P 3 HOH 35 223 223 HOH HOH D . 
P 3 HOH 36 237 237 HOH HOH D . 
P 3 HOH 37 247 247 HOH HOH D . 
P 3 HOH 38 248 248 HOH HOH D . 
P 3 HOH 39 255 255 HOH HOH D . 
P 3 HOH 40 261 261 HOH HOH D . 
P 3 HOH 41 264 264 HOH HOH D . 
P 3 HOH 42 267 267 HOH HOH D . 
P 3 HOH 43 269 269 HOH HOH D . 
P 3 HOH 44 271 271 HOH HOH D . 
P 3 HOH 45 272 272 HOH HOH D . 
P 3 HOH 46 277 277 HOH HOH D . 
P 3 HOH 47 279 279 HOH HOH D . 
P 3 HOH 48 285 285 HOH HOH D . 
# 
loop_
_software.name 
_software.classification 
_software.version 
_software.citation_id 
_software.pdbx_ordinal 
REFMAC    refinement        5.1.24 ? 1 
MAR345    'data collection' .      ? 2 
SCALEPACK 'data scaling'    .      ? 3 
SHELXD    phasing           .      ? 4 
SHARP     phasing           .      ? 5 
# 
_cell.entry_id           1ZMQ 
_cell.length_a           62.068 
_cell.length_b           62.068 
_cell.length_c           145.297 
_cell.angle_alpha        90.00 
_cell.angle_beta         90.00 
_cell.angle_gamma        90.00 
_cell.Z_PDB              32 
_cell.pdbx_unique_axis   ? 
_cell.length_a_esd       ? 
_cell.length_b_esd       ? 
_cell.length_c_esd       ? 
_cell.angle_alpha_esd    ? 
_cell.angle_beta_esd     ? 
_cell.angle_gamma_esd    ? 
# 
_symmetry.entry_id                         1ZMQ 
_symmetry.space_group_name_H-M             'P 41 21 2' 
_symmetry.pdbx_full_space_group_name_H-M   ? 
_symmetry.cell_setting                     ? 
_symmetry.Int_Tables_number                92 
_symmetry.space_group_name_Hall            ? 
# 
_exptl.entry_id          1ZMQ 
_exptl.method            'X-RAY DIFFRACTION' 
_exptl.crystals_number   1 
# 
_exptl_crystal.id                    1 
_exptl_crystal.density_meas          ? 
_exptl_crystal.density_Matthews      4.70 
_exptl_crystal.density_percent_sol   73.85 
_exptl_crystal.description           ? 
_exptl_crystal.F_000                 ? 
_exptl_crystal.preparation           ? 
# 
_exptl_crystal_grow.crystal_id      1 
_exptl_crystal_grow.method          'VAPOR DIFFUSION, HANGING DROP' 
_exptl_crystal_grow.temp            293 
_exptl_crystal_grow.temp_details    ? 
_exptl_crystal_grow.pH              ? 
_exptl_crystal_grow.pdbx_details    
'sodium acetate trihydrate, 2-Methyl-2,4-pentanediol, calcium chloride dehydrate, VAPOR DIFFUSION, HANGING DROP, temperature 293K' 
_exptl_crystal_grow.pdbx_pH_range   . 
# 
_diffrn.id                     1 
_diffrn.ambient_temp           100 
_diffrn.ambient_temp_details   ? 
_diffrn.crystal_id             1 
# 
_diffrn_detector.diffrn_id              1 
_diffrn_detector.detector               CCD 
_diffrn_detector.type                   MARRESEARCH 
_diffrn_detector.pdbx_collection_date   2004-06-10 
_diffrn_detector.details                ? 
# 
_diffrn_radiation.diffrn_id                        1 
_diffrn_radiation.wavelength_id                    1 
_diffrn_radiation.pdbx_monochromatic_or_laue_m_l   M 
_diffrn_radiation.monochromator                    ? 
_diffrn_radiation.pdbx_diffrn_protocol             'SINGLE WAVELENGTH' 
_diffrn_radiation.pdbx_scattering_type             x-ray 
# 
_diffrn_radiation_wavelength.id           1 
_diffrn_radiation_wavelength.wavelength   0.9200 
_diffrn_radiation_wavelength.wt           1.0 
# 
_diffrn_source.diffrn_id                   1 
_diffrn_source.source                      SYNCHROTRON 
_diffrn_source.type                        'APS BEAMLINE 22-BM' 
_diffrn_source.pdbx_synchrotron_site       APS 
_diffrn_source.pdbx_synchrotron_beamline   22-BM 
_diffrn_source.pdbx_wavelength             ? 
_diffrn_source.pdbx_wavelength_list        0.9200 
# 
_reflns.entry_id                     1ZMQ 
_reflns.observed_criterion_sigma_F   ? 
_reflns.observed_criterion_sigma_I   0.0 
_reflns.d_resolution_high            2.10 
_reflns.d_resolution_low             40.0 
_reflns.number_all                   17013 
_reflns.number_obs                   17013 
_reflns.percent_possible_obs         97.8 
_reflns.pdbx_Rmerge_I_obs            ? 
_reflns.pdbx_Rsym_value              0.078 
_reflns.pdbx_netI_over_sigmaI        14.4 
_reflns.B_iso_Wilson_estimate        ? 
_reflns.pdbx_redundancy              3.6 
_reflns.R_free_details               ? 
_reflns.limit_h_max                  ? 
_reflns.limit_h_min                  ? 
_reflns.limit_k_max                  ? 
_reflns.limit_k_min                  ? 
_reflns.limit_l_max                  ? 
_reflns.limit_l_min                  ? 
_reflns.observed_criterion_F_max     ? 
_reflns.observed_criterion_F_min     ? 
_reflns.pdbx_chi_squared             ? 
_reflns.pdbx_scaling_rejects         ? 
_reflns.pdbx_ordinal                 1 
_reflns.pdbx_diffrn_id               1 
# 
_reflns_shell.d_res_high             2.10 
_reflns_shell.d_res_low              2.18 
_reflns_shell.percent_possible_all   93.9 
_reflns_shell.Rmerge_I_obs           ? 
_reflns_shell.pdbx_Rsym_value        0.445 
_reflns_shell.meanI_over_sigI_obs    2.0 
_reflns_shell.pdbx_redundancy        3.3 
_reflns_shell.percent_possible_obs   ? 
_reflns_shell.number_unique_all      ? 
_reflns_shell.number_measured_all    ? 
_reflns_shell.number_measured_obs    ? 
_reflns_shell.number_unique_obs      ? 
_reflns_shell.pdbx_chi_squared       ? 
_reflns_shell.pdbx_ordinal           1 
_reflns_shell.pdbx_diffrn_id         1 
# 
_refine.entry_id                                 1ZMQ 
_refine.ls_number_reflns_obs                     16138 
_refine.ls_number_reflns_all                     16138 
_refine.pdbx_ls_sigma_I                          ? 
_refine.pdbx_ls_sigma_F                          0.0 
_refine.pdbx_data_cutoff_high_absF               ? 
_refine.pdbx_data_cutoff_low_absF                ? 
_refine.pdbx_data_cutoff_high_rms_absF           ? 
_refine.ls_d_res_low                             15.00 
_refine.ls_d_res_high                            2.10 
_refine.ls_percent_reflns_obs                    98.59 
_refine.ls_R_factor_obs                          0.17757 
_refine.ls_R_factor_all                          0.17757 
_refine.ls_R_factor_R_work                       0.17677 
_refine.ls_R_factor_R_free                       0.19287 
_refine.ls_R_factor_R_free_error                 ? 
_refine.ls_R_factor_R_free_error_details         ? 
_refine.ls_percent_reflns_R_free                 5.1 
_refine.ls_number_reflns_R_free                  863 
_refine.ls_number_parameters                     ? 
_refine.ls_number_restraints                     ? 
_refine.occupancy_min                            ? 
_refine.occupancy_max                            ? 
_refine.correlation_coeff_Fo_to_Fc               0.963 
_refine.correlation_coeff_Fo_to_Fc_free          0.955 
_refine.B_iso_mean                               37.026 
_refine.aniso_B[1][1]                            0.00 
_refine.aniso_B[2][2]                            0.00 
_refine.aniso_B[3][3]                            0.00 
_refine.aniso_B[1][2]                            0.00 
_refine.aniso_B[1][3]                            0.00 
_refine.aniso_B[2][3]                            0.00 
_refine.solvent_model_details                    'BABINET MODEL WITH MASK' 
_refine.solvent_model_param_ksol                 ? 
_refine.solvent_model_param_bsol                 ? 
_refine.pdbx_solvent_vdw_probe_radii             1.40 
_refine.pdbx_solvent_ion_probe_radii             0.80 
_refine.pdbx_solvent_shrinkage_radii             0.80 
_refine.pdbx_ls_cross_valid_method               THROUGHOUT 
_refine.details                                  ? 
_refine.pdbx_starting_model                      'Experimental phases' 
_refine.pdbx_method_to_determine_struct          SAD 
_refine.pdbx_isotropic_thermal_model             ? 
_refine.pdbx_stereochemistry_target_values       'MAXIMUM LIKELIHOOD' 
_refine.pdbx_stereochem_target_val_spec_case     ? 
_refine.pdbx_R_Free_selection_details            RANDOM 
_refine.pdbx_overall_ESU_R                       0.125 
_refine.pdbx_overall_ESU_R_Free                  0.114 
_refine.overall_SU_ML                            0.076 
_refine.overall_SU_B                             3.003 
_refine.ls_redundancy_reflns_obs                 ? 
_refine.B_iso_min                                ? 
_refine.B_iso_max                                ? 
_refine.overall_SU_R_Cruickshank_DPI             ? 
_refine.overall_SU_R_free                        ? 
_refine.ls_wR_factor_R_free                      ? 
_refine.ls_wR_factor_R_work                      ? 
_refine.overall_FOM_free_R_set                   ? 
_refine.overall_FOM_work_R_set                   ? 
_refine.pdbx_refine_id                           'X-RAY DIFFRACTION' 
_refine.pdbx_TLS_residual_ADP_flag               'LIKELY RESIDUAL' 
_refine.pdbx_diffrn_id                           1 
_refine.pdbx_overall_phase_error                 ? 
_refine.pdbx_overall_SU_R_free_Cruickshank_DPI   ? 
_refine.pdbx_overall_SU_R_Blow_DPI               ? 
_refine.pdbx_overall_SU_R_free_Blow_DPI          ? 
# 
_refine_hist.pdbx_refine_id                   'X-RAY DIFFRACTION' 
_refine_hist.cycle_id                         LAST 
_refine_hist.pdbx_number_atoms_protein        1020 
_refine_hist.pdbx_number_atoms_nucleic_acid   0 
_refine_hist.pdbx_number_atoms_ligand         8 
_refine_hist.number_atoms_solvent             192 
_refine_hist.number_atoms_total               1220 
_refine_hist.d_res_high                       2.10 
_refine_hist.d_res_low                        15.00 
# 
loop_
_refine_ls_restr.type 
_refine_ls_restr.dev_ideal 
_refine_ls_restr.dev_ideal_target 
_refine_ls_restr.weight 
_refine_ls_restr.number 
_refine_ls_restr.pdbx_refine_id 
_refine_ls_restr.pdbx_restraint_function 
r_bond_refined_d             0.014 0.021 ? 1056 'X-RAY DIFFRACTION' ? 
r_bond_other_d               ?     ?     ? ?    'X-RAY DIFFRACTION' ? 
r_angle_refined_deg          1.670 1.919 ? 1424 'X-RAY DIFFRACTION' ? 
r_angle_other_deg            ?     ?     ? ?    'X-RAY DIFFRACTION' ? 
r_dihedral_angle_1_deg       6.993 5.000 ? 124  'X-RAY DIFFRACTION' ? 
r_dihedral_angle_2_deg       ?     ?     ? ?    'X-RAY DIFFRACTION' ? 
r_dihedral_angle_3_deg       ?     ?     ? ?    'X-RAY DIFFRACTION' ? 
r_dihedral_angle_4_deg       ?     ?     ? ?    'X-RAY DIFFRACTION' ? 
r_chiral_restr               0.113 0.200 ? 148  'X-RAY DIFFRACTION' ? 
r_gen_planes_refined         0.007 0.020 ? 804  'X-RAY DIFFRACTION' ? 
r_gen_planes_other           ?     ?     ? ?    'X-RAY DIFFRACTION' ? 
r_nbd_refined                0.270 0.300 ? 439  'X-RAY DIFFRACTION' ? 
r_nbd_other                  ?     ?     ? ?    'X-RAY DIFFRACTION' ? 
r_nbtor_refined              ?     ?     ? ?    'X-RAY DIFFRACTION' ? 
r_nbtor_other                ?     ?     ? ?    'X-RAY DIFFRACTION' ? 
r_xyhbond_nbd_refined        0.322 0.500 ? 257  'X-RAY DIFFRACTION' ? 
r_xyhbond_nbd_other          ?     ?     ? ?    'X-RAY DIFFRACTION' ? 
r_metal_ion_refined          ?     ?     ? ?    'X-RAY DIFFRACTION' ? 
r_metal_ion_other            ?     ?     ? ?    'X-RAY DIFFRACTION' ? 
r_symmetry_vdw_refined       0.266 0.300 ? 47   'X-RAY DIFFRACTION' ? 
r_symmetry_vdw_other         ?     ?     ? ?    'X-RAY DIFFRACTION' ? 
r_symmetry_hbond_refined     0.272 0.500 ? 39   'X-RAY DIFFRACTION' ? 
r_symmetry_hbond_other       ?     ?     ? ?    'X-RAY DIFFRACTION' ? 
r_symmetry_metal_ion_refined ?     ?     ? ?    'X-RAY DIFFRACTION' ? 
r_symmetry_metal_ion_other   ?     ?     ? ?    'X-RAY DIFFRACTION' ? 
r_mcbond_it                  1.290 2.000 ? 632  'X-RAY DIFFRACTION' ? 
r_mcbond_other               ?     ?     ? ?    'X-RAY DIFFRACTION' ? 
r_mcangle_it                 2.131 3.000 ? 1012 'X-RAY DIFFRACTION' ? 
r_scbond_it                  1.659 2.000 ? 424  'X-RAY DIFFRACTION' ? 
r_scangle_it                 2.686 3.000 ? 412  'X-RAY DIFFRACTION' ? 
r_rigid_bond_restr           ?     ?     ? ?    'X-RAY DIFFRACTION' ? 
r_sphericity_free            ?     ?     ? ?    'X-RAY DIFFRACTION' ? 
r_sphericity_bonded          ?     ?     ? ?    'X-RAY DIFFRACTION' ? 
# 
_refine_ls_shell.pdbx_total_number_of_bins_used   10 
_refine_ls_shell.d_res_high                       2.101 
_refine_ls_shell.d_res_low                        2.212 
_refine_ls_shell.number_reflns_R_work             2221 
_refine_ls_shell.R_factor_R_work                  0.278 
_refine_ls_shell.percent_reflns_obs               ? 
_refine_ls_shell.R_factor_R_free                  0.352 
_refine_ls_shell.R_factor_R_free_error            ? 
_refine_ls_shell.percent_reflns_R_free            ? 
_refine_ls_shell.number_reflns_R_free             118 
_refine_ls_shell.number_reflns_obs                ? 
_refine_ls_shell.redundancy_reflns_obs            ? 
_refine_ls_shell.number_reflns_all                ? 
_refine_ls_shell.R_factor_all                     ? 
_refine_ls_shell.pdbx_refine_id                   'X-RAY DIFFRACTION' 
# 
_struct.entry_id                  1ZMQ 
_struct.title                     'Crystal structure of human alpha-defensin-6' 
_struct.pdbx_model_details        ? 
_struct.pdbx_CASP_flag            ? 
_struct.pdbx_model_type_details   ? 
# 
_struct_keywords.entry_id        1ZMQ 
_struct_keywords.pdbx_keywords   'ANTIMICROBIAL PROTEIN' 
_struct_keywords.text            'HUMAN INTESTINAL ALPHA-DEFENSIN, PANETH CELLS DEFENSIN, ANTIMICROBIAL, ANTIMICROBIAL PROTEIN' 
# 
loop_
_struct_asym.id 
_struct_asym.pdbx_blank_PDB_chainid_flag 
_struct_asym.pdbx_modified 
_struct_asym.entity_id 
_struct_asym.details 
A N N 1 ? 
B N N 1 ? 
C N N 1 ? 
D N N 1 ? 
E N N 2 ? 
F N N 2 ? 
G N N 2 ? 
H N N 2 ? 
I N N 2 ? 
J N N 2 ? 
K N N 2 ? 
L N N 2 ? 
M N N 3 ? 
N N N 3 ? 
O N N 3 ? 
P N N 3 ? 
# 
_struct_ref.id                         1 
_struct_ref.db_name                    UNP 
_struct_ref.db_code                    DEF6_HUMAN 
_struct_ref.pdbx_db_accession          Q01524 
_struct_ref.entity_id                  1 
_struct_ref.pdbx_seq_one_letter_code   AFTCHCRRSCYSTEYSYGTCTVMGINHRFCCL 
_struct_ref.pdbx_align_begin           69 
_struct_ref.pdbx_db_isoform            ? 
# 
loop_
_struct_ref_seq.align_id 
_struct_ref_seq.ref_id 
_struct_ref_seq.pdbx_PDB_id_code 
_struct_ref_seq.pdbx_strand_id 
_struct_ref_seq.seq_align_beg 
_struct_ref_seq.pdbx_seq_align_beg_ins_code 
_struct_ref_seq.seq_align_end 
_struct_ref_seq.pdbx_seq_align_end_ins_code 
_struct_ref_seq.pdbx_db_accession 
_struct_ref_seq.db_align_beg 
_struct_ref_seq.pdbx_db_align_beg_ins_code 
_struct_ref_seq.db_align_end 
_struct_ref_seq.pdbx_db_align_end_ins_code 
_struct_ref_seq.pdbx_auth_seq_align_beg 
_struct_ref_seq.pdbx_auth_seq_align_end 
1 1 1ZMQ A 1 ? 32 ? Q01524 69 ? 100 ? 1 32 
2 1 1ZMQ B 1 ? 32 ? Q01524 69 ? 100 ? 1 32 
3 1 1ZMQ C 1 ? 32 ? Q01524 69 ? 100 ? 1 32 
4 1 1ZMQ D 1 ? 32 ? Q01524 69 ? 100 ? 1 32 
# 
loop_
_pdbx_struct_assembly.id 
_pdbx_struct_assembly.details 
_pdbx_struct_assembly.method_details 
_pdbx_struct_assembly.oligomeric_details 
_pdbx_struct_assembly.oligomeric_count 
1 author_and_software_defined_assembly PISA monomeric 1 
2 author_defined_assembly              ?    monomeric 1 
3 author_defined_assembly              ?    monomeric 1 
4 author_and_software_defined_assembly PISA monomeric 1 
# 
loop_
_pdbx_struct_assembly_gen.assembly_id 
_pdbx_struct_assembly_gen.oper_expression 
_pdbx_struct_assembly_gen.asym_id_list 
1 1 A,E,F,M   
2 1 B,G,N     
3 1 C,H,I,J,O 
4 1 D,K,L,P   
# 
_pdbx_struct_oper_list.id                   1 
_pdbx_struct_oper_list.type                 'identity operation' 
_pdbx_struct_oper_list.name                 1_555 
_pdbx_struct_oper_list.symmetry_operation   x,y,z 
_pdbx_struct_oper_list.matrix[1][1]         1.0000000000 
_pdbx_struct_oper_list.matrix[1][2]         0.0000000000 
_pdbx_struct_oper_list.matrix[1][3]         0.0000000000 
_pdbx_struct_oper_list.vector[1]            0.0000000000 
_pdbx_struct_oper_list.matrix[2][1]         0.0000000000 
_pdbx_struct_oper_list.matrix[2][2]         1.0000000000 
_pdbx_struct_oper_list.matrix[2][3]         0.0000000000 
_pdbx_struct_oper_list.vector[2]            0.0000000000 
_pdbx_struct_oper_list.matrix[3][1]         0.0000000000 
_pdbx_struct_oper_list.matrix[3][2]         0.0000000000 
_pdbx_struct_oper_list.matrix[3][3]         1.0000000000 
_pdbx_struct_oper_list.vector[3]            0.0000000000 
# 
_struct_biol.id   1 
# 
loop_
_struct_conn.id 
_struct_conn.conn_type_id 
_struct_conn.pdbx_leaving_atom_flag 
_struct_conn.pdbx_PDB_id 
_struct_conn.ptnr1_label_asym_id 
_struct_conn.ptnr1_label_comp_id 
_struct_conn.ptnr1_label_seq_id 
_struct_conn.ptnr1_label_atom_id 
_struct_conn.pdbx_ptnr1_label_alt_id 
_struct_conn.pdbx_ptnr1_PDB_ins_code 
_struct_conn.pdbx_ptnr1_standard_comp_id 
_struct_conn.ptnr1_symmetry 
_struct_conn.ptnr2_label_asym_id 
_struct_conn.ptnr2_label_comp_id 
_struct_conn.ptnr2_label_seq_id 
_struct_conn.ptnr2_label_atom_id 
_struct_conn.pdbx_ptnr2_label_alt_id 
_struct_conn.pdbx_ptnr2_PDB_ins_code 
_struct_conn.ptnr1_auth_asym_id 
_struct_conn.ptnr1_auth_comp_id 
_struct_conn.ptnr1_auth_seq_id 
_struct_conn.ptnr2_auth_asym_id 
_struct_conn.ptnr2_auth_comp_id 
_struct_conn.ptnr2_auth_seq_id 
_struct_conn.ptnr2_symmetry 
_struct_conn.pdbx_ptnr3_label_atom_id 
_struct_conn.pdbx_ptnr3_label_seq_id 
_struct_conn.pdbx_ptnr3_label_comp_id 
_struct_conn.pdbx_ptnr3_label_asym_id 
_struct_conn.pdbx_ptnr3_label_alt_id 
_struct_conn.pdbx_ptnr3_PDB_ins_code 
_struct_conn.details 
_struct_conn.pdbx_dist_value 
_struct_conn.pdbx_value_order 
_struct_conn.pdbx_role 
disulf1  disulf ? ? A CYS 4  SG ? ? ? 1_555 A CYS 31 SG ? ? A CYS 4  A CYS 31 1_555 ? ? ? ? ? ? ? 2.066 ? ? 
disulf2  disulf ? ? A CYS 6  SG ? ? ? 1_555 A CYS 20 SG ? ? A CYS 6  A CYS 20 1_555 ? ? ? ? ? ? ? 2.004 ? ? 
disulf3  disulf ? ? A CYS 10 SG ? ? ? 1_555 A CYS 30 SG ? ? A CYS 10 A CYS 30 1_555 ? ? ? ? ? ? ? 2.065 ? ? 
disulf4  disulf ? ? B CYS 4  SG ? ? ? 1_555 B CYS 31 SG ? ? B CYS 4  B CYS 31 1_555 ? ? ? ? ? ? ? 2.067 ? ? 
disulf5  disulf ? ? B CYS 6  SG ? ? ? 1_555 B CYS 20 SG ? ? B CYS 6  B CYS 20 1_555 ? ? ? ? ? ? ? 2.074 ? ? 
disulf6  disulf ? ? B CYS 10 SG ? ? ? 1_555 B CYS 30 SG ? ? B CYS 10 B CYS 30 1_555 ? ? ? ? ? ? ? 2.028 ? ? 
disulf7  disulf ? ? C CYS 4  SG ? ? ? 1_555 C CYS 31 SG ? ? C CYS 4  C CYS 31 1_555 ? ? ? ? ? ? ? 2.080 ? ? 
disulf8  disulf ? ? C CYS 6  SG ? ? ? 1_555 C CYS 20 SG ? ? C CYS 6  C CYS 20 1_555 ? ? ? ? ? ? ? 2.004 ? ? 
disulf9  disulf ? ? C CYS 10 SG ? ? ? 1_555 C CYS 30 SG ? ? C CYS 10 C CYS 30 1_555 ? ? ? ? ? ? ? 2.069 ? ? 
disulf10 disulf ? ? D CYS 4  SG ? ? ? 1_555 D CYS 31 SG ? ? D CYS 4  D CYS 31 1_555 ? ? ? ? ? ? ? 2.045 ? ? 
disulf11 disulf ? ? D CYS 6  SG ? ? ? 1_555 D CYS 20 SG ? ? D CYS 6  D CYS 20 1_555 ? ? ? ? ? ? ? 2.072 ? ? 
disulf12 disulf ? ? D CYS 10 SG ? ? ? 1_555 D CYS 30 SG ? ? D CYS 10 D CYS 30 1_555 ? ? ? ? ? ? ? 2.072 ? ? 
# 
_struct_conn_type.id          disulf 
_struct_conn_type.criteria    ? 
_struct_conn_type.reference   ? 
# 
loop_
_pdbx_modification_feature.ordinal 
_pdbx_modification_feature.label_comp_id 
_pdbx_modification_feature.label_asym_id 
_pdbx_modification_feature.label_seq_id 
_pdbx_modification_feature.label_alt_id 
_pdbx_modification_feature.modified_residue_label_comp_id 
_pdbx_modification_feature.modified_residue_label_asym_id 
_pdbx_modification_feature.modified_residue_label_seq_id 
_pdbx_modification_feature.modified_residue_label_alt_id 
_pdbx_modification_feature.auth_comp_id 
_pdbx_modification_feature.auth_asym_id 
_pdbx_modification_feature.auth_seq_id 
_pdbx_modification_feature.PDB_ins_code 
_pdbx_modification_feature.symmetry 
_pdbx_modification_feature.modified_residue_auth_comp_id 
_pdbx_modification_feature.modified_residue_auth_asym_id 
_pdbx_modification_feature.modified_residue_auth_seq_id 
_pdbx_modification_feature.modified_residue_PDB_ins_code 
_pdbx_modification_feature.modified_residue_symmetry 
_pdbx_modification_feature.comp_id_linking_atom 
_pdbx_modification_feature.modified_residue_id_linking_atom 
_pdbx_modification_feature.modified_residue_id 
_pdbx_modification_feature.ref_pcm_id 
_pdbx_modification_feature.ref_comp_id 
_pdbx_modification_feature.type 
_pdbx_modification_feature.category 
1  CYS A 4  ? CYS A 31 ? CYS A 4  ? 1_555 CYS A 31 ? 1_555 SG SG . . . None 'Disulfide bridge' 
2  CYS A 6  ? CYS A 20 ? CYS A 6  ? 1_555 CYS A 20 ? 1_555 SG SG . . . None 'Disulfide bridge' 
3  CYS A 10 ? CYS A 30 ? CYS A 10 ? 1_555 CYS A 30 ? 1_555 SG SG . . . None 'Disulfide bridge' 
4  CYS B 4  ? CYS B 31 ? CYS B 4  ? 1_555 CYS B 31 ? 1_555 SG SG . . . None 'Disulfide bridge' 
5  CYS B 6  ? CYS B 20 ? CYS B 6  ? 1_555 CYS B 20 ? 1_555 SG SG . . . None 'Disulfide bridge' 
6  CYS B 10 ? CYS B 30 ? CYS B 10 ? 1_555 CYS B 30 ? 1_555 SG SG . . . None 'Disulfide bridge' 
7  CYS C 4  ? CYS C 31 ? CYS C 4  ? 1_555 CYS C 31 ? 1_555 SG SG . . . None 'Disulfide bridge' 
8  CYS C 6  ? CYS C 20 ? CYS C 6  ? 1_555 CYS C 20 ? 1_555 SG SG . . . None 'Disulfide bridge' 
9  CYS C 10 ? CYS C 30 ? CYS C 10 ? 1_555 CYS C 30 ? 1_555 SG SG . . . None 'Disulfide bridge' 
10 CYS D 4  ? CYS D 31 ? CYS D 4  ? 1_555 CYS D 31 ? 1_555 SG SG . . . None 'Disulfide bridge' 
11 CYS D 6  ? CYS D 20 ? CYS D 6  ? 1_555 CYS D 20 ? 1_555 SG SG . . . None 'Disulfide bridge' 
12 CYS D 10 ? CYS D 30 ? CYS D 10 ? 1_555 CYS D 30 ? 1_555 SG SG . . . None 'Disulfide bridge' 
# 
_struct_sheet.id               A 
_struct_sheet.type             ? 
_struct_sheet.number_strands   12 
_struct_sheet.details          ? 
# 
loop_
_struct_sheet_order.sheet_id 
_struct_sheet_order.range_id_1 
_struct_sheet_order.range_id_2 
_struct_sheet_order.offset 
_struct_sheet_order.sense 
A 1  2  ? anti-parallel 
A 2  3  ? anti-parallel 
A 3  4  ? anti-parallel 
A 4  5  ? anti-parallel 
A 5  6  ? anti-parallel 
A 6  7  ? anti-parallel 
A 7  8  ? anti-parallel 
A 8  9  ? anti-parallel 
A 9  10 ? anti-parallel 
A 10 11 ? anti-parallel 
A 11 12 ? anti-parallel 
# 
loop_
_struct_sheet_range.sheet_id 
_struct_sheet_range.id 
_struct_sheet_range.beg_label_comp_id 
_struct_sheet_range.beg_label_asym_id 
_struct_sheet_range.beg_label_seq_id 
_struct_sheet_range.pdbx_beg_PDB_ins_code 
_struct_sheet_range.end_label_comp_id 
_struct_sheet_range.end_label_asym_id 
_struct_sheet_range.end_label_seq_id 
_struct_sheet_range.pdbx_end_PDB_ins_code 
_struct_sheet_range.beg_auth_comp_id 
_struct_sheet_range.beg_auth_asym_id 
_struct_sheet_range.beg_auth_seq_id 
_struct_sheet_range.end_auth_comp_id 
_struct_sheet_range.end_auth_asym_id 
_struct_sheet_range.end_auth_seq_id 
A 1  CYS B 4  ? ARG B 7  ? CYS B 4  ARG B 7  
A 2  ILE B 25 ? CYS B 31 ? ILE B 25 CYS B 31 
A 3  TYR B 15 ? VAL B 22 ? TYR B 15 VAL B 22 
A 4  TYR A 15 ? VAL A 22 ? TYR A 15 VAL A 22 
A 5  ILE A 25 ? LEU A 32 ? ILE A 25 LEU A 32 
A 6  PHE A 2  ? ARG A 7  ? PHE A 2  ARG A 7  
A 7  PHE C 2  ? ARG C 7  ? PHE C 2  ARG C 7  
A 8  ILE C 25 ? LEU C 32 ? ILE C 25 LEU C 32 
A 9  TYR C 15 ? VAL C 22 ? TYR C 15 VAL C 22 
A 10 TYR D 15 ? VAL D 22 ? TYR D 15 VAL D 22 
A 11 ILE D 25 ? LEU D 32 ? ILE D 25 LEU D 32 
A 12 THR D 3  ? ARG D 7  ? THR D 3  ARG D 7  
# 
loop_
_pdbx_struct_sheet_hbond.sheet_id 
_pdbx_struct_sheet_hbond.range_id_1 
_pdbx_struct_sheet_hbond.range_id_2 
_pdbx_struct_sheet_hbond.range_1_label_atom_id 
_pdbx_struct_sheet_hbond.range_1_label_comp_id 
_pdbx_struct_sheet_hbond.range_1_label_asym_id 
_pdbx_struct_sheet_hbond.range_1_label_seq_id 
_pdbx_struct_sheet_hbond.range_1_PDB_ins_code 
_pdbx_struct_sheet_hbond.range_1_auth_atom_id 
_pdbx_struct_sheet_hbond.range_1_auth_comp_id 
_pdbx_struct_sheet_hbond.range_1_auth_asym_id 
_pdbx_struct_sheet_hbond.range_1_auth_seq_id 
_pdbx_struct_sheet_hbond.range_2_label_atom_id 
_pdbx_struct_sheet_hbond.range_2_label_comp_id 
_pdbx_struct_sheet_hbond.range_2_label_asym_id 
_pdbx_struct_sheet_hbond.range_2_label_seq_id 
_pdbx_struct_sheet_hbond.range_2_PDB_ins_code 
_pdbx_struct_sheet_hbond.range_2_auth_atom_id 
_pdbx_struct_sheet_hbond.range_2_auth_comp_id 
_pdbx_struct_sheet_hbond.range_2_auth_asym_id 
_pdbx_struct_sheet_hbond.range_2_auth_seq_id 
A 1  2  N ARG B 7  ? N ARG B 7  O ARG B 28 ? O ARG B 28 
A 2  3  O HIS B 27 ? O HIS B 27 N CYS B 20 ? N CYS B 20 
A 3  4  O THR B 21 ? O THR B 21 N THR A 21 ? N THR A 21 
A 4  5  N TYR A 17 ? N TYR A 17 O PHE A 29 ? O PHE A 29 
A 5  6  O CYS A 30 ? O CYS A 30 N HIS A 5  ? N HIS A 5  
A 6  7  N PHE A 2  ? N PHE A 2  O CYS C 4  ? O CYS C 4  
A 7  8  N ARG C 7  ? N ARG C 7  O ARG C 28 ? O ARG C 28 
A 8  9  O CYS C 31 ? O CYS C 31 N TYR C 15 ? N TYR C 15 
A 9  10 N THR C 21 ? N THR C 21 O THR D 21 ? O THR D 21 
A 10 11 N CYS D 20 ? N CYS D 20 O HIS D 27 ? O HIS D 27 
A 11 12 O ARG D 28 ? O ARG D 28 N ARG D 7  ? N ARG D 7  
# 
loop_
_struct_site.id 
_struct_site.pdbx_evidence_code 
_struct_site.pdbx_auth_asym_id 
_struct_site.pdbx_auth_comp_id 
_struct_site.pdbx_auth_seq_id 
_struct_site.pdbx_auth_ins_code 
_struct_site.pdbx_num_residues 
_struct_site.details 
AC1 Software A CL 501 ? 5 'BINDING SITE FOR RESIDUE CL A 501' 
AC2 Software C CL 502 ? 5 'BINDING SITE FOR RESIDUE CL C 502' 
AC3 Software D CL 503 ? 7 'BINDING SITE FOR RESIDUE CL D 503' 
AC4 Software D CL 504 ? 5 'BINDING SITE FOR RESIDUE CL D 504' 
AC5 Software A CL 505 ? 4 'BINDING SITE FOR RESIDUE CL A 505' 
AC6 Software B CL 506 ? 3 'BINDING SITE FOR RESIDUE CL B 506' 
AC7 Software C CL 507 ? 5 'BINDING SITE FOR RESIDUE CL C 507' 
AC8 Software C CL 508 ? 3 'BINDING SITE FOR RESIDUE CL C 508' 
# 
loop_
_struct_site_gen.id 
_struct_site_gen.site_id 
_struct_site_gen.pdbx_num_res 
_struct_site_gen.label_comp_id 
_struct_site_gen.label_asym_id 
_struct_site_gen.label_seq_id 
_struct_site_gen.pdbx_auth_ins_code 
_struct_site_gen.auth_comp_id 
_struct_site_gen.auth_asym_id 
_struct_site_gen.auth_seq_id 
_struct_site_gen.label_atom_id 
_struct_site_gen.label_alt_id 
_struct_site_gen.symmetry 
_struct_site_gen.details 
1  AC1 5 ALA A 1  ? ALA A 1   . ? 1_555 ? 
2  AC1 5 HIS C 5  ? HIS C 5   . ? 1_555 ? 
3  AC1 5 HOH O .  ? HOH C 281 . ? 1_555 ? 
4  AC1 5 HIS D 5  ? HIS D 5   . ? 1_555 ? 
5  AC1 5 HOH P .  ? HOH D 213 . ? 1_555 ? 
6  AC2 5 ALA A 1  ? ALA A 1   . ? 1_555 ? 
7  AC2 5 HIS C 5  ? HIS C 5   . ? 1_555 ? 
8  AC2 5 CYS C 6  ? CYS C 6   . ? 1_555 ? 
9  AC2 5 CYS D 6  ? CYS D 6   . ? 1_555 ? 
10 AC2 5 HOH P .  ? HOH D 213 . ? 1_555 ? 
11 AC3 7 HIS A 5  ? HIS A 5   . ? 3_545 ? 
12 AC3 7 HOH M .  ? HOH A 242 . ? 3_545 ? 
13 AC3 7 HIS B 5  ? HIS B 5   . ? 3_545 ? 
14 AC3 7 HOH N .  ? HOH B 110 . ? 3_545 ? 
15 AC3 7 ALA C 1  ? ALA C 1   . ? 3_545 ? 
16 AC3 7 HOH O .  ? HOH C 259 . ? 3_545 ? 
17 AC3 7 ALA D 1  ? ALA D 1   . ? 1_555 ? 
18 AC4 5 HIS A 5  ? HIS A 5   . ? 3_545 ? 
19 AC4 5 CYS A 6  ? CYS A 6   . ? 3_545 ? 
20 AC4 5 CYS B 6  ? CYS B 6   . ? 3_545 ? 
21 AC4 5 HOH N .  ? HOH B 110 . ? 3_545 ? 
22 AC4 5 ALA C 1  ? ALA C 1   . ? 3_545 ? 
23 AC5 4 ALA A 1  ? ALA A 1   . ? 1_555 ? 
24 AC5 4 HOH M .  ? HOH A 256 . ? 1_555 ? 
25 AC5 4 ARG D 7  ? ARG D 7   . ? 1_555 ? 
26 AC5 4 HOH P .  ? HOH D 119 . ? 1_555 ? 
27 AC6 3 TYR B 11 ? TYR B 11  . ? 1_555 ? 
28 AC6 3 SER B 12 ? SER B 12  . ? 1_555 ? 
29 AC6 3 ASN C 26 ? ASN C 26  . ? 6_555 ? 
30 AC7 5 TYR B 15 ? TYR B 15  . ? 3_545 ? 
31 AC7 5 HOH N .  ? HOH B 103 . ? 3_545 ? 
32 AC7 5 ARG C 8  ? ARG C 8   . ? 1_555 ? 
33 AC7 5 HIS C 27 ? HIS C 27  . ? 1_555 ? 
34 AC7 5 HOH O .  ? HOH C 218 . ? 1_555 ? 
35 AC8 3 SER C 9  ? SER C 9   . ? 1_555 ? 
36 AC8 3 CYS C 10 ? CYS C 10  . ? 1_555 ? 
37 AC8 3 ARG C 28 ? ARG C 28  . ? 1_555 ? 
# 
_pdbx_entry_details.entry_id                   1ZMQ 
_pdbx_entry_details.compound_details           ? 
_pdbx_entry_details.source_details             ? 
_pdbx_entry_details.nonpolymer_details         ? 
_pdbx_entry_details.sequence_details           ? 
_pdbx_entry_details.has_ligand_of_interest     ? 
_pdbx_entry_details.has_protein_modification   Y 
# 
loop_
_pdbx_validate_close_contact.id 
_pdbx_validate_close_contact.PDB_model_num 
_pdbx_validate_close_contact.auth_atom_id_1 
_pdbx_validate_close_contact.auth_asym_id_1 
_pdbx_validate_close_contact.auth_comp_id_1 
_pdbx_validate_close_contact.auth_seq_id_1 
_pdbx_validate_close_contact.PDB_ins_code_1 
_pdbx_validate_close_contact.label_alt_id_1 
_pdbx_validate_close_contact.auth_atom_id_2 
_pdbx_validate_close_contact.auth_asym_id_2 
_pdbx_validate_close_contact.auth_comp_id_2 
_pdbx_validate_close_contact.auth_seq_id_2 
_pdbx_validate_close_contact.PDB_ins_code_2 
_pdbx_validate_close_contact.label_alt_id_2 
_pdbx_validate_close_contact.dist 
1  1 CL  A CL  501 ? ? O C HOH 281 ? ? 1.27 
2  1 NH1 B ARG 8   ? ? O B HOH 196 ? ? 1.73 
3  1 OD1 B ASN 26  ? ? O B HOH 246 ? ? 1.93 
4  1 NH1 C ARG 28  ? ? O C HOH 156 ? ? 1.96 
5  1 OG1 A THR 13  ? ? O A HOH 221 ? ? 1.97 
6  1 NE  C ARG 28  ? ? O C HOH 125 ? ? 2.04 
7  1 N   B GLY 24  ? ? O B HOH 244 ? ? 2.05 
8  1 O   A HOH 224 ? ? O A HOH 275 ? ? 2.06 
9  1 CB  B VAL 22  ? ? O B HOH 257 ? ? 2.08 
10 1 O   B HOH 174 ? ? O B HOH 241 ? ? 2.10 
11 1 O   C HOH 153 ? ? O C HOH 176 ? ? 2.10 
12 1 O   D HOH 194 ? ? O D HOH 264 ? ? 2.14 
13 1 CB  B MET 23  ? ? O B HOH 244 ? ? 2.18 
14 1 CB  A THR 19  ? ? O A HOH 212 ? ? 2.19 
# 
loop_
_pdbx_validate_symm_contact.id 
_pdbx_validate_symm_contact.PDB_model_num 
_pdbx_validate_symm_contact.auth_atom_id_1 
_pdbx_validate_symm_contact.auth_asym_id_1 
_pdbx_validate_symm_contact.auth_comp_id_1 
_pdbx_validate_symm_contact.auth_seq_id_1 
_pdbx_validate_symm_contact.PDB_ins_code_1 
_pdbx_validate_symm_contact.label_alt_id_1 
_pdbx_validate_symm_contact.site_symmetry_1 
_pdbx_validate_symm_contact.auth_atom_id_2 
_pdbx_validate_symm_contact.auth_asym_id_2 
_pdbx_validate_symm_contact.auth_comp_id_2 
_pdbx_validate_symm_contact.auth_seq_id_2 
_pdbx_validate_symm_contact.PDB_ins_code_2 
_pdbx_validate_symm_contact.label_alt_id_2 
_pdbx_validate_symm_contact.site_symmetry_2 
_pdbx_validate_symm_contact.dist 
1 1 CL D CL  503 ? ? 1_555 O A HOH 242 ? ? 3_545 1.66 
2 1 O  B HOH 128 ? ? 1_555 O C HOH 281 ? ? 4_554 2.16 
# 
loop_
_pdbx_validate_rmsd_angle.id 
_pdbx_validate_rmsd_angle.PDB_model_num 
_pdbx_validate_rmsd_angle.auth_atom_id_1 
_pdbx_validate_rmsd_angle.auth_asym_id_1 
_pdbx_validate_rmsd_angle.auth_comp_id_1 
_pdbx_validate_rmsd_angle.auth_seq_id_1 
_pdbx_validate_rmsd_angle.PDB_ins_code_1 
_pdbx_validate_rmsd_angle.label_alt_id_1 
_pdbx_validate_rmsd_angle.auth_atom_id_2 
_pdbx_validate_rmsd_angle.auth_asym_id_2 
_pdbx_validate_rmsd_angle.auth_comp_id_2 
_pdbx_validate_rmsd_angle.auth_seq_id_2 
_pdbx_validate_rmsd_angle.PDB_ins_code_2 
_pdbx_validate_rmsd_angle.label_alt_id_2 
_pdbx_validate_rmsd_angle.auth_atom_id_3 
_pdbx_validate_rmsd_angle.auth_asym_id_3 
_pdbx_validate_rmsd_angle.auth_comp_id_3 
_pdbx_validate_rmsd_angle.auth_seq_id_3 
_pdbx_validate_rmsd_angle.PDB_ins_code_3 
_pdbx_validate_rmsd_angle.label_alt_id_3 
_pdbx_validate_rmsd_angle.angle_value 
_pdbx_validate_rmsd_angle.angle_target_value 
_pdbx_validate_rmsd_angle.angle_deviation 
_pdbx_validate_rmsd_angle.angle_standard_deviation 
_pdbx_validate_rmsd_angle.linker_flag 
1 1 NE B ARG 28 ? ? CZ B ARG 28 ? ? NH1 B ARG 28 ? ? 125.45 120.30 5.15  0.50 N 
2 1 NE B ARG 28 ? ? CZ B ARG 28 ? ? NH2 B ARG 28 ? ? 113.14 120.30 -7.16 0.50 N 
# 
loop_
_pdbx_validate_torsion.id 
_pdbx_validate_torsion.PDB_model_num 
_pdbx_validate_torsion.auth_comp_id 
_pdbx_validate_torsion.auth_asym_id 
_pdbx_validate_torsion.auth_seq_id 
_pdbx_validate_torsion.PDB_ins_code 
_pdbx_validate_torsion.label_alt_id 
_pdbx_validate_torsion.phi 
_pdbx_validate_torsion.psi 
1 1 TYR A 17 ? ? -117.38 58.84   
2 1 MET B 23 ? ? 41.82   -124.41 
3 1 TYR C 17 ? ? -110.06 55.64   
4 1 MET D 23 ? ? 47.88   -124.89 
# 
_pdbx_struct_special_symmetry.id              1 
_pdbx_struct_special_symmetry.PDB_model_num   1 
_pdbx_struct_special_symmetry.auth_asym_id    B 
_pdbx_struct_special_symmetry.auth_comp_id    HOH 
_pdbx_struct_special_symmetry.auth_seq_id     292 
_pdbx_struct_special_symmetry.PDB_ins_code    ? 
_pdbx_struct_special_symmetry.label_asym_id   N 
_pdbx_struct_special_symmetry.label_comp_id   HOH 
_pdbx_struct_special_symmetry.label_seq_id    . 
# 
loop_
_pdbx_refine_tls.id 
_pdbx_refine_tls.details 
_pdbx_refine_tls.method 
_pdbx_refine_tls.origin_x 
_pdbx_refine_tls.origin_y 
_pdbx_refine_tls.origin_z 
_pdbx_refine_tls.T[1][1] 
_pdbx_refine_tls.T[2][2] 
_pdbx_refine_tls.T[3][3] 
_pdbx_refine_tls.T[1][2] 
_pdbx_refine_tls.T[1][3] 
_pdbx_refine_tls.T[2][3] 
_pdbx_refine_tls.L[1][1] 
_pdbx_refine_tls.L[2][2] 
_pdbx_refine_tls.L[3][3] 
_pdbx_refine_tls.L[1][2] 
_pdbx_refine_tls.L[1][3] 
_pdbx_refine_tls.L[2][3] 
_pdbx_refine_tls.S[1][1] 
_pdbx_refine_tls.S[1][2] 
_pdbx_refine_tls.S[1][3] 
_pdbx_refine_tls.S[2][1] 
_pdbx_refine_tls.S[2][2] 
_pdbx_refine_tls.S[2][3] 
_pdbx_refine_tls.S[3][1] 
_pdbx_refine_tls.S[3][2] 
_pdbx_refine_tls.S[3][3] 
_pdbx_refine_tls.pdbx_refine_id 
1 ? refined -1.9169 1.2440   -8.8782 0.0995 0.0387 0.0318 -0.0547 -0.0171 -0.0064 0.7116 3.3862 1.2794 -0.1225 -0.6925 -2.4921 -0.1230 0.0502  0.0454  -0.2771 0.0934  0.0383  0.2373  -0.1176 0.0296  'X-RAY DIFFRACTION' 
2 ? refined -5.2881 -1.3426  7.5808  0.0937 0.0163 0.0495 -0.0258 0.0131  -0.0204 0.9347 3.4786 1.5010 1.2343  -0.4601 -2.3852 0.1020  -0.0548 0.0261  0.2179  -0.0550 0.1094  -0.1566 0.0887  -0.0470 'X-RAY DIFFRACTION' 
3 ? refined 5.4297  13.9943  -4.8725 0.0455 0.0425 0.0597 -0.0014 -0.0116 -0.0022 0.6398 1.4227 0.9109 0.4054  -0.4077 -0.5629 -0.0090 -0.0530 0.0067  0.0145  -0.0142 0.0225  0.0785  0.0363  0.0232  'X-RAY DIFFRACTION' 
4 ? refined 3.5006  -13.7892 6.5407  0.0627 0.0640 0.0461 0.0234  0.0293  0.0130  0.2978 1.8407 2.2194 0.0487  0.1291  -1.6831 -0.0284 0.0325  -0.0321 -0.1967 -0.1976 -0.1430 0.2034  0.2599  0.2261  'X-RAY DIFFRACTION' 
# 
loop_
_pdbx_refine_tls_group.id 
_pdbx_refine_tls_group.refine_tls_id 
_pdbx_refine_tls_group.beg_auth_asym_id 
_pdbx_refine_tls_group.beg_auth_seq_id 
_pdbx_refine_tls_group.beg_label_asym_id 
_pdbx_refine_tls_group.beg_label_seq_id 
_pdbx_refine_tls_group.end_auth_asym_id 
_pdbx_refine_tls_group.end_auth_seq_id 
_pdbx_refine_tls_group.end_label_asym_id 
_pdbx_refine_tls_group.end_label_seq_id 
_pdbx_refine_tls_group.selection 
_pdbx_refine_tls_group.pdbx_refine_id 
_pdbx_refine_tls_group.selection_details 
1 1 A 1 A 1 A 32 A 32 ? 'X-RAY DIFFRACTION' ? 
2 2 C 1 C 1 C 32 C 32 ? 'X-RAY DIFFRACTION' ? 
3 3 B 1 B 1 B 32 B 32 ? 'X-RAY DIFFRACTION' ? 
4 4 D 1 D 1 D 32 D 32 ? 'X-RAY DIFFRACTION' ? 
# 
_pdbx_database_remark.id     300 
_pdbx_database_remark.text   
;
BIOMOLECULE: 1, 2, 3, 4
THIS ENTRY CONTAINS THE CRYSTALLOGRAPHIC ASYMMETRIC UNIT
WHICH CONSISTS OF 4 CHAIN(S). SEE REMARK 350 FOR
INFORMATION ON GENERATING THE BIOLOGICAL MOLECULE(S).

THE AUTHOR STATES THE BIOLOGICAL UNIT IS A PROBABLE 
MONOMER.
;
# 
loop_
_chem_comp_atom.comp_id 
_chem_comp_atom.atom_id 
_chem_comp_atom.type_symbol 
_chem_comp_atom.pdbx_aromatic_flag 
_chem_comp_atom.pdbx_stereo_config 
_chem_comp_atom.pdbx_ordinal 
ALA N    N  N N 1   
ALA CA   C  N S 2   
ALA C    C  N N 3   
ALA O    O  N N 4   
ALA CB   C  N N 5   
ALA OXT  O  N N 6   
ALA H    H  N N 7   
ALA H2   H  N N 8   
ALA HA   H  N N 9   
ALA HB1  H  N N 10  
ALA HB2  H  N N 11  
ALA HB3  H  N N 12  
ALA HXT  H  N N 13  
ARG N    N  N N 14  
ARG CA   C  N S 15  
ARG C    C  N N 16  
ARG O    O  N N 17  
ARG CB   C  N N 18  
ARG CG   C  N N 19  
ARG CD   C  N N 20  
ARG NE   N  N N 21  
ARG CZ   C  N N 22  
ARG NH1  N  N N 23  
ARG NH2  N  N N 24  
ARG OXT  O  N N 25  
ARG H    H  N N 26  
ARG H2   H  N N 27  
ARG HA   H  N N 28  
ARG HB2  H  N N 29  
ARG HB3  H  N N 30  
ARG HG2  H  N N 31  
ARG HG3  H  N N 32  
ARG HD2  H  N N 33  
ARG HD3  H  N N 34  
ARG HE   H  N N 35  
ARG HH11 H  N N 36  
ARG HH12 H  N N 37  
ARG HH21 H  N N 38  
ARG HH22 H  N N 39  
ARG HXT  H  N N 40  
ASN N    N  N N 41  
ASN CA   C  N S 42  
ASN C    C  N N 43  
ASN O    O  N N 44  
ASN CB   C  N N 45  
ASN CG   C  N N 46  
ASN OD1  O  N N 47  
ASN ND2  N  N N 48  
ASN OXT  O  N N 49  
ASN H    H  N N 50  
ASN H2   H  N N 51  
ASN HA   H  N N 52  
ASN HB2  H  N N 53  
ASN HB3  H  N N 54  
ASN HD21 H  N N 55  
ASN HD22 H  N N 56  
ASN HXT  H  N N 57  
CL  CL   CL N N 58  
CYS N    N  N N 59  
CYS CA   C  N R 60  
CYS C    C  N N 61  
CYS O    O  N N 62  
CYS CB   C  N N 63  
CYS SG   S  N N 64  
CYS OXT  O  N N 65  
CYS H    H  N N 66  
CYS H2   H  N N 67  
CYS HA   H  N N 68  
CYS HB2  H  N N 69  
CYS HB3  H  N N 70  
CYS HG   H  N N 71  
CYS HXT  H  N N 72  
GLU N    N  N N 73  
GLU CA   C  N S 74  
GLU C    C  N N 75  
GLU O    O  N N 76  
GLU CB   C  N N 77  
GLU CG   C  N N 78  
GLU CD   C  N N 79  
GLU OE1  O  N N 80  
GLU OE2  O  N N 81  
GLU OXT  O  N N 82  
GLU H    H  N N 83  
GLU H2   H  N N 84  
GLU HA   H  N N 85  
GLU HB2  H  N N 86  
GLU HB3  H  N N 87  
GLU HG2  H  N N 88  
GLU HG3  H  N N 89  
GLU HE2  H  N N 90  
GLU HXT  H  N N 91  
GLY N    N  N N 92  
GLY CA   C  N N 93  
GLY C    C  N N 94  
GLY O    O  N N 95  
GLY OXT  O  N N 96  
GLY H    H  N N 97  
GLY H2   H  N N 98  
GLY HA2  H  N N 99  
GLY HA3  H  N N 100 
GLY HXT  H  N N 101 
HIS N    N  N N 102 
HIS CA   C  N S 103 
HIS C    C  N N 104 
HIS O    O  N N 105 
HIS CB   C  N N 106 
HIS CG   C  Y N 107 
HIS ND1  N  Y N 108 
HIS CD2  C  Y N 109 
HIS CE1  C  Y N 110 
HIS NE2  N  Y N 111 
HIS OXT  O  N N 112 
HIS H    H  N N 113 
HIS H2   H  N N 114 
HIS HA   H  N N 115 
HIS HB2  H  N N 116 
HIS HB3  H  N N 117 
HIS HD1  H  N N 118 
HIS HD2  H  N N 119 
HIS HE1  H  N N 120 
HIS HE2  H  N N 121 
HIS HXT  H  N N 122 
HOH O    O  N N 123 
HOH H1   H  N N 124 
HOH H2   H  N N 125 
ILE N    N  N N 126 
ILE CA   C  N S 127 
ILE C    C  N N 128 
ILE O    O  N N 129 
ILE CB   C  N S 130 
ILE CG1  C  N N 131 
ILE CG2  C  N N 132 
ILE CD1  C  N N 133 
ILE OXT  O  N N 134 
ILE H    H  N N 135 
ILE H2   H  N N 136 
ILE HA   H  N N 137 
ILE HB   H  N N 138 
ILE HG12 H  N N 139 
ILE HG13 H  N N 140 
ILE HG21 H  N N 141 
ILE HG22 H  N N 142 
ILE HG23 H  N N 143 
ILE HD11 H  N N 144 
ILE HD12 H  N N 145 
ILE HD13 H  N N 146 
ILE HXT  H  N N 147 
LEU N    N  N N 148 
LEU CA   C  N S 149 
LEU C    C  N N 150 
LEU O    O  N N 151 
LEU CB   C  N N 152 
LEU CG   C  N N 153 
LEU CD1  C  N N 154 
LEU CD2  C  N N 155 
LEU OXT  O  N N 156 
LEU H    H  N N 157 
LEU H2   H  N N 158 
LEU HA   H  N N 159 
LEU HB2  H  N N 160 
LEU HB3  H  N N 161 
LEU HG   H  N N 162 
LEU HD11 H  N N 163 
LEU HD12 H  N N 164 
LEU HD13 H  N N 165 
LEU HD21 H  N N 166 
LEU HD22 H  N N 167 
LEU HD23 H  N N 168 
LEU HXT  H  N N 169 
MET N    N  N N 170 
MET CA   C  N S 171 
MET C    C  N N 172 
MET O    O  N N 173 
MET CB   C  N N 174 
MET CG   C  N N 175 
MET SD   S  N N 176 
MET CE   C  N N 177 
MET OXT  O  N N 178 
MET H    H  N N 179 
MET H2   H  N N 180 
MET HA   H  N N 181 
MET HB2  H  N N 182 
MET HB3  H  N N 183 
MET HG2  H  N N 184 
MET HG3  H  N N 185 
MET HE1  H  N N 186 
MET HE2  H  N N 187 
MET HE3  H  N N 188 
MET HXT  H  N N 189 
PHE N    N  N N 190 
PHE CA   C  N S 191 
PHE C    C  N N 192 
PHE O    O  N N 193 
PHE CB   C  N N 194 
PHE CG   C  Y N 195 
PHE CD1  C  Y N 196 
PHE CD2  C  Y N 197 
PHE CE1  C  Y N 198 
PHE CE2  C  Y N 199 
PHE CZ   C  Y N 200 
PHE OXT  O  N N 201 
PHE H    H  N N 202 
PHE H2   H  N N 203 
PHE HA   H  N N 204 
PHE HB2  H  N N 205 
PHE HB3  H  N N 206 
PHE HD1  H  N N 207 
PHE HD2  H  N N 208 
PHE HE1  H  N N 209 
PHE HE2  H  N N 210 
PHE HZ   H  N N 211 
PHE HXT  H  N N 212 
SER N    N  N N 213 
SER CA   C  N S 214 
SER C    C  N N 215 
SER O    O  N N 216 
SER CB   C  N N 217 
SER OG   O  N N 218 
SER OXT  O  N N 219 
SER H    H  N N 220 
SER H2   H  N N 221 
SER HA   H  N N 222 
SER HB2  H  N N 223 
SER HB3  H  N N 224 
SER HG   H  N N 225 
SER HXT  H  N N 226 
THR N    N  N N 227 
THR CA   C  N S 228 
THR C    C  N N 229 
THR O    O  N N 230 
THR CB   C  N R 231 
THR OG1  O  N N 232 
THR CG2  C  N N 233 
THR OXT  O  N N 234 
THR H    H  N N 235 
THR H2   H  N N 236 
THR HA   H  N N 237 
THR HB   H  N N 238 
THR HG1  H  N N 239 
THR HG21 H  N N 240 
THR HG22 H  N N 241 
THR HG23 H  N N 242 
THR HXT  H  N N 243 
TYR N    N  N N 244 
TYR CA   C  N S 245 
TYR C    C  N N 246 
TYR O    O  N N 247 
TYR CB   C  N N 248 
TYR CG   C  Y N 249 
TYR CD1  C  Y N 250 
TYR CD2  C  Y N 251 
TYR CE1  C  Y N 252 
TYR CE2  C  Y N 253 
TYR CZ   C  Y N 254 
TYR OH   O  N N 255 
TYR OXT  O  N N 256 
TYR H    H  N N 257 
TYR H2   H  N N 258 
TYR HA   H  N N 259 
TYR HB2  H  N N 260 
TYR HB3  H  N N 261 
TYR HD1  H  N N 262 
TYR HD2  H  N N 263 
TYR HE1  H  N N 264 
TYR HE2  H  N N 265 
TYR HH   H  N N 266 
TYR HXT  H  N N 267 
VAL N    N  N N 268 
VAL CA   C  N S 269 
VAL C    C  N N 270 
VAL O    O  N N 271 
VAL CB   C  N N 272 
VAL CG1  C  N N 273 
VAL CG2  C  N N 274 
VAL OXT  O  N N 275 
VAL H    H  N N 276 
VAL H2   H  N N 277 
VAL HA   H  N N 278 
VAL HB   H  N N 279 
VAL HG11 H  N N 280 
VAL HG12 H  N N 281 
VAL HG13 H  N N 282 
VAL HG21 H  N N 283 
VAL HG22 H  N N 284 
VAL HG23 H  N N 285 
VAL HXT  H  N N 286 
# 
loop_
_chem_comp_bond.comp_id 
_chem_comp_bond.atom_id_1 
_chem_comp_bond.atom_id_2 
_chem_comp_bond.value_order 
_chem_comp_bond.pdbx_aromatic_flag 
_chem_comp_bond.pdbx_stereo_config 
_chem_comp_bond.pdbx_ordinal 
ALA N   CA   sing N N 1   
ALA N   H    sing N N 2   
ALA N   H2   sing N N 3   
ALA CA  C    sing N N 4   
ALA CA  CB   sing N N 5   
ALA CA  HA   sing N N 6   
ALA C   O    doub N N 7   
ALA C   OXT  sing N N 8   
ALA CB  HB1  sing N N 9   
ALA CB  HB2  sing N N 10  
ALA CB  HB3  sing N N 11  
ALA OXT HXT  sing N N 12  
ARG N   CA   sing N N 13  
ARG N   H    sing N N 14  
ARG N   H2   sing N N 15  
ARG CA  C    sing N N 16  
ARG CA  CB   sing N N 17  
ARG CA  HA   sing N N 18  
ARG C   O    doub N N 19  
ARG C   OXT  sing N N 20  
ARG CB  CG   sing N N 21  
ARG CB  HB2  sing N N 22  
ARG CB  HB3  sing N N 23  
ARG CG  CD   sing N N 24  
ARG CG  HG2  sing N N 25  
ARG CG  HG3  sing N N 26  
ARG CD  NE   sing N N 27  
ARG CD  HD2  sing N N 28  
ARG CD  HD3  sing N N 29  
ARG NE  CZ   sing N N 30  
ARG NE  HE   sing N N 31  
ARG CZ  NH1  sing N N 32  
ARG CZ  NH2  doub N N 33  
ARG NH1 HH11 sing N N 34  
ARG NH1 HH12 sing N N 35  
ARG NH2 HH21 sing N N 36  
ARG NH2 HH22 sing N N 37  
ARG OXT HXT  sing N N 38  
ASN N   CA   sing N N 39  
ASN N   H    sing N N 40  
ASN N   H2   sing N N 41  
ASN CA  C    sing N N 42  
ASN CA  CB   sing N N 43  
ASN CA  HA   sing N N 44  
ASN C   O    doub N N 45  
ASN C   OXT  sing N N 46  
ASN CB  CG   sing N N 47  
ASN CB  HB2  sing N N 48  
ASN CB  HB3  sing N N 49  
ASN CG  OD1  doub N N 50  
ASN CG  ND2  sing N N 51  
ASN ND2 HD21 sing N N 52  
ASN ND2 HD22 sing N N 53  
ASN OXT HXT  sing N N 54  
CYS N   CA   sing N N 55  
CYS N   H    sing N N 56  
CYS N   H2   sing N N 57  
CYS CA  C    sing N N 58  
CYS CA  CB   sing N N 59  
CYS CA  HA   sing N N 60  
CYS C   O    doub N N 61  
CYS C   OXT  sing N N 62  
CYS CB  SG   sing N N 63  
CYS CB  HB2  sing N N 64  
CYS CB  HB3  sing N N 65  
CYS SG  HG   sing N N 66  
CYS OXT HXT  sing N N 67  
GLU N   CA   sing N N 68  
GLU N   H    sing N N 69  
GLU N   H2   sing N N 70  
GLU CA  C    sing N N 71  
GLU CA  CB   sing N N 72  
GLU CA  HA   sing N N 73  
GLU C   O    doub N N 74  
GLU C   OXT  sing N N 75  
GLU CB  CG   sing N N 76  
GLU CB  HB2  sing N N 77  
GLU CB  HB3  sing N N 78  
GLU CG  CD   sing N N 79  
GLU CG  HG2  sing N N 80  
GLU CG  HG3  sing N N 81  
GLU CD  OE1  doub N N 82  
GLU CD  OE2  sing N N 83  
GLU OE2 HE2  sing N N 84  
GLU OXT HXT  sing N N 85  
GLY N   CA   sing N N 86  
GLY N   H    sing N N 87  
GLY N   H2   sing N N 88  
GLY CA  C    sing N N 89  
GLY CA  HA2  sing N N 90  
GLY CA  HA3  sing N N 91  
GLY C   O    doub N N 92  
GLY C   OXT  sing N N 93  
GLY OXT HXT  sing N N 94  
HIS N   CA   sing N N 95  
HIS N   H    sing N N 96  
HIS N   H2   sing N N 97  
HIS CA  C    sing N N 98  
HIS CA  CB   sing N N 99  
HIS CA  HA   sing N N 100 
HIS C   O    doub N N 101 
HIS C   OXT  sing N N 102 
HIS CB  CG   sing N N 103 
HIS CB  HB2  sing N N 104 
HIS CB  HB3  sing N N 105 
HIS CG  ND1  sing Y N 106 
HIS CG  CD2  doub Y N 107 
HIS ND1 CE1  doub Y N 108 
HIS ND1 HD1  sing N N 109 
HIS CD2 NE2  sing Y N 110 
HIS CD2 HD2  sing N N 111 
HIS CE1 NE2  sing Y N 112 
HIS CE1 HE1  sing N N 113 
HIS NE2 HE2  sing N N 114 
HIS OXT HXT  sing N N 115 
HOH O   H1   sing N N 116 
HOH O   H2   sing N N 117 
ILE N   CA   sing N N 118 
ILE N   H    sing N N 119 
ILE N   H2   sing N N 120 
ILE CA  C    sing N N 121 
ILE CA  CB   sing N N 122 
ILE CA  HA   sing N N 123 
ILE C   O    doub N N 124 
ILE C   OXT  sing N N 125 
ILE CB  CG1  sing N N 126 
ILE CB  CG2  sing N N 127 
ILE CB  HB   sing N N 128 
ILE CG1 CD1  sing N N 129 
ILE CG1 HG12 sing N N 130 
ILE CG1 HG13 sing N N 131 
ILE CG2 HG21 sing N N 132 
ILE CG2 HG22 sing N N 133 
ILE CG2 HG23 sing N N 134 
ILE CD1 HD11 sing N N 135 
ILE CD1 HD12 sing N N 136 
ILE CD1 HD13 sing N N 137 
ILE OXT HXT  sing N N 138 
LEU N   CA   sing N N 139 
LEU N   H    sing N N 140 
LEU N   H2   sing N N 141 
LEU CA  C    sing N N 142 
LEU CA  CB   sing N N 143 
LEU CA  HA   sing N N 144 
LEU C   O    doub N N 145 
LEU C   OXT  sing N N 146 
LEU CB  CG   sing N N 147 
LEU CB  HB2  sing N N 148 
LEU CB  HB3  sing N N 149 
LEU CG  CD1  sing N N 150 
LEU CG  CD2  sing N N 151 
LEU CG  HG   sing N N 152 
LEU CD1 HD11 sing N N 153 
LEU CD1 HD12 sing N N 154 
LEU CD1 HD13 sing N N 155 
LEU CD2 HD21 sing N N 156 
LEU CD2 HD22 sing N N 157 
LEU CD2 HD23 sing N N 158 
LEU OXT HXT  sing N N 159 
MET N   CA   sing N N 160 
MET N   H    sing N N 161 
MET N   H2   sing N N 162 
MET CA  C    sing N N 163 
MET CA  CB   sing N N 164 
MET CA  HA   sing N N 165 
MET C   O    doub N N 166 
MET C   OXT  sing N N 167 
MET CB  CG   sing N N 168 
MET CB  HB2  sing N N 169 
MET CB  HB3  sing N N 170 
MET CG  SD   sing N N 171 
MET CG  HG2  sing N N 172 
MET CG  HG3  sing N N 173 
MET SD  CE   sing N N 174 
MET CE  HE1  sing N N 175 
MET CE  HE2  sing N N 176 
MET CE  HE3  sing N N 177 
MET OXT HXT  sing N N 178 
PHE N   CA   sing N N 179 
PHE N   H    sing N N 180 
PHE N   H2   sing N N 181 
PHE CA  C    sing N N 182 
PHE CA  CB   sing N N 183 
PHE CA  HA   sing N N 184 
PHE C   O    doub N N 185 
PHE C   OXT  sing N N 186 
PHE CB  CG   sing N N 187 
PHE CB  HB2  sing N N 188 
PHE CB  HB3  sing N N 189 
PHE CG  CD1  doub Y N 190 
PHE CG  CD2  sing Y N 191 
PHE CD1 CE1  sing Y N 192 
PHE CD1 HD1  sing N N 193 
PHE CD2 CE2  doub Y N 194 
PHE CD2 HD2  sing N N 195 
PHE CE1 CZ   doub Y N 196 
PHE CE1 HE1  sing N N 197 
PHE CE2 CZ   sing Y N 198 
PHE CE2 HE2  sing N N 199 
PHE CZ  HZ   sing N N 200 
PHE OXT HXT  sing N N 201 
SER N   CA   sing N N 202 
SER N   H    sing N N 203 
SER N   H2   sing N N 204 
SER CA  C    sing N N 205 
SER CA  CB   sing N N 206 
SER CA  HA   sing N N 207 
SER C   O    doub N N 208 
SER C   OXT  sing N N 209 
SER CB  OG   sing N N 210 
SER CB  HB2  sing N N 211 
SER CB  HB3  sing N N 212 
SER OG  HG   sing N N 213 
SER OXT HXT  sing N N 214 
THR N   CA   sing N N 215 
THR N   H    sing N N 216 
THR N   H2   sing N N 217 
THR CA  C    sing N N 218 
THR CA  CB   sing N N 219 
THR CA  HA   sing N N 220 
THR C   O    doub N N 221 
THR C   OXT  sing N N 222 
THR CB  OG1  sing N N 223 
THR CB  CG2  sing N N 224 
THR CB  HB   sing N N 225 
THR OG1 HG1  sing N N 226 
THR CG2 HG21 sing N N 227 
THR CG2 HG22 sing N N 228 
THR CG2 HG23 sing N N 229 
THR OXT HXT  sing N N 230 
TYR N   CA   sing N N 231 
TYR N   H    sing N N 232 
TYR N   H2   sing N N 233 
TYR CA  C    sing N N 234 
TYR CA  CB   sing N N 235 
TYR CA  HA   sing N N 236 
TYR C   O    doub N N 237 
TYR C   OXT  sing N N 238 
TYR CB  CG   sing N N 239 
TYR CB  HB2  sing N N 240 
TYR CB  HB3  sing N N 241 
TYR CG  CD1  doub Y N 242 
TYR CG  CD2  sing Y N 243 
TYR CD1 CE1  sing Y N 244 
TYR CD1 HD1  sing N N 245 
TYR CD2 CE2  doub Y N 246 
TYR CD2 HD2  sing N N 247 
TYR CE1 CZ   doub Y N 248 
TYR CE1 HE1  sing N N 249 
TYR CE2 CZ   sing Y N 250 
TYR CE2 HE2  sing N N 251 
TYR CZ  OH   sing N N 252 
TYR OH  HH   sing N N 253 
TYR OXT HXT  sing N N 254 
VAL N   CA   sing N N 255 
VAL N   H    sing N N 256 
VAL N   H2   sing N N 257 
VAL CA  C    sing N N 258 
VAL CA  CB   sing N N 259 
VAL CA  HA   sing N N 260 
VAL C   O    doub N N 261 
VAL C   OXT  sing N N 262 
VAL CB  CG1  sing N N 263 
VAL CB  CG2  sing N N 264 
VAL CB  HB   sing N N 265 
VAL CG1 HG11 sing N N 266 
VAL CG1 HG12 sing N N 267 
VAL CG1 HG13 sing N N 268 
VAL CG2 HG21 sing N N 269 
VAL CG2 HG22 sing N N 270 
VAL CG2 HG23 sing N N 271 
VAL OXT HXT  sing N N 272 
# 
_pdbx_initial_refinement_model.accession_code   ? 
_pdbx_initial_refinement_model.id               1 
_pdbx_initial_refinement_model.entity_id_list   ? 
_pdbx_initial_refinement_model.type             'experimental model' 
_pdbx_initial_refinement_model.source_name      Other 
_pdbx_initial_refinement_model.details          'Experimental phases' 
# 
_atom_sites.entry_id                    1ZMQ 
_atom_sites.fract_transf_matrix[1][1]   0.00877270 
_atom_sites.fract_transf_matrix[1][2]   0.01239845 
_atom_sites.fract_transf_matrix[1][3]   0.00537424 
_atom_sites.fract_transf_matrix[2][1]   -0.01335529 
_atom_sites.fract_transf_matrix[2][2]   0.00893146 
_atom_sites.fract_transf_matrix[2][3]   0.00119566 
_atom_sites.fract_transf_matrix[3][1]   -0.00087960 
_atom_sites.fract_transf_matrix[3][2]   -0.00218111 
_atom_sites.fract_transf_matrix[3][3]   0.00646769 
_atom_sites.fract_transf_vector[1]      0.397692 
_atom_sites.fract_transf_vector[2]      0.188370 
_atom_sites.fract_transf_vector[3]      0.338789 
# 
loop_
_atom_type.symbol 
C  
CL 
N  
O  
S  
# 
loop_
_atom_site.group_PDB 
_atom_site.id 
_atom_site.type_symbol 
_atom_site.label_atom_id 
_atom_site.label_alt_id 
_atom_site.label_comp_id 
_atom_site.label_asym_id 
_atom_site.label_entity_id 
_atom_site.label_seq_id 
_atom_site.pdbx_PDB_ins_code 
_atom_site.Cartn_x 
_atom_site.Cartn_y 
_atom_site.Cartn_z 
_atom_site.occupancy 
_atom_site.B_iso_or_equiv 
_atom_site.pdbx_formal_charge 
_atom_site.auth_seq_id 
_atom_site.auth_comp_id 
_atom_site.auth_asym_id 
_atom_site.auth_atom_id 
_atom_site.pdbx_PDB_model_num 
ATOM   1    N  N   . ALA A 1 1  ? 3.598   -6.029  5.415   1.00 26.61  ? 1   ALA A N   1 
ATOM   2    C  CA  . ALA A 1 1  ? 2.990   -4.778  4.901   1.00 29.79  ? 1   ALA A CA  1 
ATOM   3    C  C   . ALA A 1 1  ? 2.632   -4.975  3.438   1.00 29.37  ? 1   ALA A C   1 
ATOM   4    O  O   . ALA A 1 1  ? 3.016   -5.969  2.838   1.00 30.21  ? 1   ALA A O   1 
ATOM   5    C  CB  . ALA A 1 1  ? 3.979   -3.563  5.068   1.00 29.48  ? 1   ALA A CB  1 
ATOM   6    N  N   . PHE A 1 2  ? 1.883   -4.031  2.885   1.00 28.92  ? 2   PHE A N   1 
ATOM   7    C  CA  . PHE A 1 2  ? 1.557   -4.051  1.473   1.00 28.59  ? 2   PHE A CA  1 
ATOM   8    C  C   . PHE A 1 2  ? 2.020   -2.731  0.871   1.00 28.50  ? 2   PHE A C   1 
ATOM   9    O  O   . PHE A 1 2  ? 2.006   -1.696  1.535   1.00 28.89  ? 2   PHE A O   1 
ATOM   10   C  CB  . PHE A 1 2  ? 0.046   -4.196  1.258   1.00 28.16  ? 2   PHE A CB  1 
ATOM   11   C  CG  . PHE A 1 2  ? -0.573  -5.467  1.855   1.00 27.31  ? 2   PHE A CG  1 
ATOM   12   C  CD1 . PHE A 1 2  ? -0.604  -5.675  3.223   1.00 27.07  ? 2   PHE A CD1 1 
ATOM   13   C  CD2 . PHE A 1 2  ? -1.169  -6.410  1.037   1.00 27.13  ? 2   PHE A CD2 1 
ATOM   14   C  CE1 . PHE A 1 2  ? -1.205  -6.812  3.771   1.00 26.85  ? 2   PHE A CE1 1 
ATOM   15   C  CE2 . PHE A 1 2  ? -1.761  -7.561  1.583   1.00 26.71  ? 2   PHE A CE2 1 
ATOM   16   C  CZ  . PHE A 1 2  ? -1.783  -7.744  2.948   1.00 25.77  ? 2   PHE A CZ  1 
ATOM   17   N  N   . THR A 1 3  ? 2.415   -2.764  -0.389  1.00 29.16  ? 3   THR A N   1 
ATOM   18   C  CA  . THR A 1 3  ? 2.878   -1.561  -1.081  1.00 30.21  ? 3   THR A CA  1 
ATOM   19   C  C   . THR A 1 3  ? 2.062   -1.327  -2.323  1.00 29.88  ? 3   THR A C   1 
ATOM   20   O  O   . THR A 1 3  ? 1.829   -2.251  -3.087  1.00 27.92  ? 3   THR A O   1 
ATOM   21   C  CB  . THR A 1 3  ? 4.346   -1.692  -1.450  1.00 29.84  ? 3   THR A CB  1 
ATOM   22   O  OG1 . THR A 1 3  ? 5.054   -1.859  -0.230  1.00 31.17  ? 3   THR A OG1 1 
ATOM   23   C  CG2 . THR A 1 3  ? 4.920   -0.322  -1.990  1.00 30.19  ? 3   THR A CG2 1 
ATOM   24   N  N   . CYS A 1 4  ? 1.639   -0.079  -2.507  1.00 28.98  ? 4   CYS A N   1 
ATOM   25   C  CA  . CYS A 1 4  ? 0.825   0.283   -3.649  1.00 28.81  ? 4   CYS A CA  1 
ATOM   26   C  C   . CYS A 1 4  ? 1.477   1.443   -4.401  1.00 28.34  ? 4   CYS A C   1 
ATOM   27   O  O   . CYS A 1 4  ? 2.168   2.306   -3.809  1.00 26.20  ? 4   CYS A O   1 
ATOM   28   C  CB  . CYS A 1 4  ? -0.589  0.675   -3.193  1.00 30.35  ? 4   CYS A CB  1 
ATOM   29   S  SG  . CYS A 1 4  ? -1.439  -0.545  -2.126  1.00 32.52  ? 4   CYS A SG  1 
ATOM   30   N  N   . HIS A 1 5  ? 1.235   1.456   -5.708  1.00 27.69  ? 5   HIS A N   1 
ATOM   31   C  CA  . HIS A 1 5  ? 1.736   2.506   -6.593  1.00 29.58  ? 5   HIS A CA  1 
ATOM   32   C  C   . HIS A 1 5  ? 0.620   2.934   -7.526  1.00 28.68  ? 5   HIS A C   1 
ATOM   33   O  O   . HIS A 1 5  ? -0.208  2.110   -7.949  1.00 28.24  ? 5   HIS A O   1 
ATOM   34   C  CB  . HIS A 1 5  ? 2.915   2.009   -7.439  1.00 28.45  ? 5   HIS A CB  1 
ATOM   35   C  CG  . HIS A 1 5  ? 4.159   1.709   -6.654  1.00 29.46  ? 5   HIS A CG  1 
ATOM   36   N  ND1 . HIS A 1 5  ? 4.372   0.500   -6.013  1.00 29.68  ? 5   HIS A ND1 1 
ATOM   37   C  CD2 . HIS A 1 5  ? 5.281   2.443   -6.450  1.00 29.06  ? 5   HIS A CD2 1 
ATOM   38   C  CE1 . HIS A 1 5  ? 5.566   0.512   -5.439  1.00 29.00  ? 5   HIS A CE1 1 
ATOM   39   N  NE2 . HIS A 1 5  ? 6.129   1.684   -5.677  1.00 29.79  ? 5   HIS A NE2 1 
ATOM   40   N  N   . CYS A 1 6  ? 0.570   4.227   -7.825  1.00 27.98  ? 6   CYS A N   1 
ATOM   41   C  CA  . CYS A 1 6  ? -0.347  4.732   -8.850  1.00 29.05  ? 6   CYS A CA  1 
ATOM   42   C  C   . CYS A 1 6  ? 0.330   4.492   -10.173 1.00 29.65  ? 6   CYS A C   1 
ATOM   43   O  O   . CYS A 1 6  ? 1.478   4.888   -10.351 1.00 31.09  ? 6   CYS A O   1 
ATOM   44   C  CB  . CYS A 1 6  ? -0.586  6.217   -8.644  1.00 29.93  ? 6   CYS A CB  1 
ATOM   45   S  SG  . CYS A 1 6  ? -1.359  6.578   -7.061  1.00 30.12  ? 6   CYS A SG  1 
ATOM   46   N  N   . ARG A 1 7  ? -0.339  3.781   -11.077 1.00 30.90  ? 7   ARG A N   1 
ATOM   47   C  CA  . ARG A 1 7  ? 0.243   3.420   -12.371 1.00 31.31  ? 7   ARG A CA  1 
ATOM   48   C  C   . ARG A 1 7  ? -0.856  3.480   -13.413 1.00 32.02  ? 7   ARG A C   1 
ATOM   49   O  O   . ARG A 1 7  ? -2.014  3.225   -13.118 1.00 32.51  ? 7   ARG A O   1 
ATOM   50   C  CB  . ARG A 1 7  ? 0.800   1.985   -12.397 1.00 30.48  ? 7   ARG A CB  1 
ATOM   51   C  CG  . ARG A 1 7  ? 1.772   1.563   -11.282 1.00 29.72  ? 7   ARG A CG  1 
ATOM   52   C  CD  . ARG A 1 7  ? 2.449   0.235   -11.636 1.00 30.01  ? 7   ARG A CD  1 
ATOM   53   N  NE  . ARG A 1 7  ? 3.165   -0.356  -10.519 1.00 29.94  ? 7   ARG A NE  1 
ATOM   54   C  CZ  . ARG A 1 7  ? 4.341   0.087   -10.086 1.00 29.64  ? 7   ARG A CZ  1 
ATOM   55   N  NH1 . ARG A 1 7  ? 4.919   1.134   -10.678 1.00 28.59  ? 7   ARG A NH1 1 
ATOM   56   N  NH2 . ARG A 1 7  ? 4.934   -0.509  -9.066  1.00 28.00  ? 7   ARG A NH2 1 
ATOM   57   N  N   . ARG A 1 8  ? -0.497  3.786   -14.647 1.00 33.77  ? 8   ARG A N   1 
ATOM   58   C  CA  . ARG A 1 8  ? -1.498  3.734   -15.707 1.00 35.60  ? 8   ARG A CA  1 
ATOM   59   C  C   . ARG A 1 8  ? -1.945  2.295   -15.964 1.00 35.57  ? 8   ARG A C   1 
ATOM   60   O  O   . ARG A 1 8  ? -3.112  2.051   -16.294 1.00 36.01  ? 8   ARG A O   1 
ATOM   61   C  CB  . ARG A 1 8  ? -0.985  4.438   -16.963 1.00 37.15  ? 8   ARG A CB  1 
ATOM   62   C  CG  . ARG A 1 8  ? -1.012  5.947   -16.735 1.00 40.39  ? 8   ARG A CG  1 
ATOM   63   C  CD  . ARG A 1 8  ? -0.652  6.791   -17.922 1.00 42.86  ? 8   ARG A CD  1 
ATOM   64   N  NE  . ARG A 1 8  ? 0.755   6.576   -18.253 1.00 44.49  ? 8   ARG A NE  1 
ATOM   65   C  CZ  . ARG A 1 8  ? 1.175   5.974   -19.357 1.00 44.92  ? 8   ARG A CZ  1 
ATOM   66   N  NH1 . ARG A 1 8  ? 0.286   5.525   -20.249 1.00 43.79  ? 8   ARG A NH1 1 
ATOM   67   N  NH2 . ARG A 1 8  ? 2.489   5.828   -19.566 1.00 45.70  ? 8   ARG A NH2 1 
ATOM   68   N  N   . SER A 1 9  ? -1.015  1.363   -15.762 1.00 34.97  ? 9   SER A N   1 
ATOM   69   C  CA  . SER A 1 9  ? -1.269  -0.072  -15.835 1.00 37.36  ? 9   SER A CA  1 
ATOM   70   C  C   . SER A 1 9  ? -0.568  -0.828  -14.737 1.00 36.28  ? 9   SER A C   1 
ATOM   71   O  O   . SER A 1 9  ? 0.648   -0.725  -14.600 1.00 35.30  ? 9   SER A O   1 
ATOM   72   C  CB  . SER A 1 9  ? -0.711  -0.645  -17.133 1.00 38.69  ? 9   SER A CB  1 
ATOM   73   O  OG  . SER A 1 9  ? -1.634  -0.448  -18.152 1.00 41.78  ? 9   SER A OG  1 
ATOM   74   N  N   . CYS A 1 10 ? -1.316  -1.652  -14.011 1.00 36.74  ? 10  CYS A N   1 
ATOM   75   C  CA  . CYS A 1 10 ? -0.701  -2.467  -12.968 1.00 38.21  ? 10  CYS A CA  1 
ATOM   76   C  C   . CYS A 1 10 ? 0.235   -3.491  -13.597 1.00 39.54  ? 10  CYS A C   1 
ATOM   77   O  O   . CYS A 1 10 ? 0.034   -3.899  -14.733 1.00 40.04  ? 10  CYS A O   1 
ATOM   78   C  CB  . CYS A 1 10 ? -1.763  -3.143  -12.096 1.00 36.97  ? 10  CYS A CB  1 
ATOM   79   S  SG  . CYS A 1 10 ? -2.819  -1.923  -11.322 1.00 36.54  ? 10  CYS A SG  1 
ATOM   80   N  N   . TYR A 1 11 ? 1.279   -3.866  -12.867 1.00 40.85  ? 11  TYR A N   1 
ATOM   81   C  CA  . TYR A 1 11 ? 2.132   -4.969  -13.267 1.00 42.10  ? 11  TYR A CA  1 
ATOM   82   C  C   . TYR A 1 11 ? 1.315   -6.258  -13.146 1.00 42.23  ? 11  TYR A C   1 
ATOM   83   O  O   . TYR A 1 11 ? 0.310   -6.299  -12.429 1.00 41.13  ? 11  TYR A O   1 
ATOM   84   C  CB  . TYR A 1 11 ? 3.332   -5.073  -12.327 1.00 43.64  ? 11  TYR A CB  1 
ATOM   85   C  CG  . TYR A 1 11 ? 4.330   -3.919  -12.315 1.00 45.25  ? 11  TYR A CG  1 
ATOM   86   C  CD1 . TYR A 1 11 ? 4.290   -2.890  -13.260 1.00 45.75  ? 11  TYR A CD1 1 
ATOM   87   C  CD2 . TYR A 1 11 ? 5.339   -3.882  -11.341 1.00 46.30  ? 11  TYR A CD2 1 
ATOM   88   C  CE1 . TYR A 1 11 ? 5.237   -1.846  -13.228 1.00 46.51  ? 11  TYR A CE1 1 
ATOM   89   C  CE2 . TYR A 1 11 ? 6.278   -2.857  -11.301 1.00 46.56  ? 11  TYR A CE2 1 
ATOM   90   C  CZ  . TYR A 1 11 ? 6.231   -1.848  -12.244 1.00 47.04  ? 11  TYR A CZ  1 
ATOM   91   O  OH  . TYR A 1 11 ? 7.186   -0.842  -12.169 1.00 48.42  ? 11  TYR A OH  1 
ATOM   92   N  N   . SER A 1 12 ? 1.751   -7.316  -13.825 1.00 42.02  ? 12  SER A N   1 
ATOM   93   C  CA  . SER A 1 12 ? 1.062   -8.602  -13.746 1.00 41.88  ? 12  SER A CA  1 
ATOM   94   C  C   . SER A 1 12 ? 1.007   -9.169  -12.315 1.00 41.43  ? 12  SER A C   1 
ATOM   95   O  O   . SER A 1 12 ? 0.111   -9.941  -11.965 1.00 41.24  ? 12  SER A O   1 
ATOM   96   C  CB  . SER A 1 12 ? 1.727   -9.610  -14.696 1.00 42.59  ? 12  SER A CB  1 
ATOM   97   O  OG  . SER A 1 12 ? 3.109   -9.753  -14.403 1.00 42.50  ? 12  SER A OG  1 
ATOM   98   N  N   . THR A 1 13 ? 1.977   -8.800  -11.486 1.00 40.80  ? 13  THR A N   1 
ATOM   99   C  CA  . THR A 1 13 ? 2.016   -9.293  -10.118 1.00 40.09  ? 13  THR A CA  1 
ATOM   100  C  C   . THR A 1 13 ? 1.183   -8.432  -9.147  1.00 39.03  ? 13  THR A C   1 
ATOM   101  O  O   . THR A 1 13 ? 1.112   -8.747  -7.968  1.00 39.76  ? 13  THR A O   1 
ATOM   102  C  CB  . THR A 1 13 ? 3.471   -9.361  -9.619  1.00 41.36  ? 13  THR A CB  1 
ATOM   103  O  OG1 . THR A 1 13 ? 4.091   -8.068  -9.750  1.00 43.31  ? 13  THR A OG1 1 
ATOM   104  C  CG2 . THR A 1 13 ? 4.333   -10.256 -10.518 1.00 41.11  ? 13  THR A CG2 1 
ATOM   105  N  N   . GLU A 1 14 ? 0.556   -7.359  -9.632  1.00 36.96  ? 14  GLU A N   1 
ATOM   106  C  CA  . GLU A 1 14 ? -0.130  -6.399  -8.766  1.00 35.24  ? 14  GLU A CA  1 
ATOM   107  C  C   . GLU A 1 14 ? -1.625  -6.557  -8.915  1.00 35.27  ? 14  GLU A C   1 
ATOM   108  O  O   . GLU A 1 14 ? -2.081  -7.051  -9.934  1.00 35.63  ? 14  GLU A O   1 
ATOM   109  C  CB  . GLU A 1 14 ? 0.273   -4.944  -9.110  1.00 34.76  ? 14  GLU A CB  1 
ATOM   110  C  CG  . GLU A 1 14 ? 1.627   -4.529  -8.561  1.00 34.21  ? 14  GLU A CG  1 
ATOM   111  C  CD  . GLU A 1 14 ? 2.180   -3.238  -9.157  1.00 35.41  ? 14  GLU A CD  1 
ATOM   112  O  OE1 . GLU A 1 14 ? 1.686   -2.773  -10.218 1.00 33.89  ? 14  GLU A OE1 1 
ATOM   113  O  OE2 . GLU A 1 14 ? 3.121   -2.669  -8.536  1.00 35.87  ? 14  GLU A OE2 1 
ATOM   114  N  N   . TYR A 1 15 ? -2.381  -6.147  -7.897  1.00 34.54  ? 15  TYR A N   1 
ATOM   115  C  CA  . TYR A 1 15 ? -3.837  -6.106  -7.963  1.00 33.52  ? 15  TYR A CA  1 
ATOM   116  C  C   . TYR A 1 15 ? -4.301  -4.656  -8.099  1.00 33.66  ? 15  TYR A C   1 
ATOM   117  O  O   . TYR A 1 15 ? -3.837  -3.760  -7.374  1.00 31.35  ? 15  TYR A O   1 
ATOM   118  C  CB  . TYR A 1 15 ? -4.446  -6.723  -6.704  1.00 34.60  ? 15  TYR A CB  1 
ATOM   119  C  CG  . TYR A 1 15 ? -5.957  -6.633  -6.624  1.00 35.64  ? 15  TYR A CG  1 
ATOM   120  C  CD1 . TYR A 1 15 ? -6.774  -7.563  -7.278  1.00 37.00  ? 15  TYR A CD1 1 
ATOM   121  C  CD2 . TYR A 1 15 ? -6.564  -5.626  -5.883  1.00 36.31  ? 15  TYR A CD2 1 
ATOM   122  C  CE1 . TYR A 1 15 ? -8.163  -7.476  -7.198  1.00 37.77  ? 15  TYR A CE1 1 
ATOM   123  C  CE2 . TYR A 1 15 ? -7.939  -5.518  -5.807  1.00 37.27  ? 15  TYR A CE2 1 
ATOM   124  C  CZ  . TYR A 1 15 ? -8.735  -6.445  -6.454  1.00 38.63  ? 15  TYR A CZ  1 
ATOM   125  O  OH  . TYR A 1 15 ? -10.111 -6.321  -6.352  1.00 40.78  ? 15  TYR A OH  1 
ATOM   126  N  N   . SER A 1 16 ? -5.230  -4.444  -9.022  1.00 33.79  ? 16  SER A N   1 
ATOM   127  C  CA  . SER A 1 16 ? -5.774  -3.131  -9.314  1.00 34.36  ? 16  SER A CA  1 
ATOM   128  C  C   . SER A 1 16 ? -6.850  -2.797  -8.287  1.00 34.90  ? 16  SER A C   1 
ATOM   129  O  O   . SER A 1 16 ? -7.935  -3.337  -8.326  1.00 33.82  ? 16  SER A O   1 
ATOM   130  C  CB  . SER A 1 16 ? -6.350  -3.101  -10.742 1.00 34.46  ? 16  SER A CB  1 
ATOM   131  O  OG  . SER A 1 16 ? -6.803  -1.797  -11.079 1.00 35.43  ? 16  SER A OG  1 
ATOM   132  N  N   . TYR A 1 17 ? -6.548  -1.881  -7.375  1.00 35.96  ? 17  TYR A N   1 
ATOM   133  C  CA  . TYR A 1 17 ? -7.420  -1.661  -6.232  1.00 35.91  ? 17  TYR A CA  1 
ATOM   134  C  C   . TYR A 1 17 ? -7.989  -0.250  -6.236  1.00 36.51  ? 17  TYR A C   1 
ATOM   135  O  O   . TYR A 1 17 ? -7.781  0.522   -5.310  1.00 38.13  ? 17  TYR A O   1 
ATOM   136  C  CB  . TYR A 1 17 ? -6.620  -1.935  -4.959  1.00 36.96  ? 17  TYR A CB  1 
ATOM   137  C  CG  . TYR A 1 17 ? -7.441  -2.134  -3.724  1.00 39.13  ? 17  TYR A CG  1 
ATOM   138  C  CD1 . TYR A 1 17 ? -8.846  -2.017  -3.732  1.00 40.95  ? 17  TYR A CD1 1 
ATOM   139  C  CD2 . TYR A 1 17 ? -6.831  -2.428  -2.540  1.00 39.79  ? 17  TYR A CD2 1 
ATOM   140  C  CE1 . TYR A 1 17 ? -9.585  -2.198  -2.538  1.00 41.54  ? 17  TYR A CE1 1 
ATOM   141  C  CE2 . TYR A 1 17 ? -7.547  -2.611  -1.371  1.00 40.35  ? 17  TYR A CE2 1 
ATOM   142  C  CZ  . TYR A 1 17 ? -8.897  -2.496  -1.356  1.00 40.45  ? 17  TYR A CZ  1 
ATOM   143  O  OH  . TYR A 1 17 ? -9.518  -2.690  -0.142  1.00 40.32  ? 17  TYR A OH  1 
ATOM   144  N  N   . GLY A 1 18 ? -8.699  0.116   -7.288  1.00 37.00  ? 18  GLY A N   1 
ATOM   145  C  CA  . GLY A 1 18 ? -9.352  1.413   -7.296  1.00 35.45  ? 18  GLY A CA  1 
ATOM   146  C  C   . GLY A 1 18 ? -8.514  2.428   -8.035  1.00 35.91  ? 18  GLY A C   1 
ATOM   147  O  O   . GLY A 1 18 ? -7.455  2.115   -8.564  1.00 34.94  ? 18  GLY A O   1 
ATOM   148  N  N   . THR A 1 19 ? -9.010  3.651   -8.086  1.00 35.56  ? 19  THR A N   1 
ATOM   149  C  CA  . THR A 1 19 ? -8.407  4.670   -8.889  1.00 37.72  ? 19  THR A CA  1 
ATOM   150  C  C   . THR A 1 19 ? -7.492  5.609   -8.073  1.00 36.93  ? 19  THR A C   1 
ATOM   151  O  O   . THR A 1 19 ? -7.747  5.937   -6.901  1.00 36.31  ? 19  THR A O   1 
ATOM   152  C  CB  . THR A 1 19 ? -9.506  5.492   -9.538  1.00 39.67  ? 19  THR A CB  1 
ATOM   153  O  OG1 . THR A 1 19 ? -10.257 6.099   -8.496  1.00 43.12  ? 19  THR A OG1 1 
ATOM   154  C  CG2 . THR A 1 19 ? -10.561 4.611   -10.184 1.00 40.58  ? 19  THR A CG2 1 
ATOM   155  N  N   . CYS A 1 20 ? -6.440  6.053   -8.732  1.00 34.20  ? 20  CYS A N   1 
ATOM   156  C  CA  . CYS A 1 20 ? -5.545  7.019   -8.161  1.00 33.87  ? 20  CYS A CA  1 
ATOM   157  C  C   . CYS A 1 20 ? -5.492  8.192   -9.133  1.00 33.22  ? 20  CYS A C   1 
ATOM   158  O  O   . CYS A 1 20 ? -5.264  7.998   -10.337 1.00 34.53  ? 20  CYS A O   1 
ATOM   159  C  CB  . CYS A 1 20 ? -4.158  6.400   -8.032  1.00 32.68  ? 20  CYS A CB  1 
ATOM   160  S  SG  . CYS A 1 20 ? -2.999  7.657   -7.463  1.00 33.61  ? 20  CYS A SG  1 
ATOM   161  N  N   . THR A 1 21 ? -5.709  9.398   -8.645  1.00 31.00  ? 21  THR A N   1 
ATOM   162  C  CA  . THR A 1 21 ? -5.640  10.546  -9.543  1.00 31.72  ? 21  THR A CA  1 
ATOM   163  C  C   . THR A 1 21 ? -4.271  11.186  -9.433  1.00 31.42  ? 21  THR A C   1 
ATOM   164  O  O   . THR A 1 21 ? -3.909  11.663  -8.341  1.00 32.22  ? 21  THR A O   1 
ATOM   165  C  CB  . THR A 1 21 ? -6.764  11.555  -9.238  1.00 31.48  ? 21  THR A CB  1 
ATOM   166  O  OG1 . THR A 1 21 ? -8.025  10.904  -9.443  1.00 33.74  ? 21  THR A OG1 1 
ATOM   167  C  CG2 . THR A 1 21 ? -6.813  12.637  -10.290 1.00 32.18  ? 21  THR A CG2 1 
ATOM   168  N  N   . VAL A 1 22 ? -3.504  11.161  -10.530 1.00 29.93  ? 22  VAL A N   1 
ATOM   169  C  CA  . VAL A 1 22 ? -2.155  11.745  -10.554 1.00 29.33  ? 22  VAL A CA  1 
ATOM   170  C  C   . VAL A 1 22 ? -2.049  12.962  -11.472 1.00 29.06  ? 22  VAL A C   1 
ATOM   171  O  O   . VAL A 1 22 ? -2.213  12.848  -12.668 1.00 28.77  ? 22  VAL A O   1 
ATOM   172  C  CB  . VAL A 1 22 ? -1.078  10.691  -10.990 1.00 29.56  ? 22  VAL A CB  1 
ATOM   173  C  CG1 . VAL A 1 22 ? 0.296   11.354  -11.117 1.00 29.17  ? 22  VAL A CG1 1 
ATOM   174  C  CG2 . VAL A 1 22 ? -1.010  9.547   -9.975  1.00 28.54  ? 22  VAL A CG2 1 
ATOM   175  N  N   . MET A 1 23 ? -1.745  14.129  -10.922 1.00 29.07  ? 23  MET A N   1 
ATOM   176  C  CA  . MET A 1 23 ? -1.704  15.351  -11.730 1.00 29.22  ? 23  MET A CA  1 
ATOM   177  C  C   . MET A 1 23 ? -2.993  15.492  -12.508 1.00 29.67  ? 23  MET A C   1 
ATOM   178  O  O   . MET A 1 23 ? -2.973  15.893  -13.664 1.00 28.53  ? 23  MET A O   1 
ATOM   179  C  CB  . MET A 1 23 ? -0.517  15.335  -12.716 1.00 28.77  ? 23  MET A CB  1 
ATOM   180  C  CG  . MET A 1 23 ? 0.841   15.318  -12.027 1.00 29.66  ? 23  MET A CG  1 
ATOM   181  S  SD  . MET A 1 23 ? 1.220   16.887  -11.145 1.00 29.51  ? 23  MET A SD  1 
ATOM   182  C  CE  . MET A 1 23 ? 1.134   18.165  -12.459 1.00 30.29  ? 23  MET A CE  1 
ATOM   183  N  N   . GLY A 1 24 ? -4.114  15.143  -11.885 1.00 31.66  ? 24  GLY A N   1 
ATOM   184  C  CA  . GLY A 1 24 ? -5.413  15.267  -12.538 1.00 32.21  ? 24  GLY A CA  1 
ATOM   185  C  C   . GLY A 1 24 ? -5.739  14.099  -13.471 1.00 33.06  ? 24  GLY A C   1 
ATOM   186  O  O   . GLY A 1 24 ? -6.784  14.100  -14.086 1.00 35.34  ? 24  GLY A O   1 
ATOM   187  N  N   . ILE A 1 25 ? -4.861  13.102  -13.575 1.00 33.36  ? 25  ILE A N   1 
ATOM   188  C  CA  . ILE A 1 25 ? -5.041  12.006  -14.535 1.00 33.53  ? 25  ILE A CA  1 
ATOM   189  C  C   . ILE A 1 25 ? -5.389  10.686  -13.840 1.00 34.62  ? 25  ILE A C   1 
ATOM   190  O  O   . ILE A 1 25 ? -4.711  10.250  -12.909 1.00 34.05  ? 25  ILE A O   1 
ATOM   191  C  CB  . ILE A 1 25 ? -3.765  11.803  -15.406 1.00 33.01  ? 25  ILE A CB  1 
ATOM   192  C  CG1 . ILE A 1 25 ? -3.422  13.090  -16.170 1.00 33.29  ? 25  ILE A CG1 1 
ATOM   193  C  CG2 . ILE A 1 25 ? -3.971  10.666  -16.385 1.00 31.48  ? 25  ILE A CG2 1 
ATOM   194  C  CD1 . ILE A 1 25 ? -2.006  13.132  -16.608 1.00 35.04  ? 25  ILE A CD1 1 
ATOM   195  N  N   . ASN A 1 26 ? -6.440  10.049  -14.328 1.00 34.83  ? 26  ASN A N   1 
ATOM   196  C  CA  . ASN A 1 26 ? -6.908  8.757   -13.814 1.00 35.77  ? 26  ASN A CA  1 
ATOM   197  C  C   . ASN A 1 26 ? -5.850  7.660   -13.968 1.00 33.52  ? 26  ASN A C   1 
ATOM   198  O  O   . ASN A 1 26 ? -5.466  7.328   -15.087 1.00 32.91  ? 26  ASN A O   1 
ATOM   199  C  CB  . ASN A 1 26 ? -8.211  8.403   -14.551 1.00 38.46  ? 26  ASN A CB  1 
ATOM   200  C  CG  . ASN A 1 26 ? -8.840  7.108   -14.075 1.00 42.13  ? 26  ASN A CG  1 
ATOM   201  O  OD1 . ASN A 1 26 ? -8.192  6.041   -13.983 1.00 43.80  ? 26  ASN A OD1 1 
ATOM   202  N  ND2 . ASN A 1 26 ? -10.131 7.174   -13.805 1.00 43.83  ? 26  ASN A ND2 1 
ATOM   203  N  N   . HIS A 1 27 ? -5.358  7.126   -12.848 1.00 31.91  ? 27  HIS A N   1 
ATOM   204  C  CA  . HIS A 1 27 ? -4.434  5.989   -12.846 1.00 31.24  ? 27  HIS A CA  1 
ATOM   205  C  C   . HIS A 1 27 ? -5.083  4.865   -12.023 1.00 31.03  ? 27  HIS A C   1 
ATOM   206  O  O   . HIS A 1 27 ? -6.084  5.086   -11.359 1.00 29.98  ? 27  HIS A O   1 
ATOM   207  C  CB  . HIS A 1 27 ? -3.106  6.367   -12.147 1.00 32.26  ? 27  HIS A CB  1 
ATOM   208  C  CG  . HIS A 1 27 ? -2.228  7.284   -12.945 1.00 32.20  ? 27  HIS A CG  1 
ATOM   209  N  ND1 . HIS A 1 27 ? -2.657  8.506   -13.407 1.00 31.38  ? 27  HIS A ND1 1 
ATOM   210  C  CD2 . HIS A 1 27 ? -0.943  7.155   -13.356 1.00 32.26  ? 27  HIS A CD2 1 
ATOM   211  C  CE1 . HIS A 1 27 ? -1.680  9.090   -14.080 1.00 32.84  ? 27  HIS A CE1 1 
ATOM   212  N  NE2 . HIS A 1 27 ? -0.631  8.286   -14.074 1.00 33.11  ? 27  HIS A NE2 1 
ATOM   213  N  N   . ARG A 1 28 ? -4.481  3.680   -12.040 1.00 30.91  ? 28  ARG A N   1 
ATOM   214  C  CA  . ARG A 1 28 ? -4.865  2.592   -11.143 1.00 31.23  ? 28  ARG A CA  1 
ATOM   215  C  C   . ARG A 1 28 ? -4.017  2.699   -9.884  1.00 30.68  ? 28  ARG A C   1 
ATOM   216  O  O   . ARG A 1 28 ? -2.876  3.152   -9.938  1.00 29.53  ? 28  ARG A O   1 
ATOM   217  C  CB  . ARG A 1 28 ? -4.610  1.234   -11.793 1.00 32.92  ? 28  ARG A CB  1 
ATOM   218  C  CG  . ARG A 1 28 ? -5.537  0.928   -12.997 1.00 34.90  ? 28  ARG A CG  1 
ATOM   219  C  CD  . ARG A 1 28 ? -7.015  0.933   -12.600 1.00 38.29  ? 28  ARG A CD  1 
ATOM   220  N  NE  . ARG A 1 28 ? -7.655  2.247   -12.783 1.00 41.27  ? 28  ARG A NE  1 
ATOM   221  C  CZ  . ARG A 1 28 ? -8.801  2.643   -12.190 1.00 41.90  ? 28  ARG A CZ  1 
ATOM   222  N  NH1 . ARG A 1 28 ? -9.454  1.837   -11.348 1.00 42.60  ? 28  ARG A NH1 1 
ATOM   223  N  NH2 . ARG A 1 28 ? -9.287  3.861   -12.440 1.00 41.19  ? 28  ARG A NH2 1 
ATOM   224  N  N   . PHE A 1 29 ? -4.601  2.295   -8.766  1.00 28.91  ? 29  PHE A N   1 
ATOM   225  C  CA  . PHE A 1 29 ? -3.907  2.119   -7.508  1.00 29.54  ? 29  PHE A CA  1 
ATOM   226  C  C   . PHE A 1 29 ? -3.541  0.639   -7.431  1.00 29.87  ? 29  PHE A C   1 
ATOM   227  O  O   . PHE A 1 29 ? -4.410  -0.196  -7.136  1.00 30.01  ? 29  PHE A O   1 
ATOM   228  C  CB  . PHE A 1 29 ? -4.865  2.479   -6.383  1.00 29.10  ? 29  PHE A CB  1 
ATOM   229  C  CG  . PHE A 1 29 ? -4.241  2.531   -5.007  1.00 29.66  ? 29  PHE A CG  1 
ATOM   230  C  CD1 . PHE A 1 29 ? -3.190  3.396   -4.724  1.00 30.03  ? 29  PHE A CD1 1 
ATOM   231  C  CD2 . PHE A 1 29 ? -4.778  1.769   -3.968  1.00 28.88  ? 29  PHE A CD2 1 
ATOM   232  C  CE1 . PHE A 1 29 ? -2.671  3.482   -3.447  1.00 28.99  ? 29  PHE A CE1 1 
ATOM   233  C  CE2 . PHE A 1 29 ? -4.257  1.845   -2.672  1.00 28.88  ? 29  PHE A CE2 1 
ATOM   234  C  CZ  . PHE A 1 29 ? -3.197  2.691   -2.419  1.00 29.47  ? 29  PHE A CZ  1 
ATOM   235  N  N   . CYS A 1 30 ? -2.267  0.336   -7.682  1.00 29.39  ? 30  CYS A N   1 
ATOM   236  C  CA  . CYS A 1 30 ? -1.789  -1.029  -7.901  1.00 31.00  ? 30  CYS A CA  1 
ATOM   237  C  C   . CYS A 1 30 ? -1.032  -1.520  -6.687  1.00 31.24  ? 30  CYS A C   1 
ATOM   238  O  O   . CYS A 1 30 ? -0.001  -0.935  -6.335  1.00 31.17  ? 30  CYS A O   1 
ATOM   239  C  CB  . CYS A 1 30 ? -0.849  -1.065  -9.104  1.00 31.00  ? 30  CYS A CB  1 
ATOM   240  S  SG  . CYS A 1 30 ? -1.618  -0.406  -10.600 1.00 32.05  ? 30  CYS A SG  1 
ATOM   241  N  N   . CYS A 1 31 ? -1.533  -2.590  -6.062  1.00 30.33  ? 31  CYS A N   1 
ATOM   242  C  CA  . CYS A 1 31 ? -1.002  -3.061  -4.782  1.00 31.46  ? 31  CYS A CA  1 
ATOM   243  C  C   . CYS A 1 31 ? -0.444  -4.462  -4.874  1.00 33.25  ? 31  CYS A C   1 
ATOM   244  O  O   . CYS A 1 31 ? -0.950  -5.297  -5.647  1.00 31.91  ? 31  CYS A O   1 
ATOM   245  C  CB  . CYS A 1 31 ? -2.111  -3.066  -3.724  1.00 32.16  ? 31  CYS A CB  1 
ATOM   246  S  SG  . CYS A 1 31 ? -2.822  -1.452  -3.362  1.00 32.72  ? 31  CYS A SG  1 
ATOM   247  N  N   . LEU A 1 32 ? 0.582   -4.749  -4.077  1.00 33.49  ? 32  LEU A N   1 
ATOM   248  C  CA  . LEU A 1 32 ? 1.043   -6.127  -3.996  1.00 35.52  ? 32  LEU A CA  1 
ATOM   249  C  C   . LEU A 1 32 ? 1.536   -6.484  -2.590  1.00 35.37  ? 32  LEU A C   1 
ATOM   250  O  O   . LEU A 1 32 ? 1.783   -5.601  -1.739  1.00 33.61  ? 32  LEU A O   1 
ATOM   251  C  CB  . LEU A 1 32 ? 2.114   -6.414  -5.049  1.00 38.85  ? 32  LEU A CB  1 
ATOM   252  C  CG  . LEU A 1 32 ? 3.575   -6.183  -4.643  1.00 41.27  ? 32  LEU A CG  1 
ATOM   253  C  CD1 . LEU A 1 32 ? 4.540   -6.514  -5.783  1.00 41.95  ? 32  LEU A CD1 1 
ATOM   254  C  CD2 . LEU A 1 32 ? 3.757   -4.757  -4.219  1.00 41.38  ? 32  LEU A CD2 1 
ATOM   255  O  OXT . LEU A 1 32 ? 1.671   -7.674  -2.341  1.00 35.44  ? 32  LEU A OXT 1 
ATOM   256  N  N   . ALA B 1 1  ? 16.244  14.742  -17.887 1.00 27.26  ? 1   ALA B N   1 
ATOM   257  C  CA  . ALA B 1 1  ? 15.168  13.832  -17.415 1.00 27.80  ? 1   ALA B CA  1 
ATOM   258  C  C   . ALA B 1 1  ? 14.771  14.215  -15.992 1.00 27.84  ? 1   ALA B C   1 
ATOM   259  O  O   . ALA B 1 1  ? 15.469  14.983  -15.318 1.00 28.08  ? 1   ALA B O   1 
ATOM   260  C  CB  . ALA B 1 1  ? 15.634  12.366  -17.477 1.00 27.80  ? 1   ALA B CB  1 
ATOM   261  N  N   . PHE B 1 2  ? 13.644  13.673  -15.543 1.00 27.95  ? 2   PHE B N   1 
ATOM   262  C  CA  . PHE B 1 2  ? 13.157  13.893  -14.197 1.00 26.25  ? 2   PHE B CA  1 
ATOM   263  C  C   . PHE B 1 2  ? 12.645  12.572  -13.691 1.00 27.55  ? 2   PHE B C   1 
ATOM   264  O  O   . PHE B 1 2  ? 12.080  11.765  -14.456 1.00 28.98  ? 2   PHE B O   1 
ATOM   265  C  CB  . PHE B 1 2  ? 12.009  14.902  -14.211 1.00 26.32  ? 2   PHE B CB  1 
ATOM   266  C  CG  . PHE B 1 2  ? 12.405  16.262  -14.712 1.00 26.45  ? 2   PHE B CG  1 
ATOM   267  C  CD1 . PHE B 1 2  ? 12.400  16.541  -16.075 1.00 25.85  ? 2   PHE B CD1 1 
ATOM   268  C  CD2 . PHE B 1 2  ? 12.773  17.263  -13.824 1.00 27.33  ? 2   PHE B CD2 1 
ATOM   269  C  CE1 . PHE B 1 2  ? 12.788  17.802  -16.548 1.00 26.85  ? 2   PHE B CE1 1 
ATOM   270  C  CE2 . PHE B 1 2  ? 13.191  18.519  -14.296 1.00 26.94  ? 2   PHE B CE2 1 
ATOM   271  C  CZ  . PHE B 1 2  ? 13.196  18.787  -15.643 1.00 26.82  ? 2   PHE B CZ  1 
ATOM   272  N  N   . THR B 1 3  ? 12.809  12.348  -12.396 1.00 28.01  ? 3   THR B N   1 
ATOM   273  C  CA  . THR B 1 3  ? 12.243  11.176  -11.754 1.00 29.13  ? 3   THR B CA  1 
ATOM   274  C  C   . THR B 1 3  ? 11.292  11.670  -10.681 1.00 28.02  ? 3   THR B C   1 
ATOM   275  O  O   . THR B 1 3  ? 11.641  12.549  -9.892  1.00 29.07  ? 3   THR B O   1 
ATOM   276  C  CB  . THR B 1 3  ? 13.380  10.291  -11.160 1.00 30.29  ? 3   THR B CB  1 
ATOM   277  O  OG1 . THR B 1 3  ? 14.184  9.808   -12.241 1.00 32.09  ? 3   THR B OG1 1 
ATOM   278  C  CG2 . THR B 1 3  ? 12.824  8.972   -10.580 1.00 31.20  ? 3   THR B CG2 1 
ATOM   279  N  N   . CYS B 1 4  ? 10.098  11.100  -10.665 1.00 27.17  ? 4   CYS B N   1 
ATOM   280  C  CA  . CYS B 1 4  ? 9.014   11.559  -9.817  1.00 26.82  ? 4   CYS B CA  1 
ATOM   281  C  C   . CYS B 1 4  ? 8.446   10.420  -8.978  1.00 27.15  ? 4   CYS B C   1 
ATOM   282  O  O   . CYS B 1 4  ? 8.462   9.279   -9.404  1.00 27.18  ? 4   CYS B O   1 
ATOM   283  C  CB  . CYS B 1 4  ? 7.906   12.123  -10.684 1.00 27.39  ? 4   CYS B CB  1 
ATOM   284  S  SG  . CYS B 1 4  ? 8.447   13.444  -11.801 1.00 28.55  ? 4   CYS B SG  1 
ATOM   285  N  N   . HIS B 1 5  ? 7.905   10.757  -7.810  1.00 26.02  ? 5   HIS B N   1 
ATOM   286  C  CA  . HIS B 1 5  ? 7.304   9.815   -6.891  1.00 26.40  ? 5   HIS B CA  1 
ATOM   287  C  C   . HIS B 1 5  ? 6.091   10.465  -6.249  1.00 27.11  ? 5   HIS B C   1 
ATOM   288  O  O   . HIS B 1 5  ? 6.084   11.688  -6.027  1.00 26.57  ? 5   HIS B O   1 
ATOM   289  C  CB  . HIS B 1 5  ? 8.298   9.436   -5.782  1.00 27.14  ? 5   HIS B CB  1 
ATOM   290  C  CG  . HIS B 1 5  ? 9.545   8.779   -6.293  1.00 28.56  ? 5   HIS B CG  1 
ATOM   291  N  ND1 . HIS B 1 5  ? 10.603  9.501   -6.807  1.00 28.33  ? 5   HIS B ND1 1 
ATOM   292  C  CD2 . HIS B 1 5  ? 9.910   7.471   -6.364  1.00 28.97  ? 5   HIS B CD2 1 
ATOM   293  C  CE1 . HIS B 1 5  ? 11.566  8.672   -7.174  1.00 28.67  ? 5   HIS B CE1 1 
ATOM   294  N  NE2 . HIS B 1 5  ? 11.168  7.436   -6.929  1.00 30.22  ? 5   HIS B NE2 1 
ATOM   295  N  N   . CYS B 1 6  ? 5.074   9.650   -5.969  1.00 25.35  ? 6   CYS B N   1 
ATOM   296  C  CA  . CYS B 1 6  ? 3.930   10.096  -5.199  1.00 27.28  ? 6   CYS B CA  1 
ATOM   297  C  C   . CYS B 1 6  ? 4.268   9.887   -3.722  1.00 27.15  ? 6   CYS B C   1 
ATOM   298  O  O   . CYS B 1 6  ? 4.201   8.769   -3.223  1.00 28.44  ? 6   CYS B O   1 
ATOM   299  C  CB  . CYS B 1 6  ? 2.671   9.294   -5.604  1.00 26.99  ? 6   CYS B CB  1 
ATOM   300  S  SG  . CYS B 1 6  ? 2.078   9.697   -7.295  1.00 29.31  ? 6   CYS B SG  1 
ATOM   301  N  N   . ARG B 1 7  ? 4.613   10.957  -3.009  1.00 27.24  ? 7   ARG B N   1 
ATOM   302  C  CA  . ARG B 1 7  ? 5.048   10.829  -1.606  1.00 26.58  ? 7   ARG B CA  1 
ATOM   303  C  C   . ARG B 1 7  ? 4.099   11.527  -0.664  1.00 27.00  ? 7   ARG B C   1 
ATOM   304  O  O   . ARG B 1 7  ? 3.475   12.550  -1.017  1.00 26.05  ? 7   ARG B O   1 
ATOM   305  C  CB  . ARG B 1 7  ? 6.401   11.475  -1.402  1.00 26.67  ? 7   ARG B CB  1 
ATOM   306  C  CG  . ARG B 1 7  ? 7.504   10.996  -2.347  1.00 26.62  ? 7   ARG B CG  1 
ATOM   307  C  CD  . ARG B 1 7  ? 8.855   11.552  -1.868  1.00 25.48  ? 7   ARG B CD  1 
ATOM   308  N  NE  . ARG B 1 7  ? 9.976   11.305  -2.759  1.00 26.48  ? 7   ARG B NE  1 
ATOM   309  C  CZ  . ARG B 1 7  ? 10.550  10.110  -2.929  1.00 28.18  ? 7   ARG B CZ  1 
ATOM   310  N  NH1 . ARG B 1 7  ? 10.070  9.040   -2.319  1.00 28.63  ? 7   ARG B NH1 1 
ATOM   311  N  NH2 . ARG B 1 7  ? 11.603  9.979   -3.714  1.00 28.64  ? 7   ARG B NH2 1 
ATOM   312  N  N   . ARG B 1 8  ? 3.999   10.998  0.546   1.00 27.06  ? 8   ARG B N   1 
ATOM   313  C  CA  . ARG B 1 8  ? 3.183   11.639  1.554   1.00 29.24  ? 8   ARG B CA  1 
ATOM   314  C  C   . ARG B 1 8  ? 3.738   13.064  1.770   1.00 27.18  ? 8   ARG B C   1 
ATOM   315  O  O   . ARG B 1 8  ? 2.981   14.040  2.014   1.00 25.18  ? 8   ARG B O   1 
ATOM   316  C  CB  . ARG B 1 8  ? 3.195   10.810  2.841   1.00 32.49  ? 8   ARG B CB  1 
ATOM   317  C  CG  . ARG B 1 8  ? 2.487   11.436  4.036   1.00 37.92  ? 8   ARG B CG  1 
ATOM   318  C  CD  . ARG B 1 8  ? 2.617   10.591  5.342   1.00 44.05  ? 8   ARG B CD  1 
ATOM   319  N  NE  . ARG B 1 8  ? 1.674   11.015  6.399   1.00 49.47  ? 8   ARG B NE  1 
ATOM   320  C  CZ  . ARG B 1 8  ? 0.341   10.926  6.255   1.00 52.41  ? 8   ARG B CZ  1 
ATOM   321  N  NH1 . ARG B 1 8  ? -0.160  10.445  5.110   1.00 53.98  ? 8   ARG B NH1 1 
ATOM   322  N  NH2 . ARG B 1 8  ? -0.492  11.305  7.225   1.00 52.41  ? 8   ARG B NH2 1 
ATOM   323  N  N   . SER B 1 9  ? 5.054   13.176  1.641   1.00 25.05  ? 9   SER B N   1 
ATOM   324  C  CA  . SER B 1 9  ? 5.717   14.473  1.758   1.00 26.20  ? 9   SER B CA  1 
ATOM   325  C  C   . SER B 1 9  ? 6.911   14.520  0.832   1.00 26.39  ? 9   SER B C   1 
ATOM   326  O  O   . SER B 1 9  ? 7.716   13.560  0.806   1.00 24.81  ? 9   SER B O   1 
ATOM   327  C  CB  . SER B 1 9  ? 6.196   14.663  3.212   1.00 27.05  ? 9   SER B CB  1 
ATOM   328  O  OG  . SER B 1 9  ? 6.645   15.996  3.379   1.00 30.97  ? 9   SER B OG  1 
ATOM   329  N  N   . CYS B 1 10 ? 7.075   15.615  0.083   1.00 25.52  ? 10  CYS B N   1 
ATOM   330  C  CA  . CYS B 1 10 ? 8.247   15.711  -0.790  1.00 27.11  ? 10  CYS B CA  1 
ATOM   331  C  C   . CYS B 1 10 ? 9.511   15.881  0.044   1.00 28.26  ? 10  CYS B C   1 
ATOM   332  O  O   . CYS B 1 10 ? 9.479   16.523  1.114   1.00 28.82  ? 10  CYS B O   1 
ATOM   333  C  CB  . CYS B 1 10 ? 8.145   16.908  -1.754  1.00 27.01  ? 10  CYS B CB  1 
ATOM   334  S  SG  . CYS B 1 10 ? 6.802   16.794  -2.959  1.00 27.44  ? 10  CYS B SG  1 
ATOM   335  N  N   . TYR B 1 11 ? 10.629  15.361  -0.464  1.00 27.60  ? 11  TYR B N   1 
ATOM   336  C  CA  . TYR B 1 11 ? 11.940  15.639  0.111   1.00 28.17  ? 11  TYR B CA  1 
ATOM   337  C  C   . TYR B 1 11 ? 12.249  17.114  -0.107  1.00 27.17  ? 11  TYR B C   1 
ATOM   338  O  O   . TYR B 1 11 ? 11.747  17.716  -1.061  1.00 23.69  ? 11  TYR B O   1 
ATOM   339  C  CB  . TYR B 1 11 ? 13.037  14.807  -0.584  1.00 30.53  ? 11  TYR B CB  1 
ATOM   340  C  CG  . TYR B 1 11 ? 12.882  13.320  -0.433  1.00 34.24  ? 11  TYR B CG  1 
ATOM   341  C  CD1 . TYR B 1 11 ? 13.595  12.437  -1.252  1.00 36.55  ? 11  TYR B CD1 1 
ATOM   342  C  CD2 . TYR B 1 11 ? 12.036  12.792  0.526   1.00 36.07  ? 11  TYR B CD2 1 
ATOM   343  C  CE1 . TYR B 1 11 ? 13.481  11.072  -1.099  1.00 37.11  ? 11  TYR B CE1 1 
ATOM   344  C  CE2 . TYR B 1 11 ? 11.899  11.427  0.694   1.00 38.44  ? 11  TYR B CE2 1 
ATOM   345  C  CZ  . TYR B 1 11 ? 12.631  10.571  -0.123  1.00 39.04  ? 11  TYR B CZ  1 
ATOM   346  O  OH  . TYR B 1 11 ? 12.477  9.208   0.039   1.00 40.67  ? 11  TYR B OH  1 
ATOM   347  N  N   . SER B 1 12 ? 13.086  17.684  0.761   1.00 25.25  ? 12  SER B N   1 
ATOM   348  C  CA  . SER B 1 12 ? 13.518  19.073  0.602   1.00 26.59  ? 12  SER B CA  1 
ATOM   349  C  C   . SER B 1 12 ? 14.242  19.320  -0.738  1.00 26.51  ? 12  SER B C   1 
ATOM   350  O  O   . SER B 1 12 ? 14.280  20.438  -1.231  1.00 26.73  ? 12  SER B O   1 
ATOM   351  C  CB  . SER B 1 12 ? 14.442  19.493  1.759   1.00 25.22  ? 12  SER B CB  1 
ATOM   352  O  OG  . SER B 1 12 ? 15.633  18.717  1.731   1.00 26.56  ? 12  SER B OG  1 
ATOM   353  N  N   . THR B 1 13 ? 14.814  18.273  -1.319  1.00 27.73  ? 13  THR B N   1 
ATOM   354  C  CA  . THR B 1 13 ? 15.523  18.391  -2.580  1.00 28.44  ? 13  THR B CA  1 
ATOM   355  C  C   . THR B 1 13 ? 14.565  18.280  -3.772  1.00 29.66  ? 13  THR B C   1 
ATOM   356  O  O   . THR B 1 13 ? 15.008  18.402  -4.902  1.00 30.04  ? 13  THR B O   1 
ATOM   357  C  CB  . THR B 1 13 ? 16.521  17.236  -2.710  1.00 30.19  ? 13  THR B CB  1 
ATOM   358  O  OG1 . THR B 1 13 ? 15.825  16.018  -2.424  1.00 29.31  ? 13  THR B OG1 1 
ATOM   359  C  CG2 . THR B 1 13 ? 17.652  17.302  -1.628  1.00 29.64  ? 13  THR B CG2 1 
ATOM   360  N  N   . GLU B 1 14 ? 13.281  18.005  -3.545  1.00 27.39  ? 14  GLU B N   1 
ATOM   361  C  CA  . GLU B 1 14 ? 12.333  17.836  -4.650  1.00 26.69  ? 14  GLU B CA  1 
ATOM   362  C  C   . GLU B 1 14 ? 11.439  19.057  -4.830  1.00 26.17  ? 14  GLU B C   1 
ATOM   363  O  O   . GLU B 1 14 ? 11.274  19.848  -3.904  1.00 28.34  ? 14  GLU B O   1 
ATOM   364  C  CB  . GLU B 1 14 ? 11.453  16.608  -4.396  1.00 26.01  ? 14  GLU B CB  1 
ATOM   365  C  CG  . GLU B 1 14 ? 12.245  15.300  -4.415  1.00 27.18  ? 14  GLU B CG  1 
ATOM   366  C  CD  . GLU B 1 14 ? 11.471  14.081  -3.924  1.00 28.54  ? 14  GLU B CD  1 
ATOM   367  O  OE1 . GLU B 1 14 ? 10.600  14.183  -3.014  1.00 27.43  ? 14  GLU B OE1 1 
ATOM   368  O  OE2 . GLU B 1 14 ? 11.747  12.987  -4.457  1.00 29.99  ? 14  GLU B OE2 1 
ATOM   369  N  N   . TYR B 1 15 ? 10.830  19.202  -5.999  1.00 26.10  ? 15  TYR B N   1 
ATOM   370  C  CA  . TYR B 1 15 ? 9.625   20.047  -6.106  1.00 27.09  ? 15  TYR B CA  1 
ATOM   371  C  C   . TYR B 1 15 ? 8.380   19.211  -6.156  1.00 27.74  ? 15  TYR B C   1 
ATOM   372  O  O   . TYR B 1 15 ? 8.381   18.102  -6.694  1.00 27.72  ? 15  TYR B O   1 
ATOM   373  C  CB  . TYR B 1 15 ? 9.619   20.906  -7.367  1.00 26.80  ? 15  TYR B CB  1 
ATOM   374  C  CG  . TYR B 1 15 ? 10.796  21.834  -7.501  1.00 28.69  ? 15  TYR B CG  1 
ATOM   375  C  CD1 . TYR B 1 15 ? 11.723  21.640  -8.508  1.00 28.55  ? 15  TYR B CD1 1 
ATOM   376  C  CD2 . TYR B 1 15 ? 10.960  22.939  -6.642  1.00 28.87  ? 15  TYR B CD2 1 
ATOM   377  C  CE1 . TYR B 1 15 ? 12.803  22.498  -8.676  1.00 29.51  ? 15  TYR B CE1 1 
ATOM   378  C  CE2 . TYR B 1 15 ? 12.057  23.803  -6.795  1.00 29.47  ? 15  TYR B CE2 1 
ATOM   379  C  CZ  . TYR B 1 15 ? 12.970  23.579  -7.817  1.00 29.79  ? 15  TYR B CZ  1 
ATOM   380  O  OH  . TYR B 1 15 ? 14.061  24.415  -8.016  1.00 27.97  ? 15  TYR B OH  1 
ATOM   381  N  N   . SER B 1 16 ? 7.324   19.780  -5.587  1.00 28.93  ? 16  SER B N   1 
ATOM   382  C  CA  . SER B 1 16 ? 5.951   19.382  -5.794  1.00 29.27  ? 16  SER B CA  1 
ATOM   383  C  C   . SER B 1 16 ? 5.355   20.044  -7.010  1.00 28.22  ? 16  SER B C   1 
ATOM   384  O  O   . SER B 1 16 ? 5.485   21.253  -7.186  1.00 28.23  ? 16  SER B O   1 
ATOM   385  C  CB  . SER B 1 16 ? 5.103   19.872  -4.632  1.00 30.97  ? 16  SER B CB  1 
ATOM   386  O  OG  . SER B 1 16 ? 3.772   19.429  -4.823  1.00 30.99  ? 16  SER B OG  1 
ATOM   387  N  N   . TYR B 1 17 ? 4.643   19.265  -7.816  1.00 27.02  ? 17  TYR B N   1 
ATOM   388  C  CA  . TYR B 1 17 ? 3.972   19.783  -8.984  1.00 26.96  ? 17  TYR B CA  1 
ATOM   389  C  C   . TYR B 1 17 ? 2.480   19.555  -8.938  1.00 26.41  ? 17  TYR B C   1 
ATOM   390  O  O   . TYR B 1 17 ? 1.767   20.082  -9.764  1.00 27.00  ? 17  TYR B O   1 
ATOM   391  C  CB  . TYR B 1 17 ? 4.519   19.117  -10.250 1.00 27.51  ? 17  TYR B CB  1 
ATOM   392  C  CG  . TYR B 1 17 ? 5.960   19.460  -10.519 1.00 28.88  ? 17  TYR B CG  1 
ATOM   393  C  CD1 . TYR B 1 17 ? 6.980   18.642  -10.068 1.00 30.05  ? 17  TYR B CD1 1 
ATOM   394  C  CD2 . TYR B 1 17 ? 6.309   20.616  -11.207 1.00 29.13  ? 17  TYR B CD2 1 
ATOM   395  C  CE1 . TYR B 1 17 ? 8.310   18.948  -10.325 1.00 30.51  ? 17  TYR B CE1 1 
ATOM   396  C  CE2 . TYR B 1 17 ? 7.654   20.942  -11.448 1.00 29.28  ? 17  TYR B CE2 1 
ATOM   397  C  CZ  . TYR B 1 17 ? 8.640   20.086  -11.026 1.00 29.20  ? 17  TYR B CZ  1 
ATOM   398  O  OH  . TYR B 1 17 ? 9.962   20.363  -11.279 1.00 28.05  ? 17  TYR B OH  1 
ATOM   399  N  N   . GLY B 1 18 ? 1.997   18.772  -7.976  1.00 26.78  ? 18  GLY B N   1 
ATOM   400  C  CA  . GLY B 1 18 ? 0.576   18.507  -7.868  1.00 25.31  ? 18  GLY B CA  1 
ATOM   401  C  C   . GLY B 1 18 ? 0.407   17.331  -6.918  1.00 27.28  ? 18  GLY B C   1 
ATOM   402  O  O   . GLY B 1 18 ? 1.274   17.074  -6.066  1.00 26.06  ? 18  GLY B O   1 
ATOM   403  N  N   . THR B 1 19 ? -0.704  16.619  -7.027  1.00 27.39  ? 19  THR B N   1 
ATOM   404  C  CA  . THR B 1 19 ? -0.963  15.571  -6.050  1.00 29.15  ? 19  THR B CA  1 
ATOM   405  C  C   . THR B 1 19 ? -1.222  14.229  -6.681  1.00 28.15  ? 19  THR B C   1 
ATOM   406  O  O   . THR B 1 19 ? -1.546  14.140  -7.863  1.00 28.96  ? 19  THR B O   1 
ATOM   407  C  CB  . THR B 1 19 ? -2.190  15.949  -5.176  1.00 30.37  ? 19  THR B CB  1 
ATOM   408  O  OG1 . THR B 1 19 ? -3.335  16.011  -6.026  1.00 30.72  ? 19  THR B OG1 1 
ATOM   409  C  CG2 . THR B 1 19 ? -2.052  17.389  -4.602  1.00 29.13  ? 19  THR B CG2 1 
ATOM   410  N  N   . CYS B 1 20 ? -1.095  13.194  -5.870  1.00 27.61  ? 20  CYS B N   1 
ATOM   411  C  CA  . CYS B 1 20 ? -1.574  11.878  -6.212  1.00 28.43  ? 20  CYS B CA  1 
ATOM   412  C  C   . CYS B 1 20 ? -2.557  11.483  -5.144  1.00 29.09  ? 20  CYS B C   1 
ATOM   413  O  O   . CYS B 1 20 ? -2.179  11.364  -3.983  1.00 29.12  ? 20  CYS B O   1 
ATOM   414  C  CB  . CYS B 1 20 ? -0.438  10.866  -6.201  1.00 28.50  ? 20  CYS B CB  1 
ATOM   415  S  SG  . CYS B 1 20 ? 1.035   11.468  -7.018  1.00 28.50  ? 20  CYS B SG  1 
ATOM   416  N  N   . THR B 1 21 ? -3.796  11.235  -5.555  1.00 29.77  ? 21  THR B N   1 
ATOM   417  C  CA  . THR B 1 21 ? -4.944  11.124  -4.644  1.00 30.36  ? 21  THR B CA  1 
ATOM   418  C  C   . THR B 1 21 ? -5.619  9.750   -4.829  1.00 30.51  ? 21  THR B C   1 
ATOM   419  O  O   . THR B 1 21 ? -5.932  9.318   -5.958  1.00 25.90  ? 21  THR B O   1 
ATOM   420  C  CB  . THR B 1 21 ? -5.976  12.243  -4.954  1.00 32.08  ? 21  THR B CB  1 
ATOM   421  O  OG1 . THR B 1 21 ? -5.498  13.509  -4.460  1.00 33.60  ? 21  THR B OG1 1 
ATOM   422  C  CG2 . THR B 1 21 ? -7.222  12.056  -4.118  1.00 35.51  ? 21  THR B CG2 1 
ATOM   423  N  N   . VAL B 1 22 ? -5.821  9.068   -3.718  1.00 30.71  ? 22  VAL B N   1 
ATOM   424  C  CA  . VAL B 1 22 ? -6.534  7.816   -3.722  1.00 34.21  ? 22  VAL B CA  1 
ATOM   425  C  C   . VAL B 1 22 ? -7.537  7.966   -2.597  1.00 35.72  ? 22  VAL B C   1 
ATOM   426  O  O   . VAL B 1 22 ? -7.143  8.098   -1.465  1.00 37.77  ? 22  VAL B O   1 
ATOM   427  C  CB  . VAL B 1 22 ? -5.568  6.663   -3.383  1.00 34.49  ? 22  VAL B CB  1 
ATOM   428  C  CG1 . VAL B 1 22 ? -6.283  5.357   -3.397  1.00 36.08  ? 22  VAL B CG1 1 
ATOM   429  C  CG2 . VAL B 1 22 ? -4.393  6.627   -4.357  1.00 34.12  ? 22  VAL B CG2 1 
ATOM   430  N  N   . MET B 1 23 ? -8.823  7.960   -2.887  1.00 38.15  ? 23  MET B N   1 
ATOM   431  C  CA  . MET B 1 23 ? -9.822  8.197   -1.854  1.00 40.24  ? 23  MET B CA  1 
ATOM   432  C  C   . MET B 1 23 ? -9.382  9.329   -0.928  1.00 40.01  ? 23  MET B C   1 
ATOM   433  O  O   . MET B 1 23 ? -9.091  10.440  -1.394  1.00 40.24  ? 23  MET B O   1 
ATOM   434  C  CB  . MET B 1 23 ? -10.087 6.941   -1.038  1.00 43.25  ? 23  MET B CB  1 
ATOM   435  C  CG  . MET B 1 23 ? -10.560 5.756   -1.856  1.00 48.42  ? 23  MET B CG  1 
ATOM   436  S  SD  . MET B 1 23 ? -12.183 6.134   -2.515  1.00 54.82  ? 23  MET B SD  1 
ATOM   437  C  CE  . MET B 1 23 ? -11.871 6.141   -4.337  1.00 54.00  ? 23  MET B CE  1 
ATOM   438  N  N   . GLY B 1 24 ? -9.331  9.037   0.376   1.00 37.79  ? 24  GLY B N   1 
ATOM   439  C  CA  . GLY B 1 24 ? -8.954  10.024  1.369   1.00 37.61  ? 24  GLY B CA  1 
ATOM   440  C  C   . GLY B 1 24 ? -7.454  10.205  1.610   1.00 37.52  ? 24  GLY B C   1 
ATOM   441  O  O   . GLY B 1 24 ? -7.082  10.805  2.612   1.00 39.85  ? 24  GLY B O   1 
ATOM   442  N  N   . ILE B 1 25 ? -6.592  9.692   0.730   1.00 33.70  ? 25  ILE B N   1 
ATOM   443  C  CA  . ILE B 1 25 ? -5.148  9.855   0.911   1.00 32.33  ? 25  ILE B CA  1 
ATOM   444  C  C   . ILE B 1 25 ? -4.619  10.824  -0.141  1.00 32.11  ? 25  ILE B C   1 
ATOM   445  O  O   . ILE B 1 25 ? -4.917  10.685  -1.326  1.00 29.25  ? 25  ILE B O   1 
ATOM   446  C  CB  . ILE B 1 25 ? -4.386  8.504   0.810   1.00 31.09  ? 25  ILE B CB  1 
ATOM   447  C  CG1 . ILE B 1 25 ? -4.977  7.461   1.768   1.00 30.22  ? 25  ILE B CG1 1 
ATOM   448  C  CG2 . ILE B 1 25 ? -2.890  8.739   1.094   1.00 30.71  ? 25  ILE B CG2 1 
ATOM   449  C  CD1 . ILE B 1 25 ? -4.789  5.976   1.329   1.00 30.66  ? 25  ILE B CD1 1 
ATOM   450  N  N   . ASN B 1 26 ? -3.866  11.818  0.311   1.00 33.09  ? 26  ASN B N   1 
ATOM   451  C  CA  . ASN B 1 26 ? -3.303  12.831  -0.561  1.00 34.84  ? 26  ASN B CA  1 
ATOM   452  C  C   . ASN B 1 26 ? -1.801  12.727  -0.505  1.00 32.80  ? 26  ASN B C   1 
ATOM   453  O  O   . ASN B 1 26 ? -1.216  12.970  0.553   1.00 35.64  ? 26  ASN B O   1 
ATOM   454  C  CB  . ASN B 1 26 ? -3.699  14.227  -0.048  1.00 39.10  ? 26  ASN B CB  1 
ATOM   455  C  CG  . ASN B 1 26 ? -5.196  14.457  -0.077  1.00 42.58  ? 26  ASN B CG  1 
ATOM   456  O  OD1 . ASN B 1 26 ? -5.828  14.297  -1.126  1.00 44.06  ? 26  ASN B OD1 1 
ATOM   457  N  ND2 . ASN B 1 26 ? -5.785  14.815  1.086   1.00 44.32  ? 26  ASN B ND2 1 
ATOM   458  N  N   . HIS B 1 27 ? -1.175  12.332  -1.608  1.00 29.36  ? 27  HIS B N   1 
ATOM   459  C  CA  . HIS B 1 27 ? 0.268   12.436  -1.736  1.00 27.41  ? 27  HIS B CA  1 
ATOM   460  C  C   . HIS B 1 27 ? 0.589   13.588  -2.676  1.00 27.17  ? 27  HIS B C   1 
ATOM   461  O  O   . HIS B 1 27 ? -0.303  14.095  -3.355  1.00 26.32  ? 27  HIS B O   1 
ATOM   462  C  CB  . HIS B 1 27 ? 0.889   11.138  -2.264  1.00 25.65  ? 27  HIS B CB  1 
ATOM   463  C  CG  . HIS B 1 27 ? 1.030   10.075  -1.210  1.00 24.88  ? 27  HIS B CG  1 
ATOM   464  N  ND1 . HIS B 1 27 ? 1.864   8.991   -1.348  1.00 24.46  ? 27  HIS B ND1 1 
ATOM   465  C  CD2 . HIS B 1 27 ? 0.433   9.940   0.000   1.00 23.07  ? 27  HIS B CD2 1 
ATOM   466  C  CE1 . HIS B 1 27 ? 1.792   8.234   -0.258  1.00 23.49  ? 27  HIS B CE1 1 
ATOM   467  N  NE2 . HIS B 1 27 ? 0.929   8.790   0.573   1.00 23.30  ? 27  HIS B NE2 1 
ATOM   468  N  N   . ARG B 1 28 ? 1.852   13.984  -2.709  1.00 26.77  ? 28  ARG B N   1 
ATOM   469  C  CA  . ARG B 1 28 ? 2.316   14.962  -3.679  1.00 27.39  ? 28  ARG B CA  1 
ATOM   470  C  C   . ARG B 1 28 ? 3.047   14.278  -4.799  1.00 26.34  ? 28  ARG B C   1 
ATOM   471  O  O   . ARG B 1 28 ? 3.694   13.229  -4.597  1.00 24.70  ? 28  ARG B O   1 
ATOM   472  C  CB  . ARG B 1 28 ? 3.171   16.069  -3.002  1.00 28.06  ? 28  ARG B CB  1 
ATOM   473  C  CG  . ARG B 1 28 ? 2.329   16.817  -1.908  1.00 31.18  ? 28  ARG B CG  1 
ATOM   474  C  CD  . ARG B 1 28 ? 2.907   18.115  -1.296  1.00 35.75  ? 28  ARG B CD  1 
ATOM   475  N  NE  . ARG B 1 28 ? 2.591   19.052  -2.300  1.00 39.26  ? 28  ARG B NE  1 
ATOM   476  C  CZ  . ARG B 1 28 ? 1.791   20.101  -2.257  1.00 36.53  ? 28  ARG B CZ  1 
ATOM   477  N  NH1 . ARG B 1 28 ? 1.244   20.612  -1.151  1.00 33.91  ? 28  ARG B NH1 1 
ATOM   478  N  NH2 . ARG B 1 28 ? 1.625   20.669  -3.421  1.00 33.38  ? 28  ARG B NH2 1 
ATOM   479  N  N   . PHE B 1 29 ? 2.962   14.882  -5.981  1.00 24.68  ? 29  PHE B N   1 
ATOM   480  C  CA  . PHE B 1 29 ? 3.749   14.425  -7.119  1.00 25.97  ? 29  PHE B CA  1 
ATOM   481  C  C   . PHE B 1 29 ? 5.074   15.176  -7.073  1.00 25.45  ? 29  PHE B C   1 
ATOM   482  O  O   . PHE B 1 29 ? 5.148   16.373  -7.404  1.00 24.48  ? 29  PHE B O   1 
ATOM   483  C  CB  . PHE B 1 29 ? 2.989   14.715  -8.413  1.00 26.25  ? 29  PHE B CB  1 
ATOM   484  C  CG  . PHE B 1 29 ? 3.595   14.106  -9.627  1.00 26.15  ? 29  PHE B CG  1 
ATOM   485  C  CD1 . PHE B 1 29 ? 3.438   12.748  -9.884  1.00 26.10  ? 29  PHE B CD1 1 
ATOM   486  C  CD2 . PHE B 1 29 ? 4.276   14.894  -10.541 1.00 25.51  ? 29  PHE B CD2 1 
ATOM   487  C  CE1 . PHE B 1 29 ? 3.956   12.168  -11.046 1.00 26.71  ? 29  PHE B CE1 1 
ATOM   488  C  CE2 . PHE B 1 29 ? 4.816   14.335  -11.695 1.00 26.16  ? 29  PHE B CE2 1 
ATOM   489  C  CZ  . PHE B 1 29 ? 4.647   12.963  -11.960 1.00 27.02  ? 29  PHE B CZ  1 
ATOM   490  N  N   . CYS B 1 30 ? 6.101   14.483  -6.592  1.00 25.28  ? 30  CYS B N   1 
ATOM   491  C  CA  . CYS B 1 30 ? 7.384   15.086  -6.256  1.00 25.46  ? 30  CYS B CA  1 
ATOM   492  C  C   . CYS B 1 30 ? 8.452   14.659  -7.251  1.00 27.62  ? 30  CYS B C   1 
ATOM   493  O  O   . CYS B 1 30 ? 8.631   13.446  -7.473  1.00 26.93  ? 30  CYS B O   1 
ATOM   494  C  CB  . CYS B 1 30 ? 7.843   14.616  -4.862  1.00 25.21  ? 30  CYS B CB  1 
ATOM   495  S  SG  . CYS B 1 30 ? 6.623   14.860  -3.543  1.00 27.31  ? 30  CYS B SG  1 
ATOM   496  N  N   . CYS B 1 31 ? 9.200   15.639  -7.794  1.00 27.55  ? 31  CYS B N   1 
ATOM   497  C  CA  . CYS B 1 31 ? 10.246  15.370  -8.771  1.00 28.55  ? 31  CYS B CA  1 
ATOM   498  C  C   . CYS B 1 31 ? 11.586  16.054  -8.463  1.00 31.44  ? 31  CYS B C   1 
ATOM   499  O  O   . CYS B 1 31 ? 11.664  17.188  -7.919  1.00 27.71  ? 31  CYS B O   1 
ATOM   500  C  CB  . CYS B 1 31 ? 9.833   15.717  -10.214 1.00 27.45  ? 31  CYS B CB  1 
ATOM   501  S  SG  . CYS B 1 31 ? 8.173   15.208  -10.757 1.00 29.26  ? 31  CYS B SG  1 
ATOM   502  N  N   . LEU B 1 32 ? 12.611  15.321  -8.891  1.00 33.46  ? 32  LEU B N   1 
ATOM   503  C  CA  . LEU B 1 32 ? 14.022  15.613  -8.785  1.00 36.59  ? 32  LEU B CA  1 
ATOM   504  C  C   . LEU B 1 32 ? 14.583  15.438  -10.212 1.00 37.37  ? 32  LEU B C   1 
ATOM   505  O  O   . LEU B 1 32 ? 15.544  16.095  -10.628 1.00 37.07  ? 32  LEU B O   1 
ATOM   506  C  CB  . LEU B 1 32 ? 14.635  14.500  -7.915  1.00 40.40  ? 32  LEU B CB  1 
ATOM   507  C  CG  . LEU B 1 32 ? 15.812  14.936  -7.098  1.00 43.67  ? 32  LEU B CG  1 
ATOM   508  C  CD1 . LEU B 1 32 ? 15.598  16.441  -7.057  1.00 43.21  ? 32  LEU B CD1 1 
ATOM   509  C  CD2 . LEU B 1 32 ? 15.814  14.304  -5.696  1.00 43.74  ? 32  LEU B CD2 1 
ATOM   510  O  OXT . LEU B 1 32 ? 14.110  14.573  -10.999 1.00 36.64  ? 32  LEU B OXT 1 
ATOM   511  N  N   . ALA C 1 1  ? 5.023   6.212   -3.383  1.00 24.52  ? 1   ALA C N   1 
ATOM   512  C  CA  . ALA C 1 1  ? 4.452   4.882   -3.070  1.00 25.58  ? 1   ALA C CA  1 
ATOM   513  C  C   . ALA C 1 1  ? 3.556   5.081   -1.856  1.00 26.33  ? 1   ALA C C   1 
ATOM   514  O  O   . ALA C 1 1  ? 3.655   6.108   -1.155  1.00 25.65  ? 1   ALA C O   1 
ATOM   515  C  CB  . ALA C 1 1  ? 5.580   3.810   -2.799  1.00 25.88  ? 1   ALA C CB  1 
ATOM   516  N  N   . PHE C 1 2  ? 2.655   4.126   -1.649  1.00 26.19  ? 2   PHE C N   1 
ATOM   517  C  CA  . PHE C 1 2  ? 1.770   4.139   -0.502  1.00 27.15  ? 2   PHE C CA  1 
ATOM   518  C  C   . PHE C 1 2  ? 2.016   2.837   0.219   1.00 27.99  ? 2   PHE C C   1 
ATOM   519  O  O   . PHE C 1 2  ? 2.311   1.831   -0.407  1.00 30.04  ? 2   PHE C O   1 
ATOM   520  C  CB  . PHE C 1 2  ? 0.289   4.222   -0.911  1.00 25.97  ? 2   PHE C CB  1 
ATOM   521  C  CG  . PHE C 1 2  ? -0.057  5.417   -1.768  1.00 26.37  ? 2   PHE C CG  1 
ATOM   522  C  CD1 . PHE C 1 2  ? 0.449   5.546   -3.046  1.00 25.78  ? 2   PHE C CD1 1 
ATOM   523  C  CD2 . PHE C 1 2  ? -0.913  6.404   -1.292  1.00 26.25  ? 2   PHE C CD2 1 
ATOM   524  C  CE1 . PHE C 1 2  ? 0.102   6.663   -3.860  1.00 25.91  ? 2   PHE C CE1 1 
ATOM   525  C  CE2 . PHE C 1 2  ? -1.255  7.512   -2.083  1.00 26.14  ? 2   PHE C CE2 1 
ATOM   526  C  CZ  . PHE C 1 2  ? -0.745  7.635   -3.364  1.00 25.82  ? 2   PHE C CZ  1 
ATOM   527  N  N   . THR C 1 3  ? 1.889   2.850   1.536   1.00 28.75  ? 3   THR C N   1 
ATOM   528  C  CA  . THR C 1 3  ? 2.177   1.676   2.339   1.00 28.86  ? 3   THR C CA  1 
ATOM   529  C  C   . THR C 1 3  ? 0.951   1.373   3.190   1.00 29.38  ? 3   THR C C   1 
ATOM   530  O  O   . THR C 1 3  ? 0.395   2.286   3.812   1.00 28.66  ? 3   THR C O   1 
ATOM   531  C  CB  . THR C 1 3  ? 3.383   1.971   3.248   1.00 29.72  ? 3   THR C CB  1 
ATOM   532  O  OG1 . THR C 1 3  ? 4.537   2.144   2.431   1.00 29.54  ? 3   THR C OG1 1 
ATOM   533  C  CG2 . THR C 1 3  ? 3.755   0.736   4.087   1.00 30.72  ? 3   THR C CG2 1 
ATOM   534  N  N   . CYS C 1 4  ? 0.548   0.101   3.237   1.00 28.43  ? 4   CYS C N   1 
ATOM   535  C  CA  . CYS C 1 4  ? -0.659  -0.302  3.960   1.00 28.10  ? 4   CYS C CA  1 
ATOM   536  C  C   . CYS C 1 4  ? -0.361  -1.430  4.945   1.00 27.71  ? 4   CYS C C   1 
ATOM   537  O  O   . CYS C 1 4  ? 0.531   -2.247  4.708   1.00 27.63  ? 4   CYS C O   1 
ATOM   538  C  CB  . CYS C 1 4  ? -1.737  -0.774  2.971   1.00 28.97  ? 4   CYS C CB  1 
ATOM   539  S  SG  . CYS C 1 4  ? -2.128  0.402   1.639   1.00 29.98  ? 4   CYS C SG  1 
ATOM   540  N  N   . HIS C 1 5  ? -1.093  -1.467  6.055   1.00 26.02  ? 5   HIS C N   1 
ATOM   541  C  CA  . HIS C 1 5  ? -0.913  -2.545  7.027   1.00 26.67  ? 5   HIS C CA  1 
ATOM   542  C  C   . HIS C 1 5  ? -2.291  -3.030  7.437   1.00 27.85  ? 5   HIS C C   1 
ATOM   543  O  O   . HIS C 1 5  ? -3.260  -2.228  7.489   1.00 27.91  ? 5   HIS C O   1 
ATOM   544  C  CB  . HIS C 1 5  ? -0.164  -2.065  8.285   1.00 25.69  ? 5   HIS C CB  1 
ATOM   545  C  CG  . HIS C 1 5  ? 1.283   -1.739  8.052   1.00 26.54  ? 5   HIS C CG  1 
ATOM   546  N  ND1 . HIS C 1 5  ? 1.708   -0.534  7.514   1.00 26.21  ? 5   HIS C ND1 1 
ATOM   547  C  CD2 . HIS C 1 5  ? 2.408   -2.466  8.273   1.00 26.76  ? 5   HIS C CD2 1 
ATOM   548  C  CE1 . HIS C 1 5  ? 3.030   -0.528  7.427   1.00 25.64  ? 5   HIS C CE1 1 
ATOM   549  N  NE2 . HIS C 1 5  ? 3.478   -1.688  7.883   1.00 27.29  ? 5   HIS C NE2 1 
ATOM   550  N  N   . CYS C 1 6  ? -2.382  -4.322  7.725   1.00 25.73  ? 6   CYS C N   1 
ATOM   551  C  CA  . CYS C 1 6  ? -3.576  -4.871  8.371   1.00 27.55  ? 6   CYS C CA  1 
ATOM   552  C  C   . CYS C 1 6  ? -3.566  -4.602  9.881   1.00 27.87  ? 6   CYS C C   1 
ATOM   553  O  O   . CYS C 1 6  ? -2.596  -4.964  10.581  1.00 26.63  ? 6   CYS C O   1 
ATOM   554  C  CB  . CYS C 1 6  ? -3.666  -6.374  8.100   1.00 27.91  ? 6   CYS C CB  1 
ATOM   555  S  SG  . CYS C 1 6  ? -3.714  -6.729  6.328   1.00 29.40  ? 6   CYS C SG  1 
ATOM   556  N  N   . ARG C 1 7  ? -4.620  -3.933  10.368  1.00 27.88  ? 7   ARG C N   1 
ATOM   557  C  CA  . ARG C 1 7  ? -4.720  -3.544  11.782  1.00 29.75  ? 7   ARG C CA  1 
ATOM   558  C  C   . ARG C 1 7  ? -6.155  -3.622  12.268  1.00 31.02  ? 7   ARG C C   1 
ATOM   559  O  O   . ARG C 1 7  ? -7.095  -3.563  11.462  1.00 31.37  ? 7   ARG C O   1 
ATOM   560  C  CB  . ARG C 1 7  ? -4.258  -2.078  12.011  1.00 28.71  ? 7   ARG C CB  1 
ATOM   561  C  CG  . ARG C 1 7  ? -2.931  -1.660  11.356  1.00 28.93  ? 7   ARG C CG  1 
ATOM   562  C  CD  . ARG C 1 7  ? -2.375  -0.347  11.970  1.00 28.68  ? 7   ARG C CD  1 
ATOM   563  N  NE  . ARG C 1 7  ? -1.402  0.323   11.128  1.00 28.88  ? 7   ARG C NE  1 
ATOM   564  C  CZ  . ARG C 1 7  ? -0.104  0.071   11.177  1.00 28.78  ? 7   ARG C CZ  1 
ATOM   565  N  NH1 . ARG C 1 7  ? 0.344   -0.853  11.995  1.00 29.70  ? 7   ARG C NH1 1 
ATOM   566  N  NH2 . ARG C 1 7  ? 0.744   0.720   10.409  1.00 28.44  ? 7   ARG C NH2 1 
ATOM   567  N  N   . ARG C 1 8  ? -6.323  -3.684  13.585  1.00 31.78  ? 8   ARG C N   1 
ATOM   568  C  CA  . ARG C 1 8  ? -7.644  -3.566  14.176  1.00 33.50  ? 8   ARG C CA  1 
ATOM   569  C  C   . ARG C 1 8  ? -8.201  -2.188  13.951  1.00 33.35  ? 8   ARG C C   1 
ATOM   570  O  O   . ARG C 1 8  ? -9.380  -2.031  13.637  1.00 32.61  ? 8   ARG C O   1 
ATOM   571  C  CB  . ARG C 1 8  ? -7.573  -3.770  15.674  1.00 35.35  ? 8   ARG C CB  1 
ATOM   572  C  CG  . ARG C 1 8  ? -7.330  -5.155  16.024  1.00 37.58  ? 8   ARG C CG  1 
ATOM   573  C  CD  . ARG C 1 8  ? -7.747  -5.485  17.409  1.00 38.31  ? 8   ARG C CD  1 
ATOM   574  N  NE  . ARG C 1 8  ? -7.023  -6.694  17.763  1.00 38.91  ? 8   ARG C NE  1 
ATOM   575  C  CZ  . ARG C 1 8  ? -7.140  -7.316  18.917  1.00 38.06  ? 8   ARG C CZ  1 
ATOM   576  N  NH1 . ARG C 1 8  ? -7.982  -6.859  19.837  1.00 38.81  ? 8   ARG C NH1 1 
ATOM   577  N  NH2 . ARG C 1 8  ? -6.452  -8.418  19.126  1.00 36.68  ? 8   ARG C NH2 1 
ATOM   578  N  N   . SER C 1 9  ? -7.370  -1.174  14.176  1.00 34.21  ? 9   SER C N   1 
ATOM   579  C  CA  . SER C 1 9  ? -7.754  0.178   13.786  1.00 35.31  ? 9   SER C CA  1 
ATOM   580  C  C   . SER C 1 9  ? -6.554  0.940   13.285  1.00 34.74  ? 9   SER C C   1 
ATOM   581  O  O   . SER C 1 9  ? -5.424  0.695   13.688  1.00 33.57  ? 9   SER C O   1 
ATOM   582  C  CB  . SER C 1 9  ? -8.433  0.928   14.933  1.00 37.79  ? 9   SER C CB  1 
ATOM   583  O  OG  . SER C 1 9  ? -7.735  0.684   16.118  1.00 39.88  ? 9   SER C OG  1 
ATOM   584  N  N   . CYS C 1 10 ? -6.817  1.844   12.358  1.00 35.76  ? 10  CYS C N   1 
ATOM   585  C  CA  . CYS C 1 10 ? -5.763  2.579   11.684  1.00 35.66  ? 10  CYS C CA  1 
ATOM   586  C  C   . CYS C 1 10 ? -5.210  3.626   12.621  1.00 36.47  ? 10  CYS C C   1 
ATOM   587  O  O   . CYS C 1 10 ? -5.914  4.116   13.514  1.00 36.51  ? 10  CYS C O   1 
ATOM   588  C  CB  . CYS C 1 10 ? -6.322  3.190   10.399  1.00 35.26  ? 10  CYS C CB  1 
ATOM   589  S  SG  . CYS C 1 10 ? -7.088  1.894   9.358   1.00 34.55  ? 10  CYS C SG  1 
ATOM   590  N  N   . TYR C 1 11 ? -3.927  3.908   12.461  1.00 37.10  ? 11  TYR C N   1 
ATOM   591  C  CA  . TYR C 1 11 ? -3.314  5.051   13.096  1.00 38.80  ? 11  TYR C CA  1 
ATOM   592  C  C   . TYR C 1 11 ? -4.038  6.312   12.618  1.00 38.60  ? 11  TYR C C   1 
ATOM   593  O  O   . TYR C 1 11 ? -4.720  6.306   11.579  1.00 38.19  ? 11  TYR C O   1 
ATOM   594  C  CB  . TYR C 1 11 ? -1.847  5.133   12.687  1.00 40.30  ? 11  TYR C CB  1 
ATOM   595  C  CG  . TYR C 1 11 ? -0.998  3.990   13.175  1.00 42.80  ? 11  TYR C CG  1 
ATOM   596  C  CD1 . TYR C 1 11 ? -1.443  3.136   14.163  1.00 43.93  ? 11  TYR C CD1 1 
ATOM   597  C  CD2 . TYR C 1 11 ? 0.263   3.776   12.649  1.00 44.41  ? 11  TYR C CD2 1 
ATOM   598  C  CE1 . TYR C 1 11 ? -0.646  2.094   14.620  1.00 45.24  ? 11  TYR C CE1 1 
ATOM   599  C  CE2 . TYR C 1 11 ? 1.070   2.733   13.094  1.00 45.12  ? 11  TYR C CE2 1 
ATOM   600  C  CZ  . TYR C 1 11 ? 0.618   1.897   14.078  1.00 45.74  ? 11  TYR C CZ  1 
ATOM   601  O  OH  . TYR C 1 11 ? 1.440   0.858   14.522  1.00 46.74  ? 11  TYR C OH  1 
ATOM   602  N  N   . SER C 1 12 ? -3.884  7.402   13.359  1.00 38.41  ? 12  SER C N   1 
ATOM   603  C  CA  . SER C 1 12 ? -4.521  8.670   12.991  1.00 38.56  ? 12  SER C CA  1 
ATOM   604  C  C   . SER C 1 12 ? -3.991  9.242   11.675  1.00 37.82  ? 12  SER C C   1 
ATOM   605  O  O   . SER C 1 12 ? -4.662  10.041  11.023  1.00 37.84  ? 12  SER C O   1 
ATOM   606  C  CB  . SER C 1 12 ? -4.374  9.697   14.119  1.00 39.16  ? 12  SER C CB  1 
ATOM   607  O  OG  . SER C 1 12 ? -3.008  9.917   14.389  1.00 39.87  ? 12  SER C OG  1 
ATOM   608  N  N   . THR C 1 13 ? -2.803  8.805   11.272  1.00 37.02  ? 13  THR C N   1 
ATOM   609  C  CA  . THR C 1 13 ? -2.221  9.238   10.003  1.00 36.17  ? 13  THR C CA  1 
ATOM   610  C  C   . THR C 1 13 ? -2.763  8.443   8.807   1.00 36.11  ? 13  THR C C   1 
ATOM   611  O  O   . THR C 1 13 ? -2.565  8.821   7.649   1.00 34.86  ? 13  THR C O   1 
ATOM   612  C  CB  . THR C 1 13 ? -0.688  9.112   10.068  1.00 36.82  ? 13  THR C CB  1 
ATOM   613  O  OG1 . THR C 1 13 ? -0.314  7.877   10.709  1.00 36.62  ? 13  THR C OG1 1 
ATOM   614  C  CG2 . THR C 1 13 ? -0.089  10.201  10.996  1.00 37.09  ? 13  THR C CG2 1 
ATOM   615  N  N   . GLU C 1 14 ? -3.471  7.354   9.093   1.00 35.28  ? 14  GLU C N   1 
ATOM   616  C  CA  . GLU C 1 14 ? -3.816  6.378   8.069   1.00 34.10  ? 14  GLU C CA  1 
ATOM   617  C  C   . GLU C 1 14 ? -5.247  6.436   7.636   1.00 33.99  ? 14  GLU C C   1 
ATOM   618  O  O   . GLU C 1 14 ? -6.115  6.862   8.382   1.00 35.69  ? 14  GLU C O   1 
ATOM   619  C  CB  . GLU C 1 14 ? -3.506  4.971   8.565   1.00 33.50  ? 14  GLU C CB  1 
ATOM   620  C  CG  . GLU C 1 14 ? -2.025  4.778   8.781   1.00 32.42  ? 14  GLU C CG  1 
ATOM   621  C  CD  . GLU C 1 14 ? -1.671  3.421   9.334   1.00 32.30  ? 14  GLU C CD  1 
ATOM   622  O  OE1 . GLU C 1 14 ? -2.456  2.873   10.147  1.00 29.46  ? 14  GLU C OE1 1 
ATOM   623  O  OE2 . GLU C 1 14 ? -0.569  2.924   8.971   1.00 33.30  ? 14  GLU C OE2 1 
ATOM   624  N  N   . TYR C 1 15 ? -5.499  5.987   6.423   1.00 33.33  ? 15  TYR C N   1 
ATOM   625  C  CA  . TYR C 1 15 ? -6.866  5.904   5.957   1.00 34.05  ? 15  TYR C CA  1 
ATOM   626  C  C   . TYR C 1 15 ? -7.279  4.430   5.867   1.00 32.55  ? 15  TYR C C   1 
ATOM   627  O  O   . TYR C 1 15 ? -6.511  3.587   5.390   1.00 30.61  ? 15  TYR C O   1 
ATOM   628  C  CB  . TYR C 1 15 ? -6.977  6.570   4.596   1.00 35.82  ? 15  TYR C CB  1 
ATOM   629  C  CG  . TYR C 1 15 ? -8.350  6.539   3.991   1.00 38.76  ? 15  TYR C CG  1 
ATOM   630  C  CD1 . TYR C 1 15 ? -9.304  7.503   4.322   1.00 41.71  ? 15  TYR C CD1 1 
ATOM   631  C  CD2 . TYR C 1 15 ? -8.693  5.554   3.078   1.00 40.22  ? 15  TYR C CD2 1 
ATOM   632  C  CE1 . TYR C 1 15 ? -10.582 7.469   3.749   1.00 43.13  ? 15  TYR C CE1 1 
ATOM   633  C  CE2 . TYR C 1 15 ? -9.945  5.495   2.515   1.00 41.96  ? 15  TYR C CE2 1 
ATOM   634  C  CZ  . TYR C 1 15 ? -10.884 6.449   2.845   1.00 43.61  ? 15  TYR C CZ  1 
ATOM   635  O  OH  . TYR C 1 15 ? -12.122 6.378   2.251   1.00 45.57  ? 15  TYR C OH  1 
ATOM   636  N  N   . SER C 1 16 ? -8.505  4.155   6.300   1.00 32.05  ? 16  SER C N   1 
ATOM   637  C  CA  . SER C 1 16 ? -9.055  2.810   6.333   1.00 33.74  ? 16  SER C CA  1 
ATOM   638  C  C   . SER C 1 16 ? -9.603  2.479   4.963   1.00 34.30  ? 16  SER C C   1 
ATOM   639  O  O   . SER C 1 16 ? -10.674 2.932   4.590   1.00 34.44  ? 16  SER C O   1 
ATOM   640  C  CB  . SER C 1 16 ? -10.168 2.720   7.391   1.00 34.91  ? 16  SER C CB  1 
ATOM   641  O  OG  . SER C 1 16 ? -10.594 1.376   7.562   1.00 36.72  ? 16  SER C OG  1 
ATOM   642  N  N   . TYR C 1 17 ? -8.871  1.670   4.217   1.00 34.99  ? 17  TYR C N   1 
ATOM   643  C  CA  . TYR C 1 17 ? -9.165  1.451   2.808   1.00 36.31  ? 17  TYR C CA  1 
ATOM   644  C  C   . TYR C 1 17 ? -9.698  0.012   2.618   1.00 37.15  ? 17  TYR C C   1 
ATOM   645  O  O   . TYR C 1 17 ? -9.139  -0.795  1.882   1.00 40.64  ? 17  TYR C O   1 
ATOM   646  C  CB  . TYR C 1 17 ? -7.852  1.687   2.038   1.00 35.81  ? 17  TYR C CB  1 
ATOM   647  C  CG  . TYR C 1 17 ? -7.993  1.926   0.554   1.00 38.21  ? 17  TYR C CG  1 
ATOM   648  C  CD1 . TYR C 1 17 ? -8.093  3.200   0.032   1.00 39.82  ? 17  TYR C CD1 1 
ATOM   649  C  CD2 . TYR C 1 17 ? -8.019  0.880   -0.325  1.00 39.59  ? 17  TYR C CD2 1 
ATOM   650  C  CE1 . TYR C 1 17 ? -8.227  3.403   -1.338  1.00 40.08  ? 17  TYR C CE1 1 
ATOM   651  C  CE2 . TYR C 1 17 ? -8.161  1.075   -1.687  1.00 40.30  ? 17  TYR C CE2 1 
ATOM   652  C  CZ  . TYR C 1 17 ? -8.265  2.318   -2.187  1.00 39.08  ? 17  TYR C CZ  1 
ATOM   653  O  OH  . TYR C 1 17 ? -8.410  2.458   -3.539  1.00 37.59  ? 17  TYR C OH  1 
ATOM   654  N  N   . GLY C 1 18 ? -10.745 -0.359  3.323   1.00 37.24  ? 18  GLY C N   1 
ATOM   655  C  CA  . GLY C 1 18 ? -11.309 -1.690  3.143   1.00 33.81  ? 18  GLY C CA  1 
ATOM   656  C  C   . GLY C 1 18 ? -10.844 -2.678  4.196   1.00 33.79  ? 18  GLY C C   1 
ATOM   657  O  O   . GLY C 1 18 ? -10.194 -2.329  5.175   1.00 32.21  ? 18  GLY C O   1 
ATOM   658  N  N   . THR C 1 19 ? -11.171 -3.934  3.957   1.00 33.87  ? 19  THR C N   1 
ATOM   659  C  CA  . THR C 1 19 ? -11.031 -4.983  4.924   1.00 33.43  ? 19  THR C CA  1 
ATOM   660  C  C   . THR C 1 19 ? -9.829  -5.843  4.596   1.00 32.14  ? 19  THR C C   1 
ATOM   661  O  O   . THR C 1 19 ? -9.598  -6.179  3.438   1.00 31.09  ? 19  THR C O   1 
ATOM   662  C  CB  . THR C 1 19 ? -12.277 -5.832  4.847   1.00 34.89  ? 19  THR C CB  1 
ATOM   663  O  OG1 . THR C 1 19 ? -13.376 -5.058  5.341   1.00 37.16  ? 19  THR C OG1 1 
ATOM   664  C  CG2 . THR C 1 19 ? -12.193 -7.038  5.828   1.00 34.31  ? 19  THR C CG2 1 
ATOM   665  N  N   . CYS C 1 20 ? -9.062  -6.189  5.616   1.00 30.23  ? 20  CYS C N   1 
ATOM   666  C  CA  . CYS C 1 20 ? -8.006  -7.190  5.480   1.00 30.02  ? 20  CYS C CA  1 
ATOM   667  C  C   . CYS C 1 20 ? -8.399  -8.343  6.396   1.00 30.10  ? 20  CYS C C   1 
ATOM   668  O  O   . CYS C 1 20 ? -8.596  -8.117  7.593   1.00 31.23  ? 20  CYS C O   1 
ATOM   669  C  CB  . CYS C 1 20 ? -6.694  -6.620  6.020   1.00 29.49  ? 20  CYS C CB  1 
ATOM   670  S  SG  . CYS C 1 20 ? -5.349  -7.856  6.060   1.00 30.23  ? 20  CYS C SG  1 
ATOM   671  N  N   . THR C 1 21 ? -8.530  -9.561  5.882   1.00 28.62  ? 21  THR C N   1 
ATOM   672  C  CA  . THR C 1 21 ? -8.766  -10.684 6.786   1.00 27.29  ? 21  THR C CA  1 
ATOM   673  C  C   . THR C 1 21 ? -7.429  -11.278 7.192   1.00 27.22  ? 21  THR C C   1 
ATOM   674  O  O   . THR C 1 21 ? -6.581  -11.608 6.345   1.00 27.84  ? 21  THR C O   1 
ATOM   675  C  CB  . THR C 1 21 ? -9.687  -11.756 6.140   1.00 27.10  ? 21  THR C CB  1 
ATOM   676  O  OG1 . THR C 1 21 ? -9.059  -12.265 4.953   1.00 28.13  ? 21  THR C OG1 1 
ATOM   677  C  CG2 . THR C 1 21 ? -10.961 -11.109 5.648   1.00 26.19  ? 21  THR C CG2 1 
ATOM   678  N  N   . VAL C 1 22 ? -7.206  -11.383 8.486   1.00 25.39  ? 22  VAL C N   1 
ATOM   679  C  CA  . VAL C 1 22 ? -5.948  -11.943 8.955   1.00 24.37  ? 22  VAL C CA  1 
ATOM   680  C  C   . VAL C 1 22 ? -6.275  -13.337 9.456   1.00 25.37  ? 22  VAL C C   1 
ATOM   681  O  O   . VAL C 1 22 ? -6.929  -13.485 10.491  1.00 25.26  ? 22  VAL C O   1 
ATOM   682  C  CB  . VAL C 1 22 ? -5.357  -11.075 10.092  1.00 23.76  ? 22  VAL C CB  1 
ATOM   683  C  CG1 . VAL C 1 22 ? -4.153  -11.753 10.755  1.00 22.89  ? 22  VAL C CG1 1 
ATOM   684  C  CG2 . VAL C 1 22 ? -5.013  -9.699  9.560   1.00 24.40  ? 22  VAL C CG2 1 
ATOM   685  N  N   . MET C 1 23 ? -5.850  -14.355 8.713   1.00 25.81  ? 23  MET C N   1 
ATOM   686  C  CA  . MET C 1 23 ? -6.171  -15.738 9.050   1.00 27.07  ? 23  MET C CA  1 
ATOM   687  C  C   . MET C 1 23 ? -7.655  -15.906 9.400   1.00 25.75  ? 23  MET C C   1 
ATOM   688  O  O   . MET C 1 23 ? -7.987  -16.474 10.409  1.00 24.54  ? 23  MET C O   1 
ATOM   689  C  CB  . MET C 1 23 ? -5.272  -16.203 10.202  1.00 28.88  ? 23  MET C CB  1 
ATOM   690  C  CG  . MET C 1 23 ? -3.822  -16.258 9.721   1.00 32.02  ? 23  MET C CG  1 
ATOM   691  S  SD  . MET C 1 23 ? -2.685  -17.159 10.709  1.00 34.21  ? 23  MET C SD  1 
ATOM   692  C  CE  . MET C 1 23 ? -2.681  -16.202 12.242  1.00 30.67  ? 23  MET C CE  1 
ATOM   693  N  N   . GLY C 1 24 ? -8.542  -15.358 8.587   1.00 24.79  ? 24  GLY C N   1 
ATOM   694  C  CA  . GLY C 1 24 ? -9.955  -15.596 8.811   1.00 25.21  ? 24  GLY C CA  1 
ATOM   695  C  C   . GLY C 1 24 ? -10.588 -14.691 9.865   1.00 25.16  ? 24  GLY C C   1 
ATOM   696  O  O   . GLY C 1 24 ? -11.651 -15.003 10.348  1.00 24.64  ? 24  GLY C O   1 
ATOM   697  N  N   . ILE C 1 25 ? -9.935  -13.590 10.228  1.00 24.75  ? 25  ILE C N   1 
ATOM   698  C  CA  . ILE C 1 25 ? -10.553 -12.605 11.127  1.00 24.15  ? 25  ILE C CA  1 
ATOM   699  C  C   . ILE C 1 25 ? -10.441 -11.200 10.523  1.00 24.88  ? 25  ILE C C   1 
ATOM   700  O  O   . ILE C 1 25 ? -9.332  -10.735 10.207  1.00 24.43  ? 25  ILE C O   1 
ATOM   701  C  CB  . ILE C 1 25 ? -9.865  -12.648 12.515  1.00 24.40  ? 25  ILE C CB  1 
ATOM   702  C  CG1 . ILE C 1 25 ? -9.961  -14.081 13.075  1.00 24.31  ? 25  ILE C CG1 1 
ATOM   703  C  CG2 . ILE C 1 25 ? -10.520 -11.641 13.458  1.00 22.76  ? 25  ILE C CG2 1 
ATOM   704  C  CD1 . ILE C 1 25 ? -9.934  -14.162 14.544  1.00 25.63  ? 25  ILE C CD1 1 
ATOM   705  N  N   . ASN C 1 26 ? -11.583 -10.535 10.355  1.00 24.59  ? 26  ASN C N   1 
ATOM   706  C  CA  . ASN C 1 26 ? -11.635 -9.170  9.828   1.00 25.08  ? 26  ASN C CA  1 
ATOM   707  C  C   . ASN C 1 26 ? -10.771 -8.160  10.560  1.00 25.71  ? 26  ASN C C   1 
ATOM   708  O  O   . ASN C 1 26 ? -10.880 -7.986  11.791  1.00 25.02  ? 26  ASN C O   1 
ATOM   709  C  CB  . ASN C 1 26 ? -13.071 -8.627  9.796   1.00 24.53  ? 26  ASN C CB  1 
ATOM   710  C  CG  . ASN C 1 26 ? -13.925 -9.317  8.767   1.00 25.48  ? 26  ASN C CG  1 
ATOM   711  O  OD1 . ASN C 1 26 ? -13.418 -10.124 7.965   1.00 25.59  ? 26  ASN C OD1 1 
ATOM   712  N  ND2 . ASN C 1 26 ? -15.222 -8.995  8.757   1.00 22.83  ? 26  ASN C ND2 1 
ATOM   713  N  N   . HIS C 1 27 ? -9.959  -7.453  9.773   1.00 25.70  ? 27  HIS C N   1 
ATOM   714  C  CA  . HIS C 1 27 ? -9.165  -6.330  10.260  1.00 26.81  ? 27  HIS C CA  1 
ATOM   715  C  C   . HIS C 1 27 ? -9.362  -5.222  9.230   1.00 28.85  ? 27  HIS C C   1 
ATOM   716  O  O   . HIS C 1 27 ? -10.045 -5.425  8.227   1.00 28.94  ? 27  HIS C O   1 
ATOM   717  C  CB  . HIS C 1 27 ? -7.677  -6.693  10.340  1.00 25.09  ? 27  HIS C CB  1 
ATOM   718  C  CG  . HIS C 1 27 ? -7.319  -7.498  11.548  1.00 24.66  ? 27  HIS C CG  1 
ATOM   719  N  ND1 . HIS C 1 27 ? -7.735  -8.802  11.727  1.00 25.65  ? 27  HIS C ND1 1 
ATOM   720  C  CD2 . HIS C 1 27 ? -6.598  -7.179  12.647  1.00 23.85  ? 27  HIS C CD2 1 
ATOM   721  C  CE1 . HIS C 1 27 ? -7.268  -9.256  12.880  1.00 25.90  ? 27  HIS C CE1 1 
ATOM   722  N  NE2 . HIS C 1 27 ? -6.575  -8.288  13.457  1.00 24.89  ? 27  HIS C NE2 1 
ATOM   723  N  N   . ARG C 1 28 ? -8.766  -4.064  9.476   1.00 30.47  ? 28  ARG C N   1 
ATOM   724  C  CA  . ARG C 1 28 ? -8.799  -2.977  8.516   1.00 32.21  ? 28  ARG C CA  1 
ATOM   725  C  C   . ARG C 1 28 ? -7.516  -2.955  7.717   1.00 30.50  ? 28  ARG C C   1 
ATOM   726  O  O   . ARG C 1 28 ? -6.463  -3.315  8.210   1.00 28.84  ? 28  ARG C O   1 
ATOM   727  C  CB  . ARG C 1 28 ? -9.004  -1.642  9.234   1.00 38.02  ? 28  ARG C CB  1 
ATOM   728  C  CG  . ARG C 1 28 ? -10.414 -1.495  9.745   1.00 43.07  ? 28  ARG C CG  1 
ATOM   729  C  CD  . ARG C 1 28 ? -10.545 -0.458  10.812  1.00 49.12  ? 28  ARG C CD  1 
ATOM   730  N  NE  . ARG C 1 28 ? -11.919 0.062   10.870  1.00 54.22  ? 28  ARG C NE  1 
ATOM   731  C  CZ  . ARG C 1 28 ? -12.472 0.638   11.940  1.00 56.60  ? 28  ARG C CZ  1 
ATOM   732  N  NH1 . ARG C 1 28 ? -11.775 0.782   13.067  1.00 57.86  ? 28  ARG C NH1 1 
ATOM   733  N  NH2 . ARG C 1 28 ? -13.732 1.071   11.883  1.00 57.23  ? 28  ARG C NH2 1 
ATOM   734  N  N   . PHE C 1 29 ? -7.637  -2.602  6.448   1.00 29.13  ? 29  PHE C N   1 
ATOM   735  C  CA  . PHE C 1 29 ? -6.496  -2.353  5.592   1.00 28.35  ? 29  PHE C CA  1 
ATOM   736  C  C   . PHE C 1 29 ? -6.187  -0.831  5.700   1.00 28.79  ? 29  PHE C C   1 
ATOM   737  O  O   . PHE C 1 29 ? -6.892  0.014   5.137   1.00 28.59  ? 29  PHE C O   1 
ATOM   738  C  CB  . PHE C 1 29 ? -6.904  -2.743  4.186   1.00 27.13  ? 29  PHE C CB  1 
ATOM   739  C  CG  . PHE C 1 29 ? -5.788  -2.731  3.194   1.00 27.53  ? 29  PHE C CG  1 
ATOM   740  C  CD1 . PHE C 1 29 ? -4.641  -3.479  3.417   1.00 26.12  ? 29  PHE C CD1 1 
ATOM   741  C  CD2 . PHE C 1 29 ? -5.901  -1.986  2.025   1.00 26.50  ? 29  PHE C CD2 1 
ATOM   742  C  CE1 . PHE C 1 29 ? -3.638  -3.499  2.493   1.00 27.84  ? 29  PHE C CE1 1 
ATOM   743  C  CE2 . PHE C 1 29 ? -4.884  -2.001  1.082   1.00 28.63  ? 29  PHE C CE2 1 
ATOM   744  C  CZ  . PHE C 1 29 ? -3.735  -2.754  1.323   1.00 27.95  ? 29  PHE C CZ  1 
ATOM   745  N  N   . CYS C 1 30 ? -5.150  -0.494  6.452   1.00 28.35  ? 30  CYS C N   1 
ATOM   746  C  CA  . CYS C 1 30 ? -4.837  0.893   6.768   1.00 28.39  ? 30  CYS C CA  1 
ATOM   747  C  C   . CYS C 1 30 ? -3.702  1.429   5.907   1.00 28.30  ? 30  CYS C C   1 
ATOM   748  O  O   . CYS C 1 30 ? -2.618  0.891   5.954   1.00 28.81  ? 30  CYS C O   1 
ATOM   749  C  CB  . CYS C 1 30 ? -4.407  0.954   8.238   1.00 30.48  ? 30  CYS C CB  1 
ATOM   750  S  SG  . CYS C 1 30 ? -5.721  0.340   9.350   1.00 31.69  ? 30  CYS C SG  1 
ATOM   751  N  N   . CYS C 1 31 ? -3.932  2.512   5.170   1.00 27.05  ? 31  CYS C N   1 
ATOM   752  C  CA  . CYS C 1 31 ? -2.952  2.994   4.206   1.00 28.82  ? 31  CYS C CA  1 
ATOM   753  C  C   . CYS C 1 31 ? -2.512  4.433   4.502   1.00 29.16  ? 31  CYS C C   1 
ATOM   754  O  O   . CYS C 1 31 ? -3.316  5.256   4.948   1.00 28.31  ? 31  CYS C O   1 
ATOM   755  C  CB  . CYS C 1 31 ? -3.546  2.966   2.791   1.00 29.10  ? 31  CYS C CB  1 
ATOM   756  S  SG  . CYS C 1 31 ? -3.926  1.305   2.169   1.00 32.06  ? 31  CYS C SG  1 
ATOM   757  N  N   . LEU C 1 32 ? -1.259  4.757   4.193   1.00 29.70  ? 32  LEU C N   1 
ATOM   758  C  CA  . LEU C 1 32 ? -0.876  6.171   4.146   1.00 32.12  ? 32  LEU C CA  1 
ATOM   759  C  C   . LEU C 1 32 ? 0.112   6.524   3.042   1.00 32.48  ? 32  LEU C C   1 
ATOM   760  O  O   . LEU C 1 32 ? 0.697   5.629   2.403   1.00 30.44  ? 32  LEU C O   1 
ATOM   761  C  CB  . LEU C 1 32 ? -0.375  6.668   5.505   1.00 33.20  ? 32  LEU C CB  1 
ATOM   762  C  CG  . LEU C 1 32 ? 1.087   6.434   5.831   1.00 35.89  ? 32  LEU C CG  1 
ATOM   763  C  CD1 . LEU C 1 32 ? 1.404   6.964   7.248   1.00 37.04  ? 32  LEU C CD1 1 
ATOM   764  C  CD2 . LEU C 1 32 ? 1.370   4.967   5.732   1.00 35.18  ? 32  LEU C CD2 1 
ATOM   765  O  OXT . LEU C 1 32 ? 0.309   7.735   2.872   1.00 35.08  ? 32  LEU C OXT 1 
ATOM   766  N  N   . ALA D 1 1  ? 7.170   -16.811 22.220  1.00 28.13  ? 1   ALA D N   1 
ATOM   767  C  CA  . ALA D 1 1  ? 6.354   -15.790 21.512  1.00 29.39  ? 1   ALA D CA  1 
ATOM   768  C  C   . ALA D 1 1  ? 6.686   -15.843 20.031  1.00 29.70  ? 1   ALA D C   1 
ATOM   769  O  O   . ALA D 1 1  ? 7.709   -16.419 19.626  1.00 29.34  ? 1   ALA D O   1 
ATOM   770  C  CB  . ALA D 1 1  ? 6.635   -14.376 22.076  1.00 29.52  ? 1   ALA D CB  1 
ATOM   771  N  N   . PHE D 1 2  ? 5.818   -15.251 19.225  1.00 28.40  ? 2   PHE D N   1 
ATOM   772  C  CA  . PHE D 1 2  ? 6.051   -15.140 17.797  1.00 29.14  ? 2   PHE D CA  1 
ATOM   773  C  C   . PHE D 1 2  ? 5.808   -13.702 17.402  1.00 30.89  ? 2   PHE D C   1 
ATOM   774  O  O   . PHE D 1 2  ? 4.831   -13.090 17.861  1.00 32.07  ? 2   PHE D O   1 
ATOM   775  C  CB  . PHE D 1 2  ? 5.057   -16.025 17.039  1.00 29.02  ? 2   PHE D CB  1 
ATOM   776  C  CG  . PHE D 1 2  ? 5.121   -17.473 17.453  1.00 28.91  ? 2   PHE D CG  1 
ATOM   777  C  CD1 . PHE D 1 2  ? 4.490   -17.904 18.607  1.00 28.30  ? 2   PHE D CD1 1 
ATOM   778  C  CD2 . PHE D 1 2  ? 5.858   -18.391 16.713  1.00 29.66  ? 2   PHE D CD2 1 
ATOM   779  C  CE1 . PHE D 1 2  ? 4.576   -19.242 19.004  1.00 29.23  ? 2   PHE D CE1 1 
ATOM   780  C  CE2 . PHE D 1 2  ? 5.958   -19.740 17.111  1.00 28.90  ? 2   PHE D CE2 1 
ATOM   781  C  CZ  . PHE D 1 2  ? 5.305   -20.160 18.236  1.00 28.81  ? 2   PHE D CZ  1 
ATOM   782  N  N   . THR D 1 3  ? 6.687   -13.167 16.557  1.00 30.69  ? 3   THR D N   1 
ATOM   783  C  CA  . THR D 1 3  ? 6.506   -11.842 15.981  1.00 31.69  ? 3   THR D CA  1 
ATOM   784  C  C   . THR D 1 3  ? 6.210   -12.056 14.515  1.00 31.10  ? 3   THR D C   1 
ATOM   785  O  O   . THR D 1 3  ? 6.939   -12.777 13.819  1.00 30.61  ? 3   THR D O   1 
ATOM   786  C  CB  . THR D 1 3  ? 7.788   -10.968 16.158  1.00 33.48  ? 3   THR D CB  1 
ATOM   787  O  OG1 . THR D 1 3  ? 8.013   -10.731 17.554  1.00 35.83  ? 3   THR D OG1 1 
ATOM   788  C  CG2 . THR D 1 3  ? 7.555   -9.569  15.625  1.00 32.89  ? 3   THR D CG2 1 
ATOM   789  N  N   . CYS D 1 4  ? 5.120   -11.466 14.045  1.00 31.16  ? 4   CYS D N   1 
ATOM   790  C  CA  . CYS D 1 4  ? 4.604   -11.853 12.742  1.00 31.16  ? 4   CYS D CA  1 
ATOM   791  C  C   . CYS D 1 4  ? 4.268   -10.656 11.866  1.00 31.36  ? 4   CYS D C   1 
ATOM   792  O  O   . CYS D 1 4  ? 3.910   -9.586  12.374  1.00 31.19  ? 4   CYS D O   1 
ATOM   793  C  CB  . CYS D 1 4  ? 3.357   -12.714 12.909  1.00 31.32  ? 4   CYS D CB  1 
ATOM   794  S  SG  . CYS D 1 4  ? 3.489   -14.090 14.086  1.00 32.55  ? 4   CYS D SG  1 
ATOM   795  N  N   . HIS D 1 5  ? 4.339   -10.874 10.550  1.00 30.80  ? 5   HIS D N   1 
ATOM   796  C  CA  . HIS D 1 5  ? 4.062   -9.843  9.563   1.00 30.81  ? 5   HIS D CA  1 
ATOM   797  C  C   . HIS D 1 5  ? 3.342   -10.458 8.367   1.00 29.77  ? 5   HIS D C   1 
ATOM   798  O  O   . HIS D 1 5  ? 3.683   -11.572 7.954   1.00 29.75  ? 5   HIS D O   1 
ATOM   799  C  CB  . HIS D 1 5  ? 5.371   -9.218  9.079   1.00 30.39  ? 5   HIS D CB  1 
ATOM   800  C  CG  . HIS D 1 5  ? 6.176   -8.591  10.169  1.00 32.11  ? 5   HIS D CG  1 
ATOM   801  N  ND1 . HIS D 1 5  ? 6.915   -9.334  11.071  1.00 32.23  ? 5   HIS D ND1 1 
ATOM   802  C  CD2 . HIS D 1 5  ? 6.382   -7.289  10.492  1.00 31.75  ? 5   HIS D CD2 1 
ATOM   803  C  CE1 . HIS D 1 5  ? 7.518   -8.520  11.919  1.00 31.64  ? 5   HIS D CE1 1 
ATOM   804  N  NE2 . HIS D 1 5  ? 7.205   -7.277  11.595  1.00 33.25  ? 5   HIS D NE2 1 
ATOM   805  N  N   . CYS D 1 6  ? 2.372   -9.723  7.809   1.00 28.72  ? 6   CYS D N   1 
ATOM   806  C  CA  . CYS D 1 6  ? 1.680   -10.135 6.573   1.00 28.28  ? 6   CYS D CA  1 
ATOM   807  C  C   . CYS D 1 6  ? 2.534   -9.735  5.367   1.00 29.40  ? 6   CYS D C   1 
ATOM   808  O  O   . CYS D 1 6  ? 2.545   -8.570  4.982   1.00 29.47  ? 6   CYS D O   1 
ATOM   809  C  CB  . CYS D 1 6  ? 0.306   -9.461  6.462   1.00 28.89  ? 6   CYS D CB  1 
ATOM   810  S  SG  . CYS D 1 6  ? -0.868  -10.020 7.752   1.00 30.98  ? 6   CYS D SG  1 
ATOM   811  N  N   . ARG D 1 7  ? 3.264   -10.685 4.790   1.00 28.86  ? 7   ARG D N   1 
ATOM   812  C  CA  . ARG D 1 7  ? 4.209   -10.365 3.737   1.00 30.50  ? 7   ARG D CA  1 
ATOM   813  C  C   . ARG D 1 7  ? 3.828   -11.112 2.485   1.00 31.04  ? 7   ARG D C   1 
ATOM   814  O  O   . ARG D 1 7  ? 3.263   -12.186 2.534   1.00 29.24  ? 7   ARG D O   1 
ATOM   815  C  CB  . ARG D 1 7  ? 5.634   -10.815 4.093   1.00 31.25  ? 7   ARG D CB  1 
ATOM   816  C  CG  . ARG D 1 7  ? 6.158   -10.401 5.456   1.00 31.38  ? 7   ARG D CG  1 
ATOM   817  C  CD  . ARG D 1 7  ? 7.650   -10.477 5.506   1.00 31.52  ? 7   ARG D CD  1 
ATOM   818  N  NE  . ARG D 1 7  ? 8.258   -10.383 6.836   1.00 31.88  ? 7   ARG D NE  1 
ATOM   819  C  CZ  . ARG D 1 7  ? 8.541   -9.227  7.449   1.00 31.67  ? 7   ARG D CZ  1 
ATOM   820  N  NH1 . ARG D 1 7  ? 8.219   -8.070  6.864   1.00 30.88  ? 7   ARG D NH1 1 
ATOM   821  N  NH2 . ARG D 1 7  ? 9.136   -9.230  8.650   1.00 30.69  ? 7   ARG D NH2 1 
ATOM   822  N  N   . ARG D 1 8  ? 4.184   -10.536 1.353   1.00 32.79  ? 8   ARG D N   1 
ATOM   823  C  CA  . ARG D 1 8  ? 4.054   -11.229 0.087   1.00 34.18  ? 8   ARG D CA  1 
ATOM   824  C  C   . ARG D 1 8  ? 4.909   -12.528 0.130   1.00 34.00  ? 8   ARG D C   1 
ATOM   825  O  O   . ARG D 1 8  ? 4.467   -13.585 -0.308  1.00 33.20  ? 8   ARG D O   1 
ATOM   826  C  CB  . ARG D 1 8  ? 4.517   -10.290 -1.024  1.00 35.64  ? 8   ARG D CB  1 
ATOM   827  C  CG  . ARG D 1 8  ? 4.598   -10.904 -2.390  1.00 39.00  ? 8   ARG D CG  1 
ATOM   828  C  CD  . ARG D 1 8  ? 4.977   -9.879  -3.449  1.00 41.67  ? 8   ARG D CD  1 
ATOM   829  N  NE  . ARG D 1 8  ? 5.513   -10.518 -4.648  1.00 45.78  ? 8   ARG D NE  1 
ATOM   830  C  CZ  . ARG D 1 8  ? 4.754   -10.995 -5.620  1.00 47.10  ? 8   ARG D CZ  1 
ATOM   831  N  NH1 . ARG D 1 8  ? 3.428   -10.900 -5.522  1.00 48.09  ? 8   ARG D NH1 1 
ATOM   832  N  NH2 . ARG D 1 8  ? 5.304   -11.561 -6.681  1.00 47.65  ? 8   ARG D NH2 1 
ATOM   833  N  N   . SER D 1 9  ? 6.131   -12.442 0.642   1.00 33.22  ? 9   SER D N   1 
ATOM   834  C  CA  . SER D 1 9  ? 6.866   -13.669 0.932   1.00 35.71  ? 9   SER D CA  1 
ATOM   835  C  C   . SER D 1 9  ? 7.660   -13.568 2.233   1.00 35.58  ? 9   SER D C   1 
ATOM   836  O  O   . SER D 1 9  ? 8.180   -12.509 2.576   1.00 35.60  ? 9   SER D O   1 
ATOM   837  C  CB  . SER D 1 9  ? 7.762   -14.099 -0.245  1.00 36.68  ? 9   SER D CB  1 
ATOM   838  O  OG  . SER D 1 9  ? 8.644   -13.075 -0.580  1.00 36.45  ? 9   SER D OG  1 
ATOM   839  N  N   . CYS D 1 10 ? 7.723   -14.678 2.961   1.00 36.26  ? 10  CYS D N   1 
ATOM   840  C  CA  . CYS D 1 10 ? 8.428   -14.712 4.235   1.00 37.28  ? 10  CYS D CA  1 
ATOM   841  C  C   . CYS D 1 10 ? 9.944   -14.576 4.089   1.00 38.14  ? 10  CYS D C   1 
ATOM   842  O  O   . CYS D 1 10 ? 10.519  -15.036 3.104   1.00 37.85  ? 10  CYS D O   1 
ATOM   843  C  CB  . CYS D 1 10 ? 8.083   -16.007 4.947   1.00 37.34  ? 10  CYS D CB  1 
ATOM   844  S  SG  . CYS D 1 10 ? 6.330   -16.083 5.289   1.00 37.09  ? 10  CYS D SG  1 
ATOM   845  N  N   . TYR D 1 11 ? 10.588  -13.920 5.056   1.00 39.55  ? 11  TYR D N   1 
ATOM   846  C  CA  . TYR D 1 11 ? 12.046  -13.936 5.128   1.00 40.48  ? 11  TYR D CA  1 
ATOM   847  C  C   . TYR D 1 11 ? 12.487  -15.374 5.343   1.00 40.29  ? 11  TYR D C   1 
ATOM   848  O  O   . TYR D 1 11 ? 11.704  -16.195 5.824   1.00 38.40  ? 11  TYR D O   1 
ATOM   849  C  CB  . TYR D 1 11 ? 12.547  -13.112 6.311   1.00 42.61  ? 11  TYR D CB  1 
ATOM   850  C  CG  . TYR D 1 11 ? 12.259  -11.623 6.242   1.00 44.55  ? 11  TYR D CG  1 
ATOM   851  C  CD1 . TYR D 1 11 ? 11.805  -11.029 5.066   1.00 45.10  ? 11  TYR D CD1 1 
ATOM   852  C  CD2 . TYR D 1 11 ? 12.464  -10.816 7.358   1.00 44.97  ? 11  TYR D CD2 1 
ATOM   853  C  CE1 . TYR D 1 11 ? 11.551  -9.670  5.000   1.00 46.25  ? 11  TYR D CE1 1 
ATOM   854  C  CE2 . TYR D 1 11 ? 12.216  -9.458  7.313   1.00 46.60  ? 11  TYR D CE2 1 
ATOM   855  C  CZ  . TYR D 1 11 ? 11.757  -8.885  6.131   1.00 47.64  ? 11  TYR D CZ  1 
ATOM   856  O  OH  . TYR D 1 11 ? 11.506  -7.518  6.087   1.00 48.88  ? 11  TYR D OH  1 
ATOM   857  N  N   . SER D 1 12 ? 13.749  -15.678 5.022   1.00 40.78  ? 12  SER D N   1 
ATOM   858  C  CA  . SER D 1 12 ? 14.295  -17.026 5.223   1.00 41.15  ? 12  SER D CA  1 
ATOM   859  C  C   . SER D 1 12 ? 14.259  -17.447 6.694   1.00 40.90  ? 12  SER D C   1 
ATOM   860  O  O   . SER D 1 12 ? 14.143  -18.633 7.013   1.00 39.65  ? 12  SER D O   1 
ATOM   861  C  CB  . SER D 1 12 ? 15.716  -17.161 4.637   1.00 42.29  ? 12  SER D CB  1 
ATOM   862  O  OG  . SER D 1 12 ? 16.588  -16.188 5.186   1.00 43.62  ? 12  SER D OG  1 
ATOM   863  N  N   . THR D 1 13 ? 14.320  -16.467 7.591   1.00 41.53  ? 13  THR D N   1 
ATOM   864  C  CA  . THR D 1 13 ? 14.212  -16.747 9.027   1.00 41.70  ? 13  THR D CA  1 
ATOM   865  C  C   . THR D 1 13 ? 12.758  -16.928 9.485   1.00 40.94  ? 13  THR D C   1 
ATOM   866  O  O   . THR D 1 13 ? 12.522  -17.262 10.642  1.00 42.01  ? 13  THR D O   1 
ATOM   867  C  CB  . THR D 1 13 ? 14.846  -15.612 9.836   1.00 42.17  ? 13  THR D CB  1 
ATOM   868  O  OG1 . THR D 1 13 ? 14.364  -14.359 9.326   1.00 41.25  ? 13  THR D OG1 1 
ATOM   869  C  CG2 . THR D 1 13 ? 16.379  -15.549 9.612   1.00 42.08  ? 13  THR D CG2 1 
ATOM   870  N  N   . GLU D 1 14 ? 11.793  -16.726 8.589   1.00 39.44  ? 14  GLU D N   1 
ATOM   871  C  CA  . GLU D 1 14 ? 10.368  -16.835 8.942   1.00 38.38  ? 14  GLU D CA  1 
ATOM   872  C  C   . GLU D 1 14 ? 9.664   -18.074 8.374   1.00 37.49  ? 14  GLU D C   1 
ATOM   873  O  O   . GLU D 1 14 ? 10.187  -18.779 7.513   1.00 37.08  ? 14  GLU D O   1 
ATOM   874  C  CB  . GLU D 1 14 ? 9.615   -15.570 8.503   1.00 37.56  ? 14  GLU D CB  1 
ATOM   875  C  CG  . GLU D 1 14 ? 9.949   -14.345 9.342   1.00 37.36  ? 14  GLU D CG  1 
ATOM   876  C  CD  . GLU D 1 14 ? 9.597   -13.027 8.666   1.00 36.97  ? 14  GLU D CD  1 
ATOM   877  O  OE1 . GLU D 1 14 ? 9.289   -13.008 7.457   1.00 35.91  ? 14  GLU D OE1 1 
ATOM   878  O  OE2 . GLU D 1 14 ? 9.637   -11.988 9.353   1.00 37.34  ? 14  GLU D OE2 1 
ATOM   879  N  N   . TYR D 1 15 ? 8.456   -18.308 8.850   1.00 36.50  ? 15  TYR D N   1 
ATOM   880  C  CA  . TYR D 1 15 ? 7.629   -19.389 8.367   1.00 36.65  ? 15  TYR D CA  1 
ATOM   881  C  C   . TYR D 1 15 ? 6.184   -18.885 8.317   1.00 35.97  ? 15  TYR D C   1 
ATOM   882  O  O   . TYR D 1 15 ? 5.789   -18.042 9.140   1.00 35.63  ? 15  TYR D O   1 
ATOM   883  C  CB  . TYR D 1 15 ? 7.728   -20.565 9.331   1.00 39.14  ? 15  TYR D CB  1 
ATOM   884  C  CG  . TYR D 1 15 ? 7.310   -21.867 8.712   1.00 40.65  ? 15  TYR D CG  1 
ATOM   885  C  CD1 . TYR D 1 15 ? 8.215   -22.632 7.962   1.00 42.33  ? 15  TYR D CD1 1 
ATOM   886  C  CD2 . TYR D 1 15 ? 6.017   -22.326 8.849   1.00 40.95  ? 15  TYR D CD2 1 
ATOM   887  C  CE1 . TYR D 1 15 ? 7.825   -23.845 7.369   1.00 42.63  ? 15  TYR D CE1 1 
ATOM   888  C  CE2 . TYR D 1 15 ? 5.615   -23.520 8.272   1.00 42.00  ? 15  TYR D CE2 1 
ATOM   889  C  CZ  . TYR D 1 15 ? 6.519   -24.282 7.540   1.00 42.94  ? 15  TYR D CZ  1 
ATOM   890  O  OH  . TYR D 1 15 ? 6.092   -25.465 6.962   1.00 43.54  ? 15  TYR D OH  1 
ATOM   891  N  N   . SER D 1 16 ? 5.402   -19.387 7.364   1.00 34.30  ? 16  SER D N   1 
ATOM   892  C  CA  . SER D 1 16 ? 4.026   -18.941 7.209   1.00 33.64  ? 16  SER D CA  1 
ATOM   893  C  C   . SER D 1 16 ? 3.046   -19.777 8.014   1.00 33.90  ? 16  SER D C   1 
ATOM   894  O  O   . SER D 1 16 ? 2.984   -20.992 7.850   1.00 35.49  ? 16  SER D O   1 
ATOM   895  C  CB  . SER D 1 16 ? 3.591   -19.006 5.754   1.00 34.07  ? 16  SER D CB  1 
ATOM   896  O  OG  . SER D 1 16 ? 2.330   -18.366 5.626   1.00 33.31  ? 16  SER D OG  1 
ATOM   897  N  N   . TYR D 1 17 ? 2.259   -19.118 8.855   1.00 33.29  ? 17  TYR D N   1 
ATOM   898  C  CA  . TYR D 1 17 ? 1.283   -19.800 9.706   1.00 33.63  ? 17  TYR D CA  1 
ATOM   899  C  C   . TYR D 1 17 ? -0.141  -19.635 9.175   1.00 33.83  ? 17  TYR D C   1 
ATOM   900  O  O   . TYR D 1 17 ? -1.087  -20.120 9.785   1.00 34.05  ? 17  TYR D O   1 
ATOM   901  C  CB  . TYR D 1 17 ? 1.375   -19.262 11.132  1.00 33.72  ? 17  TYR D CB  1 
ATOM   902  C  CG  . TYR D 1 17 ? 2.650   -19.649 11.837  1.00 35.17  ? 17  TYR D CG  1 
ATOM   903  C  CD1 . TYR D 1 17 ? 3.894   -19.219 11.366  1.00 35.59  ? 17  TYR D CD1 1 
ATOM   904  C  CD2 . TYR D 1 17 ? 2.626   -20.479 12.956  1.00 35.32  ? 17  TYR D CD2 1 
ATOM   905  C  CE1 . TYR D 1 17 ? 5.062   -19.604 11.997  1.00 36.43  ? 17  TYR D CE1 1 
ATOM   906  C  CE2 . TYR D 1 17 ? 3.791   -20.862 13.593  1.00 36.00  ? 17  TYR D CE2 1 
ATOM   907  C  CZ  . TYR D 1 17 ? 4.997   -20.429 13.113  1.00 36.53  ? 17  TYR D CZ  1 
ATOM   908  O  OH  . TYR D 1 17 ? 6.143   -20.810 13.754  1.00 37.82  ? 17  TYR D OH  1 
ATOM   909  N  N   . GLY D 1 18 ? -0.286  -18.928 8.046   1.00 34.01  ? 18  GLY D N   1 
ATOM   910  C  CA  . GLY D 1 18 ? -1.563  -18.752 7.364   1.00 31.32  ? 18  GLY D CA  1 
ATOM   911  C  C   . GLY D 1 18 ? -1.547  -17.607 6.339   1.00 31.71  ? 18  GLY D C   1 
ATOM   912  O  O   . GLY D 1 18 ? -0.503  -17.265 5.757   1.00 29.81  ? 18  GLY D O   1 
ATOM   913  N  N   . THR D 1 19 ? -2.716  -17.000 6.128   1.00 31.41  ? 19  THR D N   1 
ATOM   914  C  CA  . THR D 1 19 ? -2.914  -16.012 5.067   1.00 31.16  ? 19  THR D CA  1 
ATOM   915  C  C   . THR D 1 19 ? -3.548  -14.690 5.538   1.00 31.05  ? 19  THR D C   1 
ATOM   916  O  O   . THR D 1 19 ? -4.464  -14.673 6.372   1.00 29.53  ? 19  THR D O   1 
ATOM   917  C  CB  . THR D 1 19 ? -3.794  -16.638 3.978   1.00 32.46  ? 19  THR D CB  1 
ATOM   918  O  OG1 . THR D 1 19 ? -3.119  -17.786 3.440   1.00 34.42  ? 19  THR D OG1 1 
ATOM   919  C  CG2 . THR D 1 19 ? -3.896  -15.725 2.744   1.00 33.26  ? 19  THR D CG2 1 
ATOM   920  N  N   . CYS D 1 20 ? -3.060  -13.588 4.984   1.00 30.66  ? 20  CYS D N   1 
ATOM   921  C  CA  . CYS D 1 20 ? -3.705  -12.296 5.169   1.00 30.55  ? 20  CYS D CA  1 
ATOM   922  C  C   . CYS D 1 20 ? -4.176  -11.857 3.815   1.00 30.63  ? 20  CYS D C   1 
ATOM   923  O  O   . CYS D 1 20 ? -3.377  -11.765 2.884   1.00 31.54  ? 20  CYS D O   1 
ATOM   924  C  CB  . CYS D 1 20 ? -2.727  -11.245 5.674   1.00 29.44  ? 20  CYS D CB  1 
ATOM   925  S  SG  . CYS D 1 20 ? -1.621  -11.786 6.973   1.00 31.15  ? 20  CYS D SG  1 
ATOM   926  N  N   . THR D 1 21 ? -5.453  -11.517 3.725   1.00 29.90  ? 21  THR D N   1 
ATOM   927  C  CA  . THR D 1 21 ? -6.088  -11.291 2.451   1.00 29.78  ? 21  THR D CA  1 
ATOM   928  C  C   . THR D 1 21 ? -6.729  -9.934  2.369   1.00 29.64  ? 21  THR D C   1 
ATOM   929  O  O   . THR D 1 21 ? -7.471  -9.535  3.269   1.00 29.03  ? 21  THR D O   1 
ATOM   930  C  CB  . THR D 1 21 ? -7.165  -12.392 2.184   1.00 29.19  ? 21  THR D CB  1 
ATOM   931  O  OG1 . THR D 1 21 ? -6.500  -13.648 1.991   1.00 29.38  ? 21  THR D OG1 1 
ATOM   932  C  CG2 . THR D 1 21 ? -7.851  -12.145 0.861   1.00 26.87  ? 21  THR D CG2 1 
ATOM   933  N  N   . VAL D 1 22 ? -6.431  -9.236  1.278   1.00 28.70  ? 22  VAL D N   1 
ATOM   934  C  CA  . VAL D 1 22 ? -7.065  -7.966  0.961   1.00 31.81  ? 22  VAL D CA  1 
ATOM   935  C  C   . VAL D 1 22 ? -7.524  -8.050  -0.496  1.00 33.16  ? 22  VAL D C   1 
ATOM   936  O  O   . VAL D 1 22 ? -6.690  -8.016  -1.401  1.00 34.48  ? 22  VAL D O   1 
ATOM   937  C  CB  . VAL D 1 22 ? -6.034  -6.810  1.033   1.00 33.15  ? 22  VAL D CB  1 
ATOM   938  C  CG1 . VAL D 1 22 ? -6.698  -5.522  0.635   1.00 34.05  ? 22  VAL D CG1 1 
ATOM   939  C  CG2 . VAL D 1 22 ? -5.464  -6.678  2.466   1.00 32.67  ? 22  VAL D CG2 1 
ATOM   940  N  N   . MET D 1 23 ? -8.827  -8.123  -0.726  1.00 34.08  ? 23  MET D N   1 
ATOM   941  C  CA  . MET D 1 23 ? -9.359  -8.330  -2.081  1.00 37.52  ? 23  MET D CA  1 
ATOM   942  C  C   . MET D 1 23 ? -8.613  -9.482  -2.759  1.00 37.28  ? 23  MET D C   1 
ATOM   943  O  O   . MET D 1 23 ? -8.501  -10.572 -2.206  1.00 38.67  ? 23  MET D O   1 
ATOM   944  C  CB  . MET D 1 23 ? -9.225  -7.069  -2.936  1.00 39.74  ? 23  MET D CB  1 
ATOM   945  C  CG  . MET D 1 23 ? -9.918  -5.847  -2.376  1.00 42.80  ? 23  MET D CG  1 
ATOM   946  S  SD  . MET D 1 23 ? -11.651 -6.137  -1.999  1.00 47.69  ? 23  MET D SD  1 
ATOM   947  C  CE  . MET D 1 23 ? -12.444 -6.287  -3.754  1.00 46.81  ? 23  MET D CE  1 
ATOM   948  N  N   . GLY D 1 24 ? -8.055  -9.206  -3.932  1.00 35.89  ? 24  GLY D N   1 
ATOM   949  C  CA  . GLY D 1 24 ? -7.305  -10.196 -4.676  1.00 35.04  ? 24  GLY D CA  1 
ATOM   950  C  C   . GLY D 1 24 ? -5.861  -10.399 -4.254  1.00 36.07  ? 24  GLY D C   1 
ATOM   951  O  O   . GLY D 1 24 ? -5.109  -11.102 -4.942  1.00 38.03  ? 24  GLY D O   1 
ATOM   952  N  N   . ILE D 1 25 ? -5.442  -9.819  -3.132  1.00 33.84  ? 25  ILE D N   1 
ATOM   953  C  CA  . ILE D 1 25 ? -4.078  -10.047 -2.691  1.00 33.35  ? 25  ILE D CA  1 
ATOM   954  C  C   . ILE D 1 25 ? -3.997  -11.015 -1.505  1.00 33.84  ? 25  ILE D C   1 
ATOM   955  O  O   . ILE D 1 25 ? -4.659  -10.810 -0.491  1.00 33.40  ? 25  ILE D O   1 
ATOM   956  C  CB  . ILE D 1 25 ? -3.405  -8.728  -2.286  1.00 34.15  ? 25  ILE D CB  1 
ATOM   957  C  CG1 . ILE D 1 25 ? -3.640  -7.658  -3.346  1.00 34.09  ? 25  ILE D CG1 1 
ATOM   958  C  CG2 . ILE D 1 25 ? -1.892  -8.972  -2.005  1.00 33.30  ? 25  ILE D CG2 1 
ATOM   959  C  CD1 . ILE D 1 25 ? -3.677  -6.236  -2.752  1.00 34.30  ? 25  ILE D CD1 1 
ATOM   960  N  N   . ASN D 1 26 ? -3.154  -12.033 -1.616  1.00 33.03  ? 26  ASN D N   1 
ATOM   961  C  CA  . ASN D 1 26 ? -2.929  -12.931 -0.512  1.00 34.80  ? 26  ASN D CA  1 
ATOM   962  C  C   . ASN D 1 26 ? -1.490  -12.857 -0.033  1.00 33.99  ? 26  ASN D C   1 
ATOM   963  O  O   . ASN D 1 26 ? -0.595  -13.331 -0.725  1.00 37.58  ? 26  ASN D O   1 
ATOM   964  C  CB  . ASN D 1 26 ? -3.261  -14.380 -0.913  1.00 34.82  ? 26  ASN D CB  1 
ATOM   965  C  CG  . ASN D 1 26 ? -4.720  -14.560 -1.288  1.00 36.17  ? 26  ASN D CG  1 
ATOM   966  O  OD1 . ASN D 1 26 ? -5.613  -14.380 -0.455  1.00 36.76  ? 26  ASN D OD1 1 
ATOM   967  N  ND2 . ASN D 1 26 ? -4.973  -14.920 -2.540  1.00 35.90  ? 26  ASN D ND2 1 
ATOM   968  N  N   . HIS D 1 27 ? -1.274  -12.317 1.159   1.00 30.80  ? 27  HIS D N   1 
ATOM   969  C  CA  . HIS D 1 27 ? 0.027   -12.336 1.796   1.00 29.98  ? 27  HIS D CA  1 
ATOM   970  C  C   . HIS D 1 27 ? 0.104   -13.527 2.755   1.00 31.45  ? 27  HIS D C   1 
ATOM   971  O  O   . HIS D 1 27 ? -0.925  -14.133 3.087   1.00 29.96  ? 27  HIS D O   1 
ATOM   972  C  CB  . HIS D 1 27 ? 0.244   -11.030 2.578   1.00 28.58  ? 27  HIS D CB  1 
ATOM   973  C  CG  . HIS D 1 27 ? 0.792   -9.936  1.735   1.00 28.42  ? 27  HIS D CG  1 
ATOM   974  N  ND1 . HIS D 1 27 ? 1.345   -8.791  2.258   1.00 28.18  ? 27  HIS D ND1 1 
ATOM   975  C  CD2 . HIS D 1 27 ? 0.870   -9.820  0.386   1.00 27.64  ? 27  HIS D CD2 1 
ATOM   976  C  CE1 . HIS D 1 27 ? 1.742   -8.011  1.262   1.00 28.24  ? 27  HIS D CE1 1 
ATOM   977  N  NE2 . HIS D 1 27 ? 1.474   -8.620  0.118   1.00 27.50  ? 27  HIS D NE2 1 
ATOM   978  N  N   . ARG D 1 28 ? 1.315   -13.846 3.193   1.00 31.82  ? 28  ARG D N   1 
ATOM   979  C  CA  . ARG D 1 28 ? 1.542   -14.913 4.141   1.00 34.16  ? 28  ARG D CA  1 
ATOM   980  C  C   . ARG D 1 28 ? 1.576   -14.270 5.505   1.00 33.69  ? 28  ARG D C   1 
ATOM   981  O  O   . ARG D 1 28 ? 2.083   -13.137 5.663   1.00 32.90  ? 28  ARG D O   1 
ATOM   982  C  CB  . ARG D 1 28 ? 2.908   -15.579 3.920   1.00 37.74  ? 28  ARG D CB  1 
ATOM   983  C  CG  . ARG D 1 28 ? 3.179   -16.104 2.520   1.00 43.62  ? 28  ARG D CG  1 
ATOM   984  C  CD  . ARG D 1 28 ? 2.221   -17.146 2.071   1.00 48.35  ? 28  ARG D CD  1 
ATOM   985  N  NE  . ARG D 1 28 ? 1.287   -16.617 1.078   1.00 53.34  ? 28  ARG D NE  1 
ATOM   986  C  CZ  . ARG D 1 28 ? 0.002   -17.002 0.969   1.00 55.57  ? 28  ARG D CZ  1 
ATOM   987  N  NH1 . ARG D 1 28 ? -0.502  -17.923 1.810   1.00 55.13  ? 28  ARG D NH1 1 
ATOM   988  N  NH2 . ARG D 1 28 ? -0.771  -16.464 0.014   1.00 55.76  ? 28  ARG D NH2 1 
ATOM   989  N  N   . PHE D 1 29 ? 1.096   -15.006 6.500   1.00 32.21  ? 29  PHE D N   1 
ATOM   990  C  CA  . PHE D 1 29 ? 1.265   -14.592 7.882   1.00 32.40  ? 29  PHE D CA  1 
ATOM   991  C  C   . PHE D 1 29 ? 2.617   -15.148 8.380   1.00 33.22  ? 29  PHE D C   1 
ATOM   992  O  O   . PHE D 1 29 ? 2.712   -16.278 8.895   1.00 33.98  ? 29  PHE D O   1 
ATOM   993  C  CB  . PHE D 1 29 ? 0.075   -15.072 8.713   1.00 30.80  ? 29  PHE D CB  1 
ATOM   994  C  CG  . PHE D 1 29 ? 0.013   -14.471 10.108  1.00 30.50  ? 29  PHE D CG  1 
ATOM   995  C  CD1 . PHE D 1 29 ? -0.559  -13.214 10.319  1.00 28.46  ? 29  PHE D CD1 1 
ATOM   996  C  CD2 . PHE D 1 29 ? 0.514   -15.179 11.204  1.00 29.33  ? 29  PHE D CD2 1 
ATOM   997  C  CE1 . PHE D 1 29 ? -0.643  -12.652 11.609  1.00 29.32  ? 29  PHE D CE1 1 
ATOM   998  C  CE2 . PHE D 1 29 ? 0.431   -14.637 12.521  1.00 29.31  ? 29  PHE D CE2 1 
ATOM   999  C  CZ  . PHE D 1 29 ? -0.146  -13.356 12.715  1.00 30.05  ? 29  PHE D CZ  1 
ATOM   1000 N  N   . CYS D 1 30 ? 3.660   -14.354 8.199   1.00 33.23  ? 30  CYS D N   1 
ATOM   1001 C  CA  . CYS D 1 30 ? 5.025   -14.807 8.454   1.00 34.75  ? 30  CYS D CA  1 
ATOM   1002 C  C   . CYS D 1 30 ? 5.392   -14.568 9.906   1.00 35.44  ? 30  CYS D C   1 
ATOM   1003 O  O   . CYS D 1 30 ? 5.238   -13.452 10.394  1.00 37.00  ? 30  CYS D O   1 
ATOM   1004 C  CB  . CYS D 1 30 ? 6.000   -14.042 7.549   1.00 33.71  ? 30  CYS D CB  1 
ATOM   1005 S  SG  . CYS D 1 30 ? 5.562   -14.229 5.808   1.00 34.38  ? 30  CYS D SG  1 
ATOM   1006 N  N   . CYS D 1 31 ? 5.890   -15.596 10.587  1.00 34.92  ? 31  CYS D N   1 
ATOM   1007 C  CA  . CYS D 1 31 ? 6.282   -15.451 11.986  1.00 35.35  ? 31  CYS D CA  1 
ATOM   1008 C  C   . CYS D 1 31 ? 7.725   -15.880 12.218  1.00 37.05  ? 31  CYS D C   1 
ATOM   1009 O  O   . CYS D 1 31 ? 8.204   -16.837 11.614  1.00 35.23  ? 31  CYS D O   1 
ATOM   1010 C  CB  . CYS D 1 31 ? 5.362   -16.251 12.917  1.00 33.19  ? 31  CYS D CB  1 
ATOM   1011 S  SG  . CYS D 1 31 ? 3.618   -15.750 12.899  1.00 32.63  ? 31  CYS D SG  1 
ATOM   1012 N  N   . LEU D 1 32 ? 8.390   -15.152 13.111  1.00 39.33  ? 32  LEU D N   1 
ATOM   1013 C  CA  . LEU D 1 32 ? 9.740   -15.470 13.580  1.00 42.48  ? 32  LEU D CA  1 
ATOM   1014 C  C   . LEU D 1 32 ? 9.615   -15.710 15.078  1.00 41.60  ? 32  LEU D C   1 
ATOM   1015 O  O   . LEU D 1 32 ? 8.864   -15.038 15.784  1.00 38.89  ? 32  LEU D O   1 
ATOM   1016 C  CB  . LEU D 1 32 ? 10.663  -14.260 13.362  1.00 45.06  ? 32  LEU D CB  1 
ATOM   1017 C  CG  . LEU D 1 32 ? 12.118  -14.574 13.068  1.00 47.87  ? 32  LEU D CG  1 
ATOM   1018 C  CD1 . LEU D 1 32 ? 12.679  -13.590 12.064  1.00 48.60  ? 32  LEU D CD1 1 
ATOM   1019 C  CD2 . LEU D 1 32 ? 12.963  -14.550 14.345  1.00 50.42  ? 32  LEU D CD2 1 
ATOM   1020 O  OXT . LEU D 1 32 ? 10.286  -16.547 15.650  1.00 43.27  ? 32  LEU D OXT 1 
HETATM 1021 CL CL  . CL  E 2 .  ? 4.455   -5.369  8.350   0.80 44.77  ? 501 CL  A CL  1 
HETATM 1022 CL CL  . CL  F 2 .  ? 6.319   -7.013  4.316   0.70 35.13  ? 505 CL  A CL  1 
HETATM 1023 CL CL  . CL  G 2 .  ? 14.058  15.896  3.103   0.70 39.80  ? 506 CL  B CL  1 
HETATM 1024 CL CL  . CL  H 2 .  ? 0.342   -5.871  7.229   0.80 29.29  ? 502 CL  C CL  1 
HETATM 1025 CL CL  . CL  I 2 .  ? -5.426  -8.115  15.871  0.50 33.97  ? 507 CL  C CL  1 
HETATM 1026 CL CL  . CL  J 2 .  ? -9.743  2.902   12.119  0.50 56.37  ? 508 CL  C CL  1 
HETATM 1027 CL CL  . CL  K 2 .  ? 5.521   -16.987 25.028  0.80 50.06  ? 503 CL  D CL  1 
HETATM 1028 CL CL  . CL  L 2 .  ? 4.978   -21.056 23.481  0.80 29.76  ? 504 CL  D CL  1 
HETATM 1029 O  O   . HOH M 3 .  ? -9.162  -0.693  -10.230 1.00 43.36  ? 106 HOH A O   1 
HETATM 1030 O  O   . HOH M 3 .  ? 5.038   -4.055  1.149   1.00 45.62  ? 113 HOH A O   1 
HETATM 1031 O  O   . HOH M 3 .  ? -4.326  14.662  -8.959  1.00 41.43  ? 114 HOH A O   1 
HETATM 1032 O  O   . HOH M 3 .  ? 1.233   -9.842  -3.715  1.00 42.14  ? 116 HOH A O   1 
HETATM 1033 O  O   . HOH M 3 .  ? 4.139   -6.112  -0.503  1.00 38.10  ? 127 HOH A O   1 
HETATM 1034 O  O   . HOH M 3 .  ? 7.823   0.261   -8.419  1.00 52.45  ? 129 HOH A O   1 
HETATM 1035 O  O   . HOH M 3 .  ? -6.702  4.296   -14.837 1.00 47.11  ? 131 HOH A O   1 
HETATM 1036 O  O   . HOH M 3 .  ? 2.208   4.816   -14.978 1.00 39.56  ? 132 HOH A O   1 
HETATM 1037 O  O   . HOH M 3 .  ? -6.984  -2.083  -13.823 1.00 54.04  ? 133 HOH A O   1 
HETATM 1038 O  O   . HOH M 3 .  ? -2.037  5.590   -20.694 1.00 68.64  ? 144 HOH A O   1 
HETATM 1039 O  O   . HOH M 3 .  ? -9.140  -5.141  -10.003 1.00 50.28  ? 150 HOH A O   1 
HETATM 1040 O  O   . HOH M 3 .  ? 6.397   -7.005  -8.964  1.00 58.40  ? 152 HOH A O   1 
HETATM 1041 O  O   . HOH M 3 .  ? -9.112  12.595  -13.280 1.00 48.57  ? 154 HOH A O   1 
HETATM 1042 O  O   . HOH M 3 .  ? 0.689   1.751   -19.424 1.00 72.18  ? 160 HOH A O   1 
HETATM 1043 O  O   . HOH M 3 .  ? -3.095  -10.094 -8.959  1.00 70.46  ? 164 HOH A O   1 
HETATM 1044 O  O   . HOH M 3 .  ? 2.844   -1.842  -6.054  1.00 41.35  ? 167 HOH A O   1 
HETATM 1045 O  O   . HOH M 3 .  ? -7.781  10.817  -16.882 1.00 47.97  ? 171 HOH A O   1 
HETATM 1046 O  O   . HOH M 3 .  ? -9.359  4.948   -4.788  1.00 55.35  ? 172 HOH A O   1 
HETATM 1047 O  O   . HOH M 3 .  ? -9.021  10.268  -12.034 1.00 56.94  ? 180 HOH A O   1 
HETATM 1048 O  O   . HOH M 3 .  ? 4.267   -6.591  -15.466 1.00 55.32  ? 184 HOH A O   1 
HETATM 1049 O  O   . HOH M 3 .  ? -5.655  7.571   -17.923 1.00 64.04  ? 185 HOH A O   1 
HETATM 1050 O  O   . HOH M 3 .  ? -7.876  -0.838  -15.510 1.00 60.51  ? 187 HOH A O   1 
HETATM 1051 O  O   . HOH M 3 .  ? -4.285  -2.300  -14.921 1.00 53.92  ? 188 HOH A O   1 
HETATM 1052 O  O   . HOH M 3 .  ? 4.632   2.097   -13.443 1.00 51.18  ? 189 HOH A O   1 
HETATM 1053 O  O   . HOH M 3 .  ? 7.076   0.783   -13.924 1.00 59.25  ? 190 HOH A O   1 
HETATM 1054 O  O   . HOH M 3 .  ? -0.823  -8.987  -5.947  1.00 44.80  ? 202 HOH A O   1 
HETATM 1055 O  O   . HOH M 3 .  ? 1.891   2.157   -16.317 1.00 57.86  ? 205 HOH A O   1 
HETATM 1056 O  O   . HOH M 3 .  ? -9.271  7.656   -9.787  1.00 53.53  ? 212 HOH A O   1 
HETATM 1057 O  O   . HOH M 3 .  ? 3.332   -6.328  -10.291 1.00 100.03 ? 221 HOH A O   1 
HETATM 1058 O  O   . HOH M 3 .  ? 8.364   1.895   -4.069  1.00 46.24  ? 222 HOH A O   1 
HETATM 1059 O  O   . HOH M 3 .  ? -3.731  7.130   -19.277 1.00 74.63  ? 224 HOH A O   1 
HETATM 1060 O  O   . HOH M 3 .  ? 3.521   0.851   -15.486 1.00 60.26  ? 225 HOH A O   1 
HETATM 1061 O  O   . HOH M 3 .  ? -8.852  10.285  -6.559  1.00 61.55  ? 227 HOH A O   1 
HETATM 1062 O  O   . HOH M 3 .  ? 3.870   4.597   -12.384 1.00 70.71  ? 231 HOH A O   1 
HETATM 1063 O  O   . HOH M 3 .  ? -6.474  -6.458  -10.789 1.00 52.52  ? 232 HOH A O   1 
HETATM 1064 O  O   . HOH M 3 .  ? 5.582   -3.161  -7.393  1.00 58.60  ? 239 HOH A O   1 
HETATM 1065 O  O   . HOH M 3 .  ? 5.893   4.231   -14.039 1.00 63.21  ? 240 HOH A O   1 
HETATM 1066 O  O   . HOH M 3 .  ? 8.569   4.434   -5.167  1.00 79.27  ? 242 HOH A O   1 
HETATM 1067 O  O   . HOH M 3 .  ? 2.600   -8.939  -6.344  1.00 100.03 ? 243 HOH A O   1 
HETATM 1068 O  O   . HOH M 3 .  ? -2.651  -6.736  -12.964 1.00 61.29  ? 254 HOH A O   1 
HETATM 1069 O  O   . HOH M 3 .  ? 7.053   -4.501  2.728   1.00 61.03  ? 256 HOH A O   1 
HETATM 1070 O  O   . HOH M 3 .  ? -12.311 5.431   -12.877 1.00 66.67  ? 262 HOH A O   1 
HETATM 1071 O  O   . HOH M 3 .  ? -2.301  -4.849  -15.276 1.00 75.79  ? 270 HOH A O   1 
HETATM 1072 O  O   . HOH M 3 .  ? 6.378   -6.179  -1.961  1.00 58.55  ? 273 HOH A O   1 
HETATM 1073 O  O   . HOH M 3 .  ? -3.637  6.343   -17.373 1.00 100.03 ? 275 HOH A O   1 
HETATM 1074 O  O   . HOH M 3 .  ? -5.022  0.105   -17.119 1.00 65.05  ? 278 HOH A O   1 
HETATM 1075 O  O   . HOH M 3 .  ? -10.803 11.894  -15.904 1.00 71.37  ? 283 HOH A O   1 
HETATM 1076 O  O   . HOH M 3 .  ? -4.623  -4.857  -12.568 1.00 25.00  ? 288 HOH A O   1 
HETATM 1077 O  O   . HOH M 3 .  ? -11.849 3.955   -6.584  1.00 25.00  ? 289 HOH A O   1 
HETATM 1078 O  O   . HOH N 3 .  ? 11.891  18.761  -10.546 1.00 33.65  ? 103 HOH B O   1 
HETATM 1079 O  O   . HOH N 3 .  ? 11.194  12.125  -6.811  1.00 34.24  ? 104 HOH B O   1 
HETATM 1080 O  O   . HOH N 3 .  ? 5.659   6.951   -6.942  1.00 34.31  ? 110 HOH B O   1 
HETATM 1081 O  O   . HOH N 3 .  ? 5.084   8.216   0.832   1.00 37.45  ? 111 HOH B O   1 
HETATM 1082 O  O   . HOH N 3 .  ? 16.756  15.288  -12.903 1.00 43.01  ? 121 HOH B O   1 
HETATM 1083 O  O   . HOH N 3 .  ? 2.546   15.335  4.426   1.00 43.97  ? 122 HOH B O   1 
HETATM 1084 O  O   . HOH N 3 .  ? -2.588  17.533  -9.074  1.00 37.84  ? 124 HOH B O   1 
HETATM 1085 O  O   . HOH N 3 .  ? 17.599  13.557  -20.172 1.00 41.56  ? 128 HOH B O   1 
HETATM 1086 O  O   . HOH N 3 .  ? 18.613  14.405  -16.092 1.00 45.27  ? 134 HOH B O   1 
HETATM 1087 O  O   . HOH N 3 .  ? 13.279  7.622   -4.046  1.00 57.62  ? 137 HOH B O   1 
HETATM 1088 O  O   . HOH N 3 .  ? -5.346  10.978  4.873   1.00 55.57  ? 147 HOH B O   1 
HETATM 1089 O  O   . HOH N 3 .  ? -3.114  11.987  3.308   1.00 56.86  ? 162 HOH B O   1 
HETATM 1090 O  O   . HOH N 3 .  ? 7.186   7.646   -0.928  1.00 35.47  ? 166 HOH B O   1 
HETATM 1091 O  O   . HOH N 3 .  ? 13.752  10.866  -7.522  1.00 61.23  ? 168 HOH B O   1 
HETATM 1092 O  O   . HOH N 3 .  ? 16.956  13.440  -2.599  1.00 50.64  ? 169 HOH B O   1 
HETATM 1093 O  O   . HOH N 3 .  ? 8.743   11.516  2.142   1.00 49.25  ? 174 HOH B O   1 
HETATM 1094 O  O   . HOH N 3 .  ? 0.770   14.791  1.191   1.00 51.20  ? 179 HOH B O   1 
HETATM 1095 O  O   . HOH N 3 .  ? 12.101  4.859   -7.342  1.00 62.11  ? 186 HOH B O   1 
HETATM 1096 O  O   . HOH N 3 .  ? 17.979  18.692  -5.747  1.00 69.27  ? 191 HOH B O   1 
HETATM 1097 O  O   . HOH N 3 .  ? -1.040  9.950   3.706   1.00 61.34  ? 196 HOH B O   1 
HETATM 1098 O  O   . HOH N 3 .  ? -8.230  13.035  -0.862  1.00 59.09  ? 199 HOH B O   1 
HETATM 1099 O  O   . HOH N 3 .  ? 13.872  11.660  -4.881  1.00 60.20  ? 207 HOH B O   1 
HETATM 1100 O  O   . HOH N 3 .  ? 11.111  7.939   1.471   1.00 58.02  ? 210 HOH B O   1 
HETATM 1101 O  O   . HOH N 3 .  ? 8.188   8.974   0.785   1.00 50.25  ? 215 HOH B O   1 
HETATM 1102 O  O   . HOH N 3 .  ? -0.179  17.523  0.983   1.00 61.85  ? 217 HOH B O   1 
HETATM 1103 O  O   . HOH N 3 .  ? 16.085  11.337  -3.566  1.00 59.36  ? 220 HOH B O   1 
HETATM 1104 O  O   . HOH N 3 .  ? -9.546  8.062   -5.586  1.00 62.48  ? 230 HOH B O   1 
HETATM 1105 O  O   . HOH N 3 .  ? 1.087   16.907  5.434   1.00 67.85  ? 234 HOH B O   1 
HETATM 1106 O  O   . HOH N 3 .  ? 11.466  6.301   -3.159  1.00 55.53  ? 235 HOH B O   1 
HETATM 1107 O  O   . HOH N 3 .  ? 16.244  12.288  -12.124 1.00 55.34  ? 238 HOH B O   1 
HETATM 1108 O  O   . HOH N 3 .  ? 6.825   10.779  2.562   1.00 61.76  ? 241 HOH B O   1 
HETATM 1109 O  O   . HOH N 3 .  ? -8.410  7.205   0.328   1.00 70.55  ? 244 HOH B O   1 
HETATM 1110 O  O   . HOH N 3 .  ? -4.543  14.973  -2.397  1.00 86.04  ? 246 HOH B O   1 
HETATM 1111 O  O   . HOH N 3 .  ? -0.646  18.898  4.086   1.00 71.81  ? 249 HOH B O   1 
HETATM 1112 O  O   . HOH N 3 .  ? -0.799  20.818  -10.439 1.00 52.59  ? 250 HOH B O   1 
HETATM 1113 O  O   . HOH N 3 .  ? 17.471  10.880  -10.235 1.00 56.66  ? 253 HOH B O   1 
HETATM 1114 O  O   . HOH N 3 .  ? -4.708  6.970   -1.518  1.00 86.81  ? 257 HOH B O   1 
HETATM 1115 O  O   . HOH N 3 .  ? 16.105  9.868   -8.556  1.00 51.22  ? 260 HOH B O   1 
HETATM 1116 O  O   . HOH N 3 .  ? 17.077  13.252  0.496   1.00 74.99  ? 263 HOH B O   1 
HETATM 1117 O  O   . HOH N 3 .  ? 11.357  20.514  0.563   1.00 100.03 ? 265 HOH B O   1 
HETATM 1118 O  O   . HOH N 3 .  ? 19.021  16.154  -5.675  1.00 76.39  ? 266 HOH B O   1 
HETATM 1119 O  O   . HOH N 3 .  ? 16.859  11.266  -14.368 1.00 72.20  ? 274 HOH B O   1 
HETATM 1120 O  O   . HOH N 3 .  ? -5.881  10.724  7.166   1.00 71.81  ? 280 HOH B O   1 
HETATM 1121 O  O   . HOH N 3 .  ? 17.645  20.092  0.788   1.00 57.55  ? 282 HOH B O   1 
HETATM 1122 O  O   . HOH N 3 .  ? 9.177   19.634  -2.148  1.00 25.00  ? 290 HOH B O   1 
HETATM 1123 O  O   . HOH N 3 .  ? -0.706  21.793  -7.862  1.00 25.00  ? 291 HOH B O   1 
HETATM 1124 O  O   . HOH N 3 .  ? 7.303   22.556  -5.175  0.5  25.00  ? 292 HOH B O   1 
HETATM 1125 O  O   . HOH O 3 .  ? -10.106 -6.664  13.928  1.00 27.46  ? 101 HOH C O   1 
HETATM 1126 O  O   . HOH O 3 .  ? 3.349   -0.983  11.459  1.00 40.53  ? 102 HOH C O   1 
HETATM 1127 O  O   . HOH O 3 .  ? 0.056   -4.919  10.466  1.00 35.74  ? 107 HOH C O   1 
HETATM 1128 O  O   . HOH O 3 .  ? -1.735  -5.159  13.237  1.00 40.34  ? 109 HOH C O   1 
HETATM 1129 O  O   . HOH O 3 .  ? -0.840  -2.519  13.848  1.00 38.93  ? 112 HOH C O   1 
HETATM 1130 O  O   . HOH O 3 .  ? -7.519  -14.428 5.921   1.00 41.21  ? 115 HOH C O   1 
HETATM 1131 O  O   . HOH O 3 .  ? 6.053   0.385   1.380   1.00 41.50  ? 117 HOH C O   1 
HETATM 1132 O  O   . HOH O 3 .  ? 3.266   6.468   2.388   1.00 37.45  ? 118 HOH C O   1 
HETATM 1133 O  O   . HOH O 3 .  ? -12.432 0.251   5.558   1.00 49.46  ? 120 HOH C O   1 
HETATM 1134 O  O   . HOH O 3 .  ? -10.334 6.143   7.708   1.00 45.50  ? 123 HOH C O   1 
HETATM 1135 O  O   . HOH O 3 .  ? -12.662 1.371   9.498   1.00 57.80  ? 125 HOH C O   1 
HETATM 1136 O  O   . HOH O 3 .  ? -10.271 -8.964  20.962  1.00 49.29  ? 130 HOH C O   1 
HETATM 1137 O  O   . HOH O 3 .  ? -10.877 -4.279  13.216  1.00 42.68  ? 135 HOH C O   1 
HETATM 1138 O  O   . HOH O 3 .  ? -3.615  0.605   15.615  1.00 64.91  ? 139 HOH C O   1 
HETATM 1139 O  O   . HOH O 3 .  ? -2.528  6.761   16.015  1.00 60.59  ? 141 HOH C O   1 
HETATM 1140 O  O   . HOH O 3 .  ? -7.487  7.011   10.816  1.00 53.79  ? 145 HOH C O   1 
HETATM 1141 O  O   . HOH O 3 .  ? -14.513 -10.239 5.358   1.00 50.58  ? 148 HOH C O   1 
HETATM 1142 O  O   . HOH O 3 .  ? -12.842 4.669   5.529   1.00 61.73  ? 151 HOH C O   1 
HETATM 1143 O  O   . HOH O 3 .  ? -3.346  -5.622  15.157  1.00 54.88  ? 153 HOH C O   1 
HETATM 1144 O  O   . HOH O 3 .  ? -11.793 -0.569  14.482  1.00 70.72  ? 156 HOH C O   1 
HETATM 1145 O  O   . HOH O 3 .  ? 0.420   1.768   6.723   1.00 40.24  ? 159 HOH C O   1 
HETATM 1146 O  O   . HOH O 3 .  ? 4.860   4.593   1.271   1.00 46.27  ? 173 HOH C O   1 
HETATM 1147 O  O   . HOH O 3 .  ? -17.304 -10.001 6.742   1.00 52.02  ? 175 HOH C O   1 
HETATM 1148 O  O   . HOH O 3 .  ? -4.244  -3.721  15.198  1.00 54.96  ? 176 HOH C O   1 
HETATM 1149 O  O   . HOH O 3 .  ? -15.304 -12.788 4.227   1.00 49.95  ? 178 HOH C O   1 
HETATM 1150 O  O   . HOH O 3 .  ? -3.997  9.252   5.336   1.00 57.74  ? 200 HOH C O   1 
HETATM 1151 O  O   . HOH O 3 .  ? 4.616   7.368   4.445   1.00 57.68  ? 203 HOH C O   1 
HETATM 1152 O  O   . HOH O 3 .  ? -2.143  -1.553  15.818  1.00 63.12  ? 206 HOH C O   1 
HETATM 1153 O  O   . HOH O 3 .  ? -7.811  5.897   13.665  1.00 74.46  ? 208 HOH C O   1 
HETATM 1154 O  O   . HOH O 3 .  ? -12.842 -4.625  10.524  1.00 59.47  ? 211 HOH C O   1 
HETATM 1155 O  O   . HOH O 3 .  ? 6.163   -2.020  7.995   1.00 46.92  ? 216 HOH C O   1 
HETATM 1156 O  O   . HOH O 3 .  ? -4.190  -8.566  17.696  1.00 79.78  ? 218 HOH C O   1 
HETATM 1157 O  O   . HOH O 3 .  ? -9.657  5.184   9.948   1.00 65.81  ? 226 HOH C O   1 
HETATM 1158 O  O   . HOH O 3 .  ? -5.123  -1.411  16.266  1.00 77.91  ? 228 HOH C O   1 
HETATM 1159 O  O   . HOH O 3 .  ? -10.475 -7.903  1.723   1.00 61.52  ? 229 HOH C O   1 
HETATM 1160 O  O   . HOH O 3 .  ? 3.865   1.173   10.356  1.00 66.47  ? 233 HOH C O   1 
HETATM 1161 O  O   . HOH O 3 .  ? -7.193  10.287  14.305  1.00 89.56  ? 236 HOH C O   1 
HETATM 1162 O  O   . HOH O 3 .  ? -0.209  0.045   16.125  1.00 92.39  ? 245 HOH C O   1 
HETATM 1163 O  O   . HOH O 3 .  ? 7.135   4.966   0.320   1.00 54.68  ? 251 HOH C O   1 
HETATM 1164 O  O   . HOH O 3 .  ? -13.601 -2.060  6.647   1.00 66.71  ? 252 HOH C O   1 
HETATM 1165 O  O   . HOH O 3 .  ? -14.133 -2.760  11.252  1.00 73.01  ? 258 HOH C O   1 
HETATM 1166 O  O   . HOH O 3 .  ? 7.498   6.561   -3.342  1.00 78.69  ? 259 HOH C O   1 
HETATM 1167 O  O   . HOH O 3 .  ? -10.494 -10.676 2.405   1.00 76.09  ? 268 HOH C O   1 
HETATM 1168 O  O   . HOH O 3 .  ? -14.566 3.813   12.344  1.00 74.06  ? 276 HOH C O   1 
HETATM 1169 O  O   . HOH O 3 .  ? 5.023   -4.479  9.057   1.00 78.85  ? 281 HOH C O   1 
HETATM 1170 O  O   . HOH O 3 .  ? -15.745 -6.042  5.575   1.00 72.87  ? 284 HOH C O   1 
HETATM 1171 O  O   . HOH O 3 .  ? 1.971   3.770   9.280   1.00 59.60  ? 286 HOH C O   1 
HETATM 1172 O  O   . HOH O 3 .  ? -13.528 -9.807  3.017   1.00 76.52  ? 287 HOH C O   1 
HETATM 1173 O  O   . HOH P 3 .  ? 7.119   -19.455 21.745  1.00 37.35  ? 105 HOH D O   1 
HETATM 1174 O  O   . HOH P 3 .  ? -4.972  -18.551 7.146   1.00 31.02  ? 108 HOH D O   1 
HETATM 1175 O  O   . HOH P 3 .  ? 5.376   -7.682  1.483   1.00 36.79  ? 119 HOH D O   1 
HETATM 1176 O  O   . HOH P 3 .  ? 8.433   -19.250 13.976  1.00 48.94  ? 126 HOH D O   1 
HETATM 1177 O  O   . HOH P 3 .  ? 13.870  -19.898 4.721   1.00 83.39  ? 136 HOH D O   1 
HETATM 1178 O  O   . HOH P 3 .  ? 1.028   -19.858 3.993   1.00 51.47  ? 138 HOH D O   1 
HETATM 1179 O  O   . HOH P 3 .  ? 2.121   -14.150 -0.883  1.00 46.23  ? 140 HOH D O   1 
HETATM 1180 O  O   . HOH P 3 .  ? 12.891  -20.057 8.902   1.00 64.57  ? 142 HOH D O   1 
HETATM 1181 O  O   . HOH P 3 .  ? -7.752  -16.080 2.693   1.00 62.01  ? 143 HOH D O   1 
HETATM 1182 O  O   . HOH P 3 .  ? 7.825   -11.692 11.227  1.00 48.26  ? 146 HOH D O   1 
HETATM 1183 O  O   . HOH P 3 .  ? 14.406  -11.588 10.737  1.00 75.27  ? 149 HOH D O   1 
HETATM 1184 O  O   . HOH P 3 .  ? 15.121  -13.787 3.703   1.00 54.70  ? 155 HOH D O   1 
HETATM 1185 O  O   . HOH P 3 .  ? 9.928   -16.080 22.449  1.00 44.69  ? 157 HOH D O   1 
HETATM 1186 O  O   . HOH P 3 .  ? -3.428  -21.129 8.916   1.00 59.10  ? 158 HOH D O   1 
HETATM 1187 O  O   . HOH P 3 .  ? 6.931   -8.651  18.845  1.00 63.30  ? 161 HOH D O   1 
HETATM 1188 O  O   . HOH P 3 .  ? -1.747  -12.614 -3.987  1.00 52.91  ? 163 HOH D O   1 
HETATM 1189 O  O   . HOH P 3 .  ? 6.054   -19.291 2.889   1.00 48.35  ? 165 HOH D O   1 
HETATM 1190 O  O   . HOH P 3 .  ? -2.423  -10.894 -6.337  1.00 52.40  ? 170 HOH D O   1 
HETATM 1191 O  O   . HOH P 3 .  ? 7.516   -9.619  0.855   1.00 47.53  ? 177 HOH D O   1 
HETATM 1192 O  O   . HOH P 3 .  ? 9.881   -6.766  9.758   1.00 53.77  ? 181 HOH D O   1 
HETATM 1193 O  O   . HOH P 3 .  ? 5.363   -16.350 -0.520  1.00 66.30  ? 182 HOH D O   1 
HETATM 1194 O  O   . HOH P 3 .  ? 6.586   -20.987 5.052   1.00 50.71  ? 183 HOH D O   1 
HETATM 1195 O  O   . HOH P 3 .  ? 14.019  -17.678 12.846  1.00 51.93  ? 192 HOH D O   1 
HETATM 1196 O  O   . HOH P 3 .  ? 4.357   -14.855 -4.595  1.00 61.05  ? 193 HOH D O   1 
HETATM 1197 O  O   . HOH P 3 .  ? 3.249   -23.040 5.700   1.00 63.30  ? 194 HOH D O   1 
HETATM 1198 O  O   . HOH P 3 .  ? -0.588  -21.611 4.868   1.00 55.59  ? 195 HOH D O   1 
HETATM 1199 O  O   . HOH P 3 .  ? 12.453  -6.927  8.681   1.00 81.51  ? 197 HOH D O   1 
HETATM 1200 O  O   . HOH P 3 .  ? 0.800   -12.199 -2.459  1.00 59.88  ? 198 HOH D O   1 
HETATM 1201 O  O   . HOH P 3 .  ? 7.177   -4.285  12.738  1.00 66.94  ? 201 HOH D O   1 
HETATM 1202 O  O   . HOH P 3 .  ? 10.481  -19.087 4.843   1.00 57.62  ? 204 HOH D O   1 
HETATM 1203 O  O   . HOH P 3 .  ? 10.622  -17.591 2.242   1.00 71.65  ? 209 HOH D O   1 
HETATM 1204 O  O   . HOH P 3 .  ? 2.045   -7.030  9.023   1.00 40.35  ? 213 HOH D O   1 
HETATM 1205 O  O   . HOH P 3 .  ? 7.018   -16.963 1.683   1.00 48.04  ? 214 HOH D O   1 
HETATM 1206 O  O   . HOH P 3 .  ? 8.294   -5.239  8.601   1.00 61.88  ? 219 HOH D O   1 
HETATM 1207 O  O   . HOH P 3 .  ? 9.598   -10.415 2.302   1.00 57.41  ? 223 HOH D O   1 
HETATM 1208 O  O   . HOH P 3 .  ? 3.638   -17.900 -0.605  1.00 75.33  ? 237 HOH D O   1 
HETATM 1209 O  O   . HOH P 3 .  ? 13.075  -17.873 1.907   1.00 88.48  ? 247 HOH D O   1 
HETATM 1210 O  O   . HOH P 3 .  ? 3.416   -26.568 6.874   1.00 68.95  ? 248 HOH D O   1 
HETATM 1211 O  O   . HOH P 3 .  ? -6.990  -18.108 3.224   1.00 97.77  ? 255 HOH D O   1 
HETATM 1212 O  O   . HOH P 3 .  ? 0.786   -23.028 7.129   1.00 54.21  ? 261 HOH D O   1 
HETATM 1213 O  O   . HOH P 3 .  ? 5.009   -22.809 4.498   1.00 64.90  ? 264 HOH D O   1 
HETATM 1214 O  O   . HOH P 3 .  ? 3.652   -20.182 2.134   1.00 66.20  ? 267 HOH D O   1 
HETATM 1215 O  O   . HOH P 3 .  ? -10.918 -11.015 -0.731  1.00 63.62  ? 269 HOH D O   1 
HETATM 1216 O  O   . HOH P 3 .  ? 7.769   -11.333 -3.262  1.00 67.90  ? 271 HOH D O   1 
HETATM 1217 O  O   . HOH P 3 .  ? 8.058   -5.833  14.344  1.00 67.31  ? 272 HOH D O   1 
HETATM 1218 O  O   . HOH P 3 .  ? -2.623  -22.147 6.303   1.00 67.59  ? 277 HOH D O   1 
HETATM 1219 O  O   . HOH P 3 .  ? 9.676   -13.380 18.120  1.00 61.21  ? 279 HOH D O   1 
HETATM 1220 O  O   . HOH P 3 .  ? 17.874  -20.140 4.022   1.00 66.90  ? 285 HOH D O   1 
# 
